data_7EPA
#
_entry.id   7EPA
#
_cell.length_a   1.00
_cell.length_b   1.00
_cell.length_c   1.00
_cell.angle_alpha   90.00
_cell.angle_beta   90.00
_cell.angle_gamma   90.00
#
_symmetry.space_group_name_H-M   'P 1'
#
_entity_poly.entity_id   1
_entity_poly.type   'polypeptide(L)'
_entity_poly.pdbx_seq_one_letter_code
;DYKDDDDEGPAKKVLTLEGDLVLGGLFPVHQKGGPAEDCGPVNEHRGIQRLEAMLFALDRINRDPHLLPGVRLGAHILDS
CSKDTHALEQALDFVRASLSRGADGSRHICPDGSYATHGDAPTAITGVIGGSYSDVSIQVANLLRLFQIPQISYASTSAK
LSDKSRYDYFARTVPPDFFQAKAMAEILRFFNWTYVSTVASEGDYGETGIEAFELEARARNICVATSEKVGRAMSRAAFE
GVVRALLQKPSARVAVLFTRSEDARELLAASQRLNASFTWVASDGWGALESVVAGSEGAAEGAITIELASYPISDFASYF
QSLDPWNNSRNPWFREFWEQRFRCSFRQRDCAAHSLRAVPFEQESKIMFVVNAVYAMAHALHNMHRALCPNTTRLCDAMR
PVNGRRLYKDFVLNVKFDAPFRPADTHNEVRFDRFGDGIGRYNIFTYLRAGSGRYRYQKVGYWAEGLTLDTSLIPWASPS
AGPLPASRCSEPCLQNEVKSVQPGEVCCWLCIPCQPYEYRLDEFTCADCGLGYWPNASLTGCFELPQEYIRWGDAWAVGP
VTIACLGALATLFVLGVFVRHNATPVVKASGRELCYILLGGVFLCYCMTFIFIAKPSTAVCTLRRLGLGTAFSVCYSALL
TKTYRIARIFGGAREGAQRPRFISPASQVAICLALISGQLLIVVAWLVVEAPGTGKETAPERREVVTLRCNHRDASMLGS
LAYNVLLIALCTLYAFKTRKCPENFNEAKFIGFTMYTTCIIWLAFLPIFYVTSSDYRVQTTTMCVSVSLSGSVVLGCLFA
PKLYIILFQPQKNVEFLEVLFQ
;
_entity_poly.pdbx_strand_id   A,B
#
# COMPACT_ATOMS: atom_id res chain seq x y z
N LYS A 13 -23.49 -50.48 -25.14
CA LYS A 13 -22.90 -51.79 -24.85
C LYS A 13 -22.08 -51.76 -23.57
N VAL A 14 -21.90 -52.92 -22.95
CA VAL A 14 -21.15 -53.05 -21.71
C VAL A 14 -20.14 -54.18 -21.89
N LEU A 15 -18.88 -53.90 -21.56
CA LEU A 15 -17.80 -54.88 -21.61
C LEU A 15 -17.58 -55.39 -20.19
N THR A 16 -17.96 -56.65 -19.93
CA THR A 16 -17.93 -57.23 -18.61
C THR A 16 -17.01 -58.44 -18.60
N LEU A 17 -16.04 -58.43 -17.69
CA LEU A 17 -15.15 -59.56 -17.44
C LEU A 17 -15.22 -59.90 -15.96
N GLU A 18 -15.52 -61.17 -15.67
CA GLU A 18 -15.77 -61.59 -14.30
C GLU A 18 -14.55 -61.39 -13.41
N GLY A 19 -14.81 -61.21 -12.12
CA GLY A 19 -13.76 -61.00 -11.15
C GLY A 19 -14.31 -60.49 -9.82
N ASP A 20 -13.66 -60.85 -8.72
CA ASP A 20 -14.12 -60.40 -7.41
C ASP A 20 -13.96 -58.90 -7.26
N LEU A 21 -12.84 -58.35 -7.71
CA LEU A 21 -12.57 -56.92 -7.68
C LEU A 21 -12.71 -56.37 -9.09
N VAL A 22 -13.80 -55.67 -9.36
CA VAL A 22 -14.10 -55.11 -10.67
C VAL A 22 -13.78 -53.62 -10.64
N LEU A 23 -13.26 -53.11 -11.76
CA LEU A 23 -12.93 -51.70 -11.91
C LEU A 23 -13.70 -51.10 -13.08
N GLY A 24 -14.11 -49.84 -12.92
CA GLY A 24 -14.84 -49.18 -13.99
C GLY A 24 -13.94 -48.80 -15.15
N GLY A 25 -14.57 -48.54 -16.29
CA GLY A 25 -13.85 -48.15 -17.49
C GLY A 25 -14.66 -47.26 -18.41
N LEU A 26 -14.05 -46.20 -18.91
CA LEU A 26 -14.71 -45.24 -19.78
C LEU A 26 -13.77 -44.87 -20.92
N PHE A 27 -14.24 -45.01 -22.15
CA PHE A 27 -13.45 -44.69 -23.33
C PHE A 27 -14.35 -44.18 -24.44
N PRO A 28 -13.99 -43.08 -25.10
CA PRO A 28 -14.77 -42.58 -26.25
C PRO A 28 -14.54 -43.41 -27.51
N VAL A 29 -15.28 -44.51 -27.61
CA VAL A 29 -15.13 -45.39 -28.75
C VAL A 29 -15.58 -44.70 -30.03
N HIS A 30 -16.65 -43.91 -29.95
CA HIS A 30 -17.14 -43.15 -31.09
C HIS A 30 -16.70 -41.69 -30.97
N GLN A 31 -17.17 -40.86 -31.90
CA GLN A 31 -16.80 -39.45 -31.93
C GLN A 31 -18.03 -38.56 -32.07
N LYS A 32 -17.81 -37.27 -32.30
CA LYS A 32 -18.92 -36.35 -32.52
C LYS A 32 -19.59 -36.62 -33.87
N GLY A 33 -20.91 -36.67 -33.85
CA GLY A 33 -21.67 -36.91 -35.08
C GLY A 33 -22.96 -36.13 -35.16
N GLY A 34 -23.17 -35.22 -34.22
CA GLY A 34 -24.36 -34.40 -34.21
C GLY A 34 -25.56 -35.13 -33.63
N PRO A 35 -26.68 -34.42 -33.50
CA PRO A 35 -27.89 -35.04 -32.92
C PRO A 35 -28.61 -35.97 -33.88
N ALA A 36 -28.11 -36.17 -35.10
CA ALA A 36 -28.78 -37.06 -36.04
C ALA A 36 -28.72 -38.51 -35.56
N GLU A 37 -27.53 -39.01 -35.28
CA GLU A 37 -27.36 -40.36 -34.77
C GLU A 37 -27.46 -40.32 -33.24
N ASP A 38 -27.10 -41.42 -32.59
CA ASP A 38 -27.10 -41.47 -31.13
C ASP A 38 -26.12 -40.46 -30.56
N CYS A 39 -24.83 -40.66 -30.81
CA CYS A 39 -23.83 -39.66 -30.47
C CYS A 39 -22.75 -39.47 -31.52
N GLY A 40 -22.62 -40.35 -32.51
CA GLY A 40 -21.65 -40.17 -33.57
C GLY A 40 -21.06 -41.47 -34.08
N PRO A 41 -20.30 -41.38 -35.18
CA PRO A 41 -19.70 -42.59 -35.75
C PRO A 41 -18.52 -43.08 -34.91
N VAL A 42 -18.21 -44.36 -35.07
CA VAL A 42 -17.17 -44.99 -34.26
C VAL A 42 -15.80 -44.45 -34.65
N ASN A 43 -14.97 -44.19 -33.65
CA ASN A 43 -13.60 -43.74 -33.87
C ASN A 43 -12.64 -44.91 -33.83
N GLU A 44 -11.45 -44.70 -34.39
CA GLU A 44 -10.45 -45.75 -34.46
C GLU A 44 -9.05 -45.28 -34.08
N HIS A 45 -8.91 -44.08 -33.52
CA HIS A 45 -7.60 -43.54 -33.16
C HIS A 45 -7.41 -43.37 -31.66
N ARG A 46 -8.47 -43.17 -30.89
CA ARG A 46 -8.36 -42.91 -29.45
C ARG A 46 -9.05 -43.98 -28.62
N GLY A 47 -10.30 -44.32 -28.92
CA GLY A 47 -11.06 -45.16 -28.01
C GLY A 47 -10.62 -46.61 -28.02
N ILE A 48 -10.58 -47.22 -29.20
CA ILE A 48 -10.36 -48.67 -29.28
C ILE A 48 -8.94 -49.02 -28.84
N GLN A 49 -7.96 -48.19 -29.18
CA GLN A 49 -6.58 -48.48 -28.78
C GLN A 49 -6.42 -48.45 -27.27
N ARG A 50 -6.98 -47.42 -26.61
CA ARG A 50 -6.87 -47.33 -25.16
C ARG A 50 -7.69 -48.43 -24.49
N LEU A 51 -8.83 -48.80 -25.09
CA LEU A 51 -9.62 -49.90 -24.54
C LEU A 51 -8.84 -51.21 -24.58
N GLU A 52 -8.22 -51.52 -25.72
CA GLU A 52 -7.41 -52.73 -25.82
C GLU A 52 -6.20 -52.65 -24.90
N ALA A 53 -5.66 -51.44 -24.70
CA ALA A 53 -4.54 -51.27 -23.77
C ALA A 53 -4.96 -51.60 -22.34
N MET A 54 -6.14 -51.12 -21.94
CA MET A 54 -6.63 -51.45 -20.60
C MET A 54 -6.90 -52.93 -20.45
N LEU A 55 -7.46 -53.56 -21.49
CA LEU A 55 -7.68 -55.01 -21.43
C LEU A 55 -6.36 -55.76 -21.31
N PHE A 56 -5.33 -55.35 -22.05
CA PHE A 56 -4.02 -55.98 -21.94
C PHE A 56 -3.42 -55.76 -20.56
N ALA A 57 -3.61 -54.57 -19.98
CA ALA A 57 -3.09 -54.29 -18.65
C ALA A 57 -3.75 -55.18 -17.60
N LEU A 58 -5.08 -55.30 -17.66
CA LEU A 58 -5.77 -56.19 -16.73
C LEU A 58 -5.39 -57.65 -16.94
N ASP A 59 -5.16 -58.06 -18.20
CA ASP A 59 -4.71 -59.43 -18.46
C ASP A 59 -3.34 -59.67 -17.81
N ARG A 60 -2.41 -58.72 -17.96
CA ARG A 60 -1.10 -58.85 -17.35
C ARG A 60 -1.19 -58.85 -15.83
N ILE A 61 -2.11 -58.06 -15.29
CA ILE A 61 -2.30 -58.03 -13.83
C ILE A 61 -2.82 -59.38 -13.34
N ASN A 62 -3.78 -59.96 -14.07
CA ASN A 62 -4.29 -61.27 -13.69
C ASN A 62 -3.21 -62.34 -13.79
N ARG A 63 -2.34 -62.23 -14.79
CA ARG A 63 -1.23 -63.16 -14.97
C ARG A 63 0.01 -62.78 -14.17
N ASP A 64 -0.04 -61.70 -13.39
CA ASP A 64 1.11 -61.26 -12.62
C ASP A 64 1.20 -62.08 -11.33
N PRO A 65 2.29 -62.83 -11.11
CA PRO A 65 2.40 -63.60 -9.87
C PRO A 65 2.76 -62.71 -8.68
N HIS A 66 3.54 -61.65 -8.93
CA HIS A 66 3.98 -60.79 -7.85
C HIS A 66 2.89 -59.84 -7.38
N LEU A 67 2.00 -59.43 -8.29
CA LEU A 67 0.94 -58.48 -7.97
C LEU A 67 -0.40 -59.20 -8.02
N LEU A 68 -1.14 -59.14 -6.90
CA LEU A 68 -2.43 -59.79 -6.73
C LEU A 68 -2.35 -61.27 -7.09
N PRO A 69 -1.67 -62.08 -6.28
CA PRO A 69 -1.52 -63.50 -6.63
C PRO A 69 -2.74 -64.33 -6.30
N GLY A 70 -3.50 -63.92 -5.29
CA GLY A 70 -4.61 -64.71 -4.81
C GLY A 70 -5.92 -64.44 -5.53
N VAL A 71 -6.35 -63.18 -5.56
CA VAL A 71 -7.64 -62.80 -6.14
C VAL A 71 -7.41 -62.23 -7.53
N ARG A 72 -8.40 -62.43 -8.40
CA ARG A 72 -8.34 -61.92 -9.76
C ARG A 72 -8.83 -60.47 -9.80
N LEU A 73 -8.98 -59.95 -11.02
CA LEU A 73 -9.43 -58.58 -11.24
C LEU A 73 -10.52 -58.57 -12.30
N GLY A 74 -11.66 -57.97 -11.96
CA GLY A 74 -12.77 -57.86 -12.90
C GLY A 74 -12.65 -56.63 -13.78
N ALA A 75 -13.60 -56.50 -14.70
CA ALA A 75 -13.58 -55.41 -15.66
C ALA A 75 -15.00 -55.01 -16.02
N HIS A 76 -15.29 -53.71 -15.97
CA HIS A 76 -16.60 -53.17 -16.34
C HIS A 76 -16.35 -51.89 -17.12
N ILE A 77 -16.49 -51.96 -18.44
CA ILE A 77 -16.17 -50.87 -19.34
C ILE A 77 -17.44 -50.42 -20.05
N LEU A 78 -17.65 -49.11 -20.12
CA LEU A 78 -18.80 -48.52 -20.79
C LEU A 78 -18.34 -47.48 -21.80
N ASP A 79 -19.14 -47.31 -22.85
CA ASP A 79 -18.82 -46.36 -23.90
C ASP A 79 -19.08 -44.93 -23.44
N SER A 80 -18.33 -43.99 -23.99
CA SER A 80 -18.51 -42.57 -23.72
C SER A 80 -18.72 -41.77 -24.99
N CYS A 81 -18.06 -42.15 -26.09
CA CYS A 81 -18.21 -41.53 -27.41
C CYS A 81 -18.15 -40.00 -27.36
N SER A 82 -17.35 -39.46 -26.44
CA SER A 82 -17.11 -38.02 -26.32
C SER A 82 -18.43 -37.25 -26.21
N LYS A 83 -19.31 -37.74 -25.35
CA LYS A 83 -20.62 -37.13 -25.15
C LYS A 83 -20.79 -36.74 -23.69
N ASP A 84 -21.83 -35.93 -23.43
CA ASP A 84 -22.15 -35.48 -22.09
C ASP A 84 -23.29 -36.29 -21.48
N THR A 85 -24.43 -36.35 -22.16
CA THR A 85 -25.57 -37.11 -21.65
C THR A 85 -25.27 -38.61 -21.62
N HIS A 86 -24.56 -39.11 -22.65
CA HIS A 86 -24.20 -40.52 -22.67
C HIS A 86 -23.24 -40.86 -21.53
N ALA A 87 -22.25 -40.01 -21.30
CA ALA A 87 -21.34 -40.23 -20.19
C ALA A 87 -22.06 -40.16 -18.86
N LEU A 88 -23.02 -39.24 -18.73
CA LEU A 88 -23.80 -39.15 -17.50
C LEU A 88 -24.61 -40.42 -17.28
N GLU A 89 -25.23 -40.95 -18.35
CA GLU A 89 -26.00 -42.18 -18.22
C GLU A 89 -25.09 -43.36 -17.86
N GLN A 90 -23.88 -43.40 -18.42
CA GLN A 90 -22.98 -44.49 -18.08
C GLN A 90 -22.47 -44.38 -16.65
N ALA A 91 -22.28 -43.15 -16.16
CA ALA A 91 -21.93 -42.97 -14.75
C ALA A 91 -23.08 -43.38 -13.84
N LEU A 92 -24.32 -43.08 -14.26
CA LEU A 92 -25.49 -43.59 -13.56
C LEU A 92 -25.50 -45.11 -13.54
N ASP A 93 -25.09 -45.75 -14.63
CA ASP A 93 -25.00 -47.21 -14.65
C ASP A 93 -24.00 -47.71 -13.61
N PHE A 94 -22.83 -47.09 -13.54
CA PHE A 94 -21.83 -47.46 -12.54
C PHE A 94 -22.37 -47.30 -11.13
N VAL A 95 -23.01 -46.16 -10.86
CA VAL A 95 -23.49 -45.90 -9.50
C VAL A 95 -24.65 -46.82 -9.14
N ARG A 96 -25.50 -47.15 -10.10
CA ARG A 96 -26.59 -48.08 -9.84
C ARG A 96 -26.07 -49.49 -9.59
N ALA A 97 -24.99 -49.87 -10.29
CA ALA A 97 -24.41 -51.19 -10.05
C ALA A 97 -23.70 -51.25 -8.71
N SER A 98 -23.09 -50.14 -8.28
CA SER A 98 -22.31 -50.16 -7.04
C SER A 98 -23.19 -49.96 -5.82
N LEU A 99 -23.88 -48.82 -5.73
CA LEU A 99 -24.55 -48.43 -4.50
C LEU A 99 -25.89 -49.13 -4.32
N SER A 100 -26.65 -49.34 -5.40
CA SER A 100 -28.01 -49.85 -5.30
C SER A 100 -28.06 -51.35 -5.03
N ARG A 101 -26.94 -51.98 -4.65
CA ARG A 101 -26.96 -53.39 -4.31
C ARG A 101 -27.66 -53.66 -2.99
N GLY A 102 -27.82 -52.65 -2.13
CA GLY A 102 -28.48 -52.86 -0.86
C GLY A 102 -29.97 -53.12 -1.02
N ALA A 103 -30.62 -52.40 -1.93
CA ALA A 103 -32.05 -52.56 -2.18
C ALA A 103 -32.25 -53.51 -3.36
N ASP A 104 -33.19 -54.44 -3.23
CA ASP A 104 -33.47 -55.40 -4.27
C ASP A 104 -34.33 -54.77 -5.36
N GLY A 105 -34.73 -55.59 -6.34
CA GLY A 105 -35.56 -55.12 -7.43
C GLY A 105 -36.94 -54.71 -7.00
N SER A 106 -37.32 -53.48 -7.29
CA SER A 106 -38.65 -52.98 -6.91
C SER A 106 -39.72 -53.61 -7.78
N ARG A 107 -40.98 -53.35 -7.42
CA ARG A 107 -42.10 -53.88 -8.17
C ARG A 107 -42.14 -53.27 -9.57
N HIS A 108 -42.19 -54.15 -10.58
CA HIS A 108 -42.19 -53.71 -11.96
C HIS A 108 -43.02 -54.70 -12.77
N ILE A 109 -42.90 -54.65 -14.10
CA ILE A 109 -43.66 -55.53 -14.98
C ILE A 109 -43.14 -56.95 -14.99
N CYS A 110 -42.06 -57.23 -14.27
CA CYS A 110 -41.49 -58.58 -14.22
C CYS A 110 -42.44 -59.52 -13.50
N PRO A 111 -43.11 -60.44 -14.20
CA PRO A 111 -44.03 -61.37 -13.53
C PRO A 111 -43.40 -62.68 -13.12
N ASP A 112 -42.19 -63.00 -13.60
CA ASP A 112 -41.56 -64.26 -13.26
C ASP A 112 -41.14 -64.30 -11.79
N GLY A 113 -40.59 -63.20 -11.28
CA GLY A 113 -40.16 -63.15 -9.90
C GLY A 113 -40.30 -61.75 -9.35
N SER A 114 -40.27 -61.66 -8.01
CA SER A 114 -40.39 -60.37 -7.35
C SER A 114 -39.13 -59.53 -7.53
N TYR A 115 -37.96 -60.14 -7.38
CA TYR A 115 -36.70 -59.43 -7.53
C TYR A 115 -35.59 -60.45 -7.73
N ALA A 116 -34.43 -59.94 -8.15
CA ALA A 116 -33.25 -60.78 -8.36
C ALA A 116 -32.50 -60.97 -7.05
N THR A 117 -32.01 -62.18 -6.82
CA THR A 117 -31.30 -62.52 -5.59
C THR A 117 -29.79 -62.63 -5.78
N HIS A 118 -29.35 -63.21 -6.89
CA HIS A 118 -27.93 -63.40 -7.16
C HIS A 118 -27.45 -62.62 -8.37
N GLY A 119 -28.11 -62.76 -9.51
CA GLY A 119 -27.73 -62.10 -10.73
C GLY A 119 -28.34 -60.72 -10.88
N ASP A 120 -28.30 -60.22 -12.12
CA ASP A 120 -28.85 -58.93 -12.53
C ASP A 120 -28.14 -57.75 -11.89
N ALA A 121 -27.10 -57.97 -11.10
CA ALA A 121 -26.38 -56.87 -10.46
C ALA A 121 -24.94 -57.29 -10.17
N PRO A 122 -23.95 -56.64 -10.79
CA PRO A 122 -22.56 -56.99 -10.52
C PRO A 122 -22.10 -56.47 -9.16
N THR A 123 -20.89 -56.87 -8.80
CA THR A 123 -20.32 -56.43 -7.54
C THR A 123 -19.99 -54.94 -7.57
N ALA A 124 -19.78 -54.37 -6.39
CA ALA A 124 -19.45 -52.95 -6.29
C ALA A 124 -18.10 -52.67 -6.93
N ILE A 125 -18.06 -51.66 -7.79
CA ILE A 125 -16.83 -51.29 -8.48
C ILE A 125 -15.88 -50.62 -7.49
N THR A 126 -14.60 -50.98 -7.58
CA THR A 126 -13.62 -50.38 -6.68
C THR A 126 -13.19 -49.00 -7.18
N GLY A 127 -12.96 -48.87 -8.48
CA GLY A 127 -12.59 -47.59 -9.05
C GLY A 127 -12.91 -47.58 -10.53
N VAL A 128 -12.70 -46.41 -11.14
CA VAL A 128 -12.96 -46.22 -12.57
C VAL A 128 -11.74 -45.59 -13.21
N ILE A 129 -11.37 -46.09 -14.38
CA ILE A 129 -10.23 -45.58 -15.14
C ILE A 129 -10.79 -45.10 -16.48
N GLY A 130 -11.11 -43.82 -16.56
CA GLY A 130 -11.68 -43.27 -17.78
C GLY A 130 -11.73 -41.76 -17.71
N GLY A 131 -12.08 -41.17 -18.86
CA GLY A 131 -12.18 -39.73 -18.96
C GLY A 131 -10.99 -39.11 -19.66
N SER A 132 -11.15 -38.77 -20.93
CA SER A 132 -10.09 -38.15 -21.73
C SER A 132 -10.33 -36.68 -21.98
N TYR A 133 -11.49 -36.31 -22.51
CA TYR A 133 -11.80 -34.91 -22.76
C TYR A 133 -12.04 -34.17 -21.45
N SER A 134 -12.04 -32.85 -21.52
CA SER A 134 -12.20 -32.03 -20.32
C SER A 134 -13.62 -32.12 -19.78
N ASP A 135 -14.61 -31.98 -20.65
CA ASP A 135 -16.00 -31.93 -20.19
C ASP A 135 -16.44 -33.26 -19.58
N VAL A 136 -16.13 -34.37 -20.25
CA VAL A 136 -16.55 -35.67 -19.74
C VAL A 136 -15.85 -35.98 -18.42
N SER A 137 -14.57 -35.62 -18.30
CA SER A 137 -13.85 -35.85 -17.06
C SER A 137 -14.43 -35.00 -15.93
N ILE A 138 -14.75 -33.74 -16.21
CA ILE A 138 -15.36 -32.88 -15.20
C ILE A 138 -16.70 -33.45 -14.76
N GLN A 139 -17.51 -33.94 -15.70
CA GLN A 139 -18.81 -34.50 -15.35
C GLN A 139 -18.67 -35.75 -14.49
N VAL A 140 -17.76 -36.65 -14.89
CA VAL A 140 -17.57 -37.88 -14.10
C VAL A 140 -17.06 -37.56 -12.71
N ALA A 141 -16.13 -36.59 -12.60
CA ALA A 141 -15.61 -36.22 -11.29
C ALA A 141 -16.69 -35.61 -10.41
N ASN A 142 -17.51 -34.71 -10.98
CA ASN A 142 -18.57 -34.08 -10.19
C ASN A 142 -19.64 -35.09 -9.79
N LEU A 143 -19.86 -36.11 -10.62
CA LEU A 143 -20.88 -37.11 -10.29
C LEU A 143 -20.37 -38.07 -9.23
N LEU A 144 -19.10 -38.47 -9.30
CA LEU A 144 -18.54 -39.43 -8.37
C LEU A 144 -17.98 -38.79 -7.11
N ARG A 145 -18.27 -37.52 -6.85
CA ARG A 145 -17.78 -36.87 -5.64
C ARG A 145 -18.48 -37.39 -4.40
N LEU A 146 -19.81 -37.53 -4.45
CA LEU A 146 -20.61 -37.85 -3.29
C LEU A 146 -20.68 -39.34 -2.99
N PHE A 147 -20.35 -40.20 -3.94
CA PHE A 147 -20.50 -41.64 -3.78
C PHE A 147 -19.26 -42.29 -3.18
N GLN A 148 -18.25 -41.51 -2.81
CA GLN A 148 -17.05 -42.00 -2.13
C GLN A 148 -16.38 -43.12 -2.92
N ILE A 149 -16.08 -42.83 -4.18
CA ILE A 149 -15.43 -43.78 -5.08
C ILE A 149 -14.25 -43.07 -5.73
N PRO A 150 -13.06 -43.68 -5.76
CA PRO A 150 -11.92 -43.03 -6.41
C PRO A 150 -12.05 -43.07 -7.92
N GLN A 151 -11.45 -42.07 -8.57
CA GLN A 151 -11.48 -41.95 -10.02
C GLN A 151 -10.13 -41.46 -10.50
N ILE A 152 -9.59 -42.13 -11.51
CA ILE A 152 -8.33 -41.75 -12.14
C ILE A 152 -8.55 -41.63 -13.64
N SER A 153 -7.99 -40.58 -14.23
CA SER A 153 -8.09 -40.33 -15.66
C SER A 153 -6.76 -40.62 -16.34
N TYR A 154 -6.78 -40.58 -17.67
CA TYR A 154 -5.59 -40.86 -18.47
C TYR A 154 -5.23 -39.76 -19.45
N ALA A 155 -6.15 -38.84 -19.77
CA ALA A 155 -5.85 -37.76 -20.71
C ALA A 155 -6.43 -36.43 -20.26
N SER A 156 -6.65 -36.27 -18.95
CA SER A 156 -7.22 -35.04 -18.41
C SER A 156 -6.11 -34.00 -18.30
N THR A 157 -6.01 -33.15 -19.32
CA THR A 157 -4.98 -32.11 -19.35
C THR A 157 -5.48 -30.76 -18.85
N SER A 158 -6.74 -30.67 -18.43
CA SER A 158 -7.27 -29.40 -17.95
C SER A 158 -6.81 -29.14 -16.52
N ALA A 159 -6.33 -27.93 -16.27
CA ALA A 159 -5.79 -27.57 -14.97
C ALA A 159 -6.86 -27.10 -13.98
N LYS A 160 -8.10 -26.91 -14.43
CA LYS A 160 -9.14 -26.44 -13.53
C LYS A 160 -9.65 -27.52 -12.58
N LEU A 161 -9.18 -28.76 -12.73
CA LEU A 161 -9.56 -29.84 -11.84
C LEU A 161 -8.53 -30.11 -10.76
N SER A 162 -7.46 -29.32 -10.68
CA SER A 162 -6.42 -29.55 -9.69
C SER A 162 -6.90 -29.21 -8.29
N ASP A 163 -7.83 -28.27 -8.16
CA ASP A 163 -8.32 -27.88 -6.85
C ASP A 163 -9.15 -29.01 -6.23
N LYS A 164 -8.91 -29.28 -4.94
CA LYS A 164 -9.63 -30.32 -4.25
C LYS A 164 -10.98 -29.87 -3.72
N SER A 165 -11.24 -28.56 -3.73
CA SER A 165 -12.53 -28.06 -3.24
C SER A 165 -13.66 -28.48 -4.17
N ARG A 166 -13.48 -28.30 -5.47
CA ARG A 166 -14.50 -28.66 -6.44
C ARG A 166 -14.35 -30.08 -6.97
N TYR A 167 -13.15 -30.67 -6.90
CA TYR A 167 -12.90 -32.03 -7.37
C TYR A 167 -11.91 -32.68 -6.39
N ASP A 168 -12.44 -33.43 -5.44
CA ASP A 168 -11.62 -34.07 -4.41
C ASP A 168 -11.21 -35.48 -4.80
N TYR A 169 -12.16 -36.30 -5.23
CA TYR A 169 -11.90 -37.70 -5.58
C TYR A 169 -11.61 -37.83 -7.08
N PHE A 170 -10.53 -37.20 -7.50
CA PHE A 170 -10.11 -37.23 -8.89
C PHE A 170 -8.59 -37.17 -8.96
N ALA A 171 -8.00 -38.07 -9.75
CA ALA A 171 -6.57 -38.10 -9.96
C ALA A 171 -6.27 -38.26 -11.43
N ARG A 172 -5.04 -37.92 -11.82
CA ARG A 172 -4.63 -37.98 -13.21
C ARG A 172 -3.18 -38.43 -13.30
N THR A 173 -2.82 -38.97 -14.46
CA THR A 173 -1.46 -39.41 -14.73
C THR A 173 -0.68 -38.40 -15.58
N VAL A 174 -1.34 -37.76 -16.54
CA VAL A 174 -0.65 -36.73 -17.33
C VAL A 174 -0.44 -35.49 -16.48
N PRO A 175 0.62 -34.73 -16.69
CA PRO A 175 0.86 -33.53 -15.88
C PRO A 175 -0.11 -32.42 -16.25
N PRO A 176 -0.61 -31.67 -15.27
CA PRO A 176 -1.50 -30.54 -15.58
C PRO A 176 -0.76 -29.37 -16.20
N ASP A 177 -1.48 -28.27 -16.45
CA ASP A 177 -0.89 -27.16 -17.20
C ASP A 177 0.11 -26.36 -16.37
N PHE A 178 -0.05 -26.33 -15.05
CA PHE A 178 0.90 -25.56 -14.23
C PHE A 178 2.27 -26.22 -14.21
N PHE A 179 2.33 -27.55 -14.32
CA PHE A 179 3.62 -28.22 -14.48
C PHE A 179 4.31 -27.79 -15.76
N GLN A 180 3.54 -27.69 -16.86
CA GLN A 180 4.12 -27.23 -18.11
C GLN A 180 4.53 -25.78 -18.04
N ALA A 181 3.79 -24.97 -17.28
CA ALA A 181 4.18 -23.58 -17.08
C ALA A 181 5.48 -23.49 -16.29
N LYS A 182 5.65 -24.36 -15.29
CA LYS A 182 6.90 -24.40 -14.54
C LYS A 182 8.06 -24.85 -15.43
N ALA A 183 7.81 -25.80 -16.33
CA ALA A 183 8.83 -26.22 -17.27
C ALA A 183 9.21 -25.08 -18.22
N MET A 184 8.21 -24.32 -18.68
CA MET A 184 8.48 -23.15 -19.50
C MET A 184 9.35 -22.14 -18.74
N ALA A 185 9.00 -21.90 -17.48
CA ALA A 185 9.79 -20.96 -16.66
C ALA A 185 11.22 -21.45 -16.50
N GLU A 186 11.40 -22.76 -16.30
CA GLU A 186 12.75 -23.30 -16.15
C GLU A 186 13.56 -23.15 -17.43
N ILE A 187 12.95 -23.49 -18.58
CA ILE A 187 13.70 -23.41 -19.83
C ILE A 187 13.94 -21.96 -20.22
N LEU A 188 13.11 -21.04 -19.74
CA LEU A 188 13.36 -19.62 -20.01
C LEU A 188 14.47 -19.08 -19.11
N ARG A 189 14.48 -19.47 -17.84
CA ARG A 189 15.53 -19.02 -16.93
C ARG A 189 16.87 -19.65 -17.26
N PHE A 190 16.87 -20.83 -17.87
CA PHE A 190 18.14 -21.46 -18.26
C PHE A 190 18.84 -20.65 -19.34
N PHE A 191 18.09 -20.05 -20.25
CA PHE A 191 18.64 -19.25 -21.32
C PHE A 191 18.67 -17.76 -21.00
N ASN A 192 18.32 -17.38 -19.77
CA ASN A 192 18.30 -15.98 -19.33
C ASN A 192 17.39 -15.14 -20.22
N TRP A 193 16.24 -15.69 -20.58
CA TRP A 193 15.26 -14.99 -21.42
C TRP A 193 14.22 -14.32 -20.52
N THR A 194 14.68 -13.26 -19.82
CA THR A 194 13.79 -12.54 -18.91
C THR A 194 12.71 -11.78 -19.67
N TYR A 195 13.08 -11.11 -20.75
CA TYR A 195 12.14 -10.34 -21.56
C TYR A 195 11.55 -11.27 -22.61
N VAL A 196 10.34 -11.77 -22.35
CA VAL A 196 9.67 -12.72 -23.23
C VAL A 196 8.20 -12.32 -23.35
N SER A 197 7.62 -12.63 -24.51
CA SER A 197 6.20 -12.40 -24.75
C SER A 197 5.42 -13.70 -24.60
N THR A 198 4.09 -13.58 -24.59
CA THR A 198 3.22 -14.73 -24.49
C THR A 198 2.05 -14.58 -25.45
N VAL A 199 1.58 -15.72 -25.98
CA VAL A 199 0.42 -15.76 -26.86
C VAL A 199 -0.55 -16.78 -26.29
N ALA A 200 -1.80 -16.36 -26.09
CA ALA A 200 -2.83 -17.20 -25.51
C ALA A 200 -3.84 -17.62 -26.58
N SER A 201 -4.87 -18.35 -26.16
CA SER A 201 -5.93 -18.80 -27.05
C SER A 201 -7.28 -18.57 -26.36
N GLU A 202 -8.31 -18.37 -27.17
CA GLU A 202 -9.65 -18.10 -26.67
C GLU A 202 -10.43 -19.37 -26.33
N GLY A 203 -9.86 -20.54 -26.58
CA GLY A 203 -10.52 -21.78 -26.27
C GLY A 203 -10.50 -22.08 -24.78
N ASP A 204 -11.04 -23.26 -24.44
CA ASP A 204 -11.02 -23.70 -23.05
C ASP A 204 -9.61 -23.98 -22.59
N TYR A 205 -8.75 -24.42 -23.49
CA TYR A 205 -7.37 -24.79 -23.17
C TYR A 205 -6.46 -23.58 -23.41
N GLY A 206 -5.69 -23.21 -22.39
CA GLY A 206 -4.72 -22.14 -22.54
C GLY A 206 -4.81 -21.04 -21.52
N GLU A 207 -6.03 -20.70 -21.07
CA GLU A 207 -6.20 -19.60 -20.14
C GLU A 207 -5.53 -19.88 -18.80
N THR A 208 -5.80 -21.06 -18.23
CA THR A 208 -5.18 -21.42 -16.96
C THR A 208 -3.67 -21.53 -17.09
N GLY A 209 -3.20 -22.05 -18.23
CA GLY A 209 -1.76 -22.13 -18.45
C GLY A 209 -1.09 -20.76 -18.49
N ILE A 210 -1.71 -19.82 -19.20
CA ILE A 210 -1.15 -18.47 -19.26
C ILE A 210 -1.21 -17.80 -17.90
N GLU A 211 -2.29 -18.05 -17.13
CA GLU A 211 -2.39 -17.48 -15.79
C GLU A 211 -1.29 -18.02 -14.89
N ALA A 212 -1.05 -19.34 -14.93
CA ALA A 212 0.01 -19.93 -14.11
C ALA A 212 1.38 -19.44 -14.55
N PHE A 213 1.57 -19.25 -15.87
CA PHE A 213 2.84 -18.74 -16.36
C PHE A 213 3.10 -17.32 -15.88
N GLU A 214 2.07 -16.46 -15.94
CA GLU A 214 2.23 -15.10 -15.46
C GLU A 214 2.44 -15.05 -13.95
N LEU A 215 1.79 -15.95 -13.21
CA LEU A 215 1.99 -16.01 -11.77
C LEU A 215 3.44 -16.41 -11.45
N GLU A 216 3.94 -17.46 -12.10
CA GLU A 216 5.32 -17.87 -11.88
C GLU A 216 6.29 -16.77 -12.31
N ALA A 217 5.95 -16.04 -13.37
CA ALA A 217 6.79 -14.92 -13.79
C ALA A 217 6.87 -13.86 -12.69
N ARG A 218 5.73 -13.28 -12.33
CA ARG A 218 5.71 -12.28 -11.26
C ARG A 218 6.14 -12.84 -9.91
N ALA A 219 6.38 -14.15 -9.82
CA ALA A 219 6.82 -14.75 -8.55
C ALA A 219 8.30 -14.47 -8.29
N ARG A 220 9.18 -14.78 -9.25
CA ARG A 220 10.61 -14.74 -8.96
C ARG A 220 11.37 -14.19 -10.16
N ASN A 221 11.61 -12.87 -10.14
CA ASN A 221 12.67 -12.21 -10.91
C ASN A 221 12.56 -12.50 -12.41
N ILE A 222 11.37 -12.29 -12.96
CA ILE A 222 11.15 -12.35 -14.41
C ILE A 222 9.81 -11.70 -14.72
N CYS A 223 9.76 -10.95 -15.81
CA CYS A 223 8.54 -10.26 -16.22
C CYS A 223 8.16 -10.69 -17.64
N VAL A 224 7.08 -10.09 -18.14
CA VAL A 224 6.53 -10.40 -19.45
C VAL A 224 6.35 -9.11 -20.22
N ALA A 225 6.61 -9.16 -21.53
CA ALA A 225 6.51 -7.96 -22.37
C ALA A 225 5.06 -7.58 -22.62
N THR A 226 4.31 -8.47 -23.27
CA THR A 226 2.91 -8.22 -23.59
C THR A 226 2.10 -9.48 -23.34
N SER A 227 0.78 -9.33 -23.36
CA SER A 227 -0.15 -10.43 -23.12
C SER A 227 -1.30 -10.31 -24.12
N GLU A 228 -1.26 -11.13 -25.18
CA GLU A 228 -2.28 -11.12 -26.21
C GLU A 228 -3.03 -12.44 -26.23
N LYS A 229 -4.19 -12.42 -26.88
CA LYS A 229 -5.03 -13.60 -27.01
C LYS A 229 -5.46 -13.75 -28.46
N VAL A 230 -5.61 -15.00 -28.90
CA VAL A 230 -6.00 -15.33 -30.25
C VAL A 230 -7.32 -16.10 -30.20
N GLY A 231 -8.27 -15.69 -31.03
CA GLY A 231 -9.58 -16.32 -31.05
C GLY A 231 -9.55 -17.70 -31.69
N ARG A 232 -10.75 -18.24 -31.87
CA ARG A 232 -10.88 -19.58 -32.44
C ARG A 232 -10.62 -19.58 -33.94
N ALA A 233 -11.44 -18.86 -34.70
CA ALA A 233 -11.29 -18.81 -36.15
C ALA A 233 -11.98 -17.56 -36.67
N MET A 234 -11.25 -16.78 -37.47
CA MET A 234 -11.80 -15.56 -38.07
C MET A 234 -10.99 -15.26 -39.33
N SER A 235 -11.18 -14.08 -39.89
CA SER A 235 -10.44 -13.66 -41.07
C SER A 235 -8.97 -13.46 -40.72
N ARG A 236 -8.14 -13.45 -41.77
CA ARG A 236 -6.70 -13.30 -41.58
C ARG A 236 -6.30 -11.86 -41.23
N ALA A 237 -7.23 -10.91 -41.32
CA ALA A 237 -6.91 -9.53 -40.94
C ALA A 237 -6.61 -9.42 -39.46
N ALA A 238 -7.38 -10.12 -38.62
CA ALA A 238 -7.10 -10.11 -37.19
C ALA A 238 -5.76 -10.78 -36.88
N PHE A 239 -5.42 -11.84 -37.61
CA PHE A 239 -4.13 -12.49 -37.42
C PHE A 239 -2.99 -11.57 -37.81
N GLU A 240 -3.13 -10.85 -38.93
CA GLU A 240 -2.10 -9.89 -39.33
C GLU A 240 -1.97 -8.78 -38.30
N GLY A 241 -3.10 -8.27 -37.79
CA GLY A 241 -3.04 -7.24 -36.78
C GLY A 241 -2.36 -7.68 -35.50
N VAL A 242 -2.68 -8.89 -35.04
CA VAL A 242 -2.09 -9.37 -33.79
C VAL A 242 -0.61 -9.69 -33.98
N VAL A 243 -0.23 -10.20 -35.16
CA VAL A 243 1.19 -10.48 -35.36
C VAL A 243 1.97 -9.18 -35.52
N ARG A 244 1.35 -8.14 -36.08
CA ARG A 244 2.00 -6.84 -36.14
C ARG A 244 2.15 -6.24 -34.74
N ALA A 245 1.13 -6.41 -33.90
CA ALA A 245 1.24 -5.94 -32.51
C ALA A 245 2.33 -6.70 -31.77
N LEU A 246 2.51 -7.99 -32.09
CA LEU A 246 3.58 -8.76 -31.48
C LEU A 246 4.95 -8.26 -31.94
N LEU A 247 5.15 -8.10 -33.24
CA LEU A 247 6.44 -7.67 -33.78
C LEU A 247 6.67 -6.17 -33.64
N GLN A 248 5.72 -5.43 -33.06
CA GLN A 248 5.90 -3.99 -32.89
C GLN A 248 7.09 -3.67 -32.00
N LYS A 249 7.26 -4.43 -30.92
CA LYS A 249 8.39 -4.22 -30.03
C LYS A 249 9.67 -4.73 -30.68
N PRO A 250 10.68 -3.87 -30.89
CA PRO A 250 11.91 -4.34 -31.55
C PRO A 250 12.72 -5.29 -30.69
N SER A 251 12.71 -5.11 -29.38
CA SER A 251 13.47 -5.96 -28.47
C SER A 251 12.74 -7.25 -28.11
N ALA A 252 11.55 -7.47 -28.64
CA ALA A 252 10.77 -8.68 -28.37
C ALA A 252 10.87 -9.61 -29.57
N ARG A 253 11.70 -10.64 -29.44
CA ARG A 253 11.85 -11.66 -30.48
C ARG A 253 11.66 -13.07 -29.94
N VAL A 254 11.28 -13.22 -28.67
CA VAL A 254 11.03 -14.52 -28.07
C VAL A 254 9.67 -14.49 -27.39
N ALA A 255 8.90 -15.55 -27.60
CA ALA A 255 7.54 -15.63 -27.07
C ALA A 255 7.16 -17.09 -26.86
N VAL A 256 6.28 -17.30 -25.88
CA VAL A 256 5.74 -18.62 -25.57
C VAL A 256 4.35 -18.73 -26.20
N LEU A 257 3.97 -19.96 -26.55
CA LEU A 257 2.70 -20.24 -27.21
C LEU A 257 1.97 -21.33 -26.45
N PHE A 258 0.67 -21.13 -26.22
CA PHE A 258 -0.18 -22.09 -25.54
C PHE A 258 -1.46 -22.33 -26.33
N THR A 259 -1.33 -22.52 -27.64
CA THR A 259 -2.47 -22.68 -28.52
C THR A 259 -2.57 -24.13 -28.99
N ARG A 260 -3.52 -24.37 -29.90
CA ARG A 260 -3.76 -25.70 -30.43
C ARG A 260 -2.81 -25.97 -31.60
N SER A 261 -3.02 -27.11 -32.26
CA SER A 261 -2.18 -27.48 -33.40
C SER A 261 -2.53 -26.67 -34.64
N GLU A 262 -3.82 -26.57 -34.96
CA GLU A 262 -4.23 -25.82 -36.15
C GLU A 262 -3.93 -24.34 -35.99
N ASP A 263 -4.12 -23.81 -34.77
CA ASP A 263 -3.82 -22.41 -34.53
C ASP A 263 -2.33 -22.13 -34.68
N ALA A 264 -1.49 -23.04 -34.17
CA ALA A 264 -0.05 -22.88 -34.33
C ALA A 264 0.34 -22.97 -35.80
N ARG A 265 -0.28 -23.88 -36.55
CA ARG A 265 0.01 -24.00 -37.97
C ARG A 265 -0.34 -22.73 -38.72
N GLU A 266 -1.53 -22.18 -38.47
CA GLU A 266 -1.93 -20.96 -39.16
C GLU A 266 -1.08 -19.77 -38.72
N LEU A 267 -0.66 -19.73 -37.46
CA LEU A 267 0.22 -18.65 -37.01
C LEU A 267 1.57 -18.72 -37.70
N LEU A 268 2.14 -19.92 -37.81
CA LEU A 268 3.41 -20.07 -38.52
C LEU A 268 3.26 -19.75 -40.00
N ALA A 269 2.11 -20.10 -40.59
CA ALA A 269 1.86 -19.74 -41.98
C ALA A 269 1.80 -18.23 -42.16
N ALA A 270 1.12 -17.53 -41.25
CA ALA A 270 1.07 -16.07 -41.33
C ALA A 270 2.44 -15.46 -41.13
N SER A 271 3.24 -16.02 -40.21
CA SER A 271 4.58 -15.51 -39.98
C SER A 271 5.47 -15.71 -41.21
N GLN A 272 5.33 -16.86 -41.87
CA GLN A 272 6.10 -17.11 -43.09
C GLN A 272 5.65 -16.19 -44.22
N ARG A 273 4.35 -15.90 -44.29
CA ARG A 273 3.87 -14.97 -45.30
C ARG A 273 4.38 -13.56 -45.04
N LEU A 274 4.45 -13.16 -43.77
CA LEU A 274 4.98 -11.84 -43.43
C LEU A 274 6.50 -11.79 -43.50
N ASN A 275 7.16 -12.95 -43.50
CA ASN A 275 8.62 -13.06 -43.63
C ASN A 275 9.35 -12.30 -42.52
N ALA A 276 9.15 -12.78 -41.30
CA ALA A 276 9.82 -12.24 -40.13
C ALA A 276 10.38 -13.39 -39.30
N SER A 277 11.65 -13.26 -38.92
CA SER A 277 12.33 -14.29 -38.14
C SER A 277 12.13 -14.07 -36.65
N PHE A 278 11.88 -15.16 -35.93
CA PHE A 278 11.68 -15.11 -34.49
C PHE A 278 12.18 -16.41 -33.87
N THR A 279 12.32 -16.38 -32.55
CA THR A 279 12.68 -17.56 -31.76
C THR A 279 11.49 -17.90 -30.87
N TRP A 280 10.69 -18.87 -31.32
CA TRP A 280 9.42 -19.19 -30.68
C TRP A 280 9.51 -20.55 -29.99
N VAL A 281 9.06 -20.60 -28.75
CA VAL A 281 8.92 -21.83 -27.98
C VAL A 281 7.44 -22.00 -27.67
N ALA A 282 6.93 -23.23 -27.83
CA ALA A 282 5.51 -23.49 -27.67
C ALA A 282 5.27 -24.57 -26.63
N SER A 283 4.00 -24.74 -26.28
CA SER A 283 3.57 -25.76 -25.34
C SER A 283 3.32 -27.07 -26.09
N ASP A 284 2.66 -28.02 -25.43
CA ASP A 284 2.36 -29.31 -26.04
C ASP A 284 1.44 -29.20 -27.24
N GLY A 285 0.86 -28.03 -27.49
CA GLY A 285 0.03 -27.87 -28.67
C GLY A 285 0.79 -28.09 -29.96
N TRP A 286 2.05 -27.63 -30.02
CA TRP A 286 2.89 -27.90 -31.18
C TRP A 286 3.22 -29.38 -31.26
N GLY A 287 3.85 -29.93 -30.21
CA GLY A 287 4.14 -31.35 -30.16
C GLY A 287 5.11 -31.78 -31.24
N ALA A 288 5.08 -33.09 -31.54
CA ALA A 288 5.92 -33.68 -32.57
C ALA A 288 5.18 -33.91 -33.88
N LEU A 289 3.98 -33.36 -34.02
CA LEU A 289 3.23 -33.51 -35.27
C LEU A 289 3.90 -32.72 -36.39
N GLU A 290 3.88 -33.29 -37.59
CA GLU A 290 4.53 -32.67 -38.74
C GLU A 290 3.57 -31.88 -39.61
N SER A 291 2.26 -32.03 -39.41
CA SER A 291 1.28 -31.31 -40.22
C SER A 291 1.22 -29.83 -39.87
N VAL A 292 1.69 -29.44 -38.67
CA VAL A 292 1.64 -28.04 -38.28
C VAL A 292 2.73 -27.21 -38.94
N VAL A 293 3.77 -27.84 -39.48
CA VAL A 293 4.87 -27.14 -40.13
C VAL A 293 4.88 -27.38 -41.63
N ALA A 294 3.79 -27.92 -42.19
CA ALA A 294 3.72 -28.16 -43.61
C ALA A 294 3.58 -26.84 -44.37
N GLY A 295 4.49 -26.58 -45.30
CA GLY A 295 4.50 -25.35 -46.05
C GLY A 295 5.11 -24.17 -45.34
N SER A 296 5.55 -24.33 -44.10
CA SER A 296 6.16 -23.26 -43.32
C SER A 296 7.44 -23.75 -42.66
N GLU A 297 8.26 -24.49 -43.40
CA GLU A 297 9.50 -25.03 -42.83
C GLU A 297 10.53 -23.93 -42.62
N GLY A 298 10.57 -22.95 -43.51
CA GLY A 298 11.53 -21.87 -43.41
C GLY A 298 11.07 -20.72 -42.54
N ALA A 299 10.27 -21.03 -41.51
CA ALA A 299 9.78 -20.01 -40.58
C ALA A 299 9.93 -20.39 -39.12
N ALA A 300 10.06 -21.67 -38.79
CA ALA A 300 10.18 -22.13 -37.41
C ALA A 300 11.63 -22.44 -37.04
N GLU A 301 12.58 -21.67 -37.59
CA GLU A 301 13.98 -21.90 -37.29
C GLU A 301 14.28 -21.56 -35.83
N GLY A 302 15.02 -22.45 -35.17
CA GLY A 302 15.36 -22.25 -33.77
C GLY A 302 14.16 -22.31 -32.85
N ALA A 303 13.28 -23.29 -33.04
CA ALA A 303 12.08 -23.43 -32.24
C ALA A 303 12.26 -24.55 -31.21
N ILE A 304 11.70 -24.34 -30.02
CA ILE A 304 11.74 -25.31 -28.94
C ILE A 304 10.32 -25.79 -28.69
N THR A 305 10.15 -27.11 -28.57
CA THR A 305 8.85 -27.73 -28.40
C THR A 305 8.85 -28.65 -27.18
N ILE A 306 7.73 -28.66 -26.48
CA ILE A 306 7.53 -29.54 -25.32
C ILE A 306 6.71 -30.73 -25.76
N GLU A 307 7.22 -31.93 -25.52
CA GLU A 307 6.54 -33.17 -25.90
C GLU A 307 6.22 -33.97 -24.64
N LEU A 308 5.03 -34.55 -24.60
CA LEU A 308 4.64 -35.36 -23.46
C LEU A 308 5.43 -36.66 -23.44
N ALA A 309 5.94 -37.02 -22.26
CA ALA A 309 6.78 -38.20 -22.12
C ALA A 309 5.94 -39.46 -22.37
N SER A 310 6.28 -40.18 -23.44
CA SER A 310 5.57 -41.40 -23.79
C SER A 310 6.50 -42.29 -24.62
N TYR A 311 6.69 -43.52 -24.17
CA TYR A 311 7.54 -44.47 -24.88
C TYR A 311 6.71 -45.62 -25.43
N PRO A 312 7.09 -46.15 -26.59
CA PRO A 312 6.34 -47.28 -27.16
C PRO A 312 6.49 -48.53 -26.32
N ILE A 313 5.46 -49.37 -26.34
CA ILE A 313 5.43 -50.62 -25.60
C ILE A 313 5.44 -51.77 -26.60
N SER A 314 6.42 -52.66 -26.49
CA SER A 314 6.50 -53.80 -27.41
C SER A 314 5.47 -54.86 -27.07
N ASP A 315 5.25 -55.13 -25.78
CA ASP A 315 4.29 -56.14 -25.39
C ASP A 315 2.87 -55.75 -25.78
N PHE A 316 2.50 -54.49 -25.55
CA PHE A 316 1.17 -54.04 -25.93
C PHE A 316 0.96 -54.12 -27.43
N ALA A 317 1.98 -53.75 -28.22
CA ALA A 317 1.87 -53.84 -29.67
C ALA A 317 1.73 -55.29 -30.12
N SER A 318 2.53 -56.18 -29.53
CA SER A 318 2.44 -57.60 -29.89
C SER A 318 1.07 -58.18 -29.53
N TYR A 319 0.50 -57.73 -28.41
CA TYR A 319 -0.82 -58.21 -28.02
C TYR A 319 -1.91 -57.64 -28.93
N PHE A 320 -1.74 -56.40 -29.39
CA PHE A 320 -2.73 -55.81 -30.27
C PHE A 320 -2.66 -56.36 -31.68
N GLN A 321 -1.47 -56.84 -32.10
CA GLN A 321 -1.35 -57.39 -33.45
C GLN A 321 -2.15 -58.67 -33.58
N SER A 322 -2.14 -59.52 -32.56
CA SER A 322 -2.84 -60.81 -32.61
C SER A 322 -4.27 -60.64 -32.08
N LEU A 323 -5.06 -59.90 -32.85
CA LEU A 323 -6.46 -59.65 -32.52
C LEU A 323 -7.34 -60.01 -33.71
N ASP A 324 -8.49 -60.59 -33.42
CA ASP A 324 -9.44 -61.00 -34.44
C ASP A 324 -10.82 -61.11 -33.81
N PRO A 325 -11.89 -60.92 -34.60
CA PRO A 325 -13.25 -61.03 -34.04
C PRO A 325 -13.79 -62.45 -33.92
N TRP A 326 -12.94 -63.47 -34.01
CA TRP A 326 -13.38 -64.85 -33.95
C TRP A 326 -13.20 -65.45 -32.56
N ASN A 327 -11.97 -65.44 -32.04
CA ASN A 327 -11.69 -65.98 -30.71
C ASN A 327 -11.69 -64.92 -29.63
N ASN A 328 -11.96 -63.65 -29.98
CA ASN A 328 -12.04 -62.56 -29.02
C ASN A 328 -13.40 -61.89 -29.20
N SER A 329 -14.41 -62.43 -28.50
CA SER A 329 -15.77 -61.92 -28.58
C SER A 329 -16.18 -61.13 -27.35
N ARG A 330 -15.23 -60.82 -26.46
CA ARG A 330 -15.56 -60.07 -25.26
C ARG A 330 -15.90 -58.62 -25.61
N ASN A 331 -15.02 -57.95 -26.32
CA ASN A 331 -15.23 -56.54 -26.66
C ASN A 331 -16.36 -56.40 -27.67
N PRO A 332 -17.46 -55.72 -27.34
CA PRO A 332 -18.55 -55.57 -28.30
C PRO A 332 -18.23 -54.59 -29.41
N TRP A 333 -17.45 -53.56 -29.09
CA TRP A 333 -17.09 -52.53 -30.05
C TRP A 333 -15.96 -52.95 -30.98
N PHE A 334 -15.43 -54.16 -30.82
CA PHE A 334 -14.34 -54.61 -31.68
C PHE A 334 -14.82 -54.80 -33.11
N ARG A 335 -16.04 -55.33 -33.29
CA ARG A 335 -16.58 -55.53 -34.64
C ARG A 335 -16.83 -54.19 -35.32
N GLU A 336 -17.31 -53.19 -34.58
CA GLU A 336 -17.51 -51.87 -35.15
C GLU A 336 -16.19 -51.26 -35.59
N PHE A 337 -15.15 -51.39 -34.78
CA PHE A 337 -13.84 -50.87 -35.15
C PHE A 337 -13.29 -51.60 -36.37
N TRP A 338 -13.50 -52.92 -36.44
CA TRP A 338 -13.03 -53.67 -37.59
C TRP A 338 -13.76 -53.26 -38.86
N GLU A 339 -15.06 -53.00 -38.76
CA GLU A 339 -15.82 -52.55 -39.93
C GLU A 339 -15.46 -51.12 -40.32
N GLN A 340 -15.03 -50.30 -39.35
CA GLN A 340 -14.65 -48.93 -39.64
C GLN A 340 -13.27 -48.88 -40.29
N ARG A 341 -12.34 -49.69 -39.82
CA ARG A 341 -10.98 -49.67 -40.37
C ARG A 341 -10.96 -50.20 -41.79
N PHE A 342 -11.58 -51.37 -42.02
CA PHE A 342 -11.66 -51.98 -43.33
C PHE A 342 -13.11 -51.95 -43.79
N ARG A 343 -13.36 -51.38 -44.95
CA ARG A 343 -14.72 -51.24 -45.45
C ARG A 343 -15.27 -52.60 -45.89
N CYS A 344 -15.98 -53.27 -45.00
CA CYS A 344 -16.54 -54.59 -45.29
C CYS A 344 -17.71 -54.83 -44.33
N SER A 345 -18.50 -55.85 -44.66
CA SER A 345 -19.66 -56.22 -43.87
C SER A 345 -19.54 -57.68 -43.44
N PHE A 346 -19.91 -57.95 -42.19
CA PHE A 346 -19.86 -59.31 -41.66
C PHE A 346 -20.98 -60.20 -42.18
N ARG A 347 -21.98 -59.62 -42.85
CA ARG A 347 -23.07 -60.44 -43.38
C ARG A 347 -22.61 -61.32 -44.52
N GLN A 348 -21.76 -60.78 -45.40
CA GLN A 348 -21.28 -61.54 -46.55
C GLN A 348 -20.09 -62.42 -46.20
N ARG A 349 -19.55 -62.32 -44.98
CA ARG A 349 -18.42 -63.13 -44.53
C ARG A 349 -17.22 -62.96 -45.46
N ASP A 350 -16.79 -61.71 -45.63
CA ASP A 350 -15.64 -61.39 -46.46
C ASP A 350 -14.56 -60.62 -45.72
N CYS A 351 -14.75 -60.34 -44.43
CA CYS A 351 -13.77 -59.59 -43.65
C CYS A 351 -12.65 -60.46 -43.08
N ALA A 352 -12.77 -61.78 -43.20
CA ALA A 352 -11.73 -62.67 -42.66
C ALA A 352 -10.44 -62.61 -43.46
N ALA A 353 -10.48 -62.15 -44.71
CA ALA A 353 -9.27 -62.08 -45.52
C ALA A 353 -8.34 -60.98 -45.01
N HIS A 354 -8.89 -59.90 -44.48
CA HIS A 354 -8.07 -58.81 -43.98
C HIS A 354 -7.36 -59.21 -42.70
N SER A 355 -6.13 -58.73 -42.52
CA SER A 355 -5.33 -59.01 -41.35
C SER A 355 -4.77 -57.71 -40.79
N LEU A 356 -4.66 -57.64 -39.47
CA LEU A 356 -4.13 -56.44 -38.82
C LEU A 356 -2.61 -56.38 -38.87
N ARG A 357 -1.95 -57.53 -39.02
CA ARG A 357 -0.50 -57.55 -39.06
C ARG A 357 0.04 -56.94 -40.35
N ALA A 358 -0.73 -57.03 -41.43
CA ALA A 358 -0.28 -56.49 -42.72
C ALA A 358 -0.23 -54.97 -42.68
N VAL A 359 -1.31 -54.34 -42.24
CA VAL A 359 -1.36 -52.88 -42.18
C VAL A 359 -0.45 -52.38 -41.06
N PRO A 360 0.36 -51.35 -41.28
CA PRO A 360 1.20 -50.83 -40.19
C PRO A 360 0.35 -50.18 -39.11
N PHE A 361 0.84 -50.29 -37.87
CA PHE A 361 0.12 -49.78 -36.71
C PHE A 361 1.01 -48.82 -35.94
N GLU A 362 0.42 -47.72 -35.48
CA GLU A 362 1.10 -46.72 -34.67
C GLU A 362 0.43 -46.63 -33.31
N GLN A 363 1.22 -46.82 -32.25
CA GLN A 363 0.66 -46.80 -30.91
C GLN A 363 0.35 -45.37 -30.48
N GLU A 364 -0.73 -45.22 -29.71
CA GLU A 364 -1.13 -43.90 -29.23
C GLU A 364 -0.21 -43.44 -28.11
N SER A 365 0.01 -42.13 -28.03
CA SER A 365 0.87 -41.57 -26.99
C SER A 365 0.26 -41.69 -25.60
N LYS A 366 -1.03 -41.99 -25.50
CA LYS A 366 -1.70 -42.09 -24.21
C LYS A 366 -1.77 -43.52 -23.68
N ILE A 367 -1.30 -44.50 -24.45
CA ILE A 367 -1.34 -45.89 -24.00
C ILE A 367 -0.55 -46.07 -22.71
N MET A 368 0.65 -45.48 -22.66
CA MET A 368 1.46 -45.59 -21.45
C MET A 368 0.76 -44.97 -20.25
N PHE A 369 0.03 -43.88 -20.44
CA PHE A 369 -0.68 -43.26 -19.33
C PHE A 369 -1.82 -44.15 -18.84
N VAL A 370 -2.53 -44.79 -19.76
CA VAL A 370 -3.60 -45.70 -19.38
C VAL A 370 -3.04 -46.88 -18.59
N VAL A 371 -1.96 -47.49 -19.08
CA VAL A 371 -1.40 -48.65 -18.39
C VAL A 371 -0.81 -48.23 -17.04
N ASN A 372 -0.28 -47.00 -16.96
CA ASN A 372 0.24 -46.51 -15.69
C ASN A 372 -0.89 -46.30 -14.69
N ALA A 373 -2.03 -45.75 -15.15
CA ALA A 373 -3.18 -45.59 -14.25
C ALA A 373 -3.69 -46.94 -13.76
N VAL A 374 -3.81 -47.92 -14.67
CA VAL A 374 -4.29 -49.24 -14.27
C VAL A 374 -3.33 -49.87 -13.26
N TYR A 375 -2.03 -49.78 -13.51
CA TYR A 375 -1.08 -50.41 -12.59
C TYR A 375 -0.99 -49.67 -11.28
N ALA A 376 -1.21 -48.35 -11.27
CA ALA A 376 -1.25 -47.60 -10.02
C ALA A 376 -2.47 -48.00 -9.20
N MET A 377 -3.63 -48.17 -9.85
CA MET A 377 -4.80 -48.65 -9.14
C MET A 377 -4.57 -50.06 -8.59
N ALA A 378 -3.92 -50.91 -9.37
CA ALA A 378 -3.63 -52.27 -8.90
C ALA A 378 -2.68 -52.24 -7.71
N HIS A 379 -1.66 -51.38 -7.75
CA HIS A 379 -0.73 -51.26 -6.63
C HIS A 379 -1.43 -50.74 -5.39
N ALA A 380 -2.34 -49.77 -5.57
CA ALA A 380 -3.10 -49.26 -4.43
C ALA A 380 -3.98 -50.34 -3.81
N LEU A 381 -4.64 -51.13 -4.66
CA LEU A 381 -5.46 -52.23 -4.15
C LEU A 381 -4.62 -53.26 -3.42
N HIS A 382 -3.44 -53.58 -3.98
CA HIS A 382 -2.55 -54.54 -3.32
C HIS A 382 -2.07 -54.03 -1.97
N ASN A 383 -1.70 -52.74 -1.90
CA ASN A 383 -1.27 -52.16 -0.64
C ASN A 383 -2.39 -52.15 0.38
N MET A 384 -3.62 -51.85 -0.07
CA MET A 384 -4.76 -51.88 0.85
C MET A 384 -5.01 -53.29 1.37
N HIS A 385 -4.96 -54.29 0.49
CA HIS A 385 -5.19 -55.67 0.91
C HIS A 385 -4.09 -56.14 1.85
N ARG A 386 -2.87 -55.66 1.65
CA ARG A 386 -1.76 -56.08 2.51
C ARG A 386 -1.83 -55.40 3.88
N ALA A 387 -2.23 -54.13 3.91
CA ALA A 387 -2.28 -53.39 5.17
C ALA A 387 -3.59 -53.61 5.93
N LEU A 388 -4.59 -54.22 5.30
CA LEU A 388 -5.87 -54.47 5.96
C LEU A 388 -5.96 -55.87 6.55
N CYS A 389 -5.76 -56.89 5.72
CA CYS A 389 -5.83 -58.29 6.14
C CYS A 389 -4.58 -59.02 5.64
N PRO A 390 -3.48 -58.95 6.39
CA PRO A 390 -2.26 -59.65 5.99
C PRO A 390 -2.22 -61.12 6.37
N ASN A 391 -3.35 -61.72 6.74
CA ASN A 391 -3.36 -63.12 7.14
C ASN A 391 -3.09 -64.04 5.96
N THR A 392 -3.71 -63.76 4.81
CA THR A 392 -3.54 -64.60 3.64
C THR A 392 -3.76 -63.77 2.39
N THR A 393 -3.30 -64.30 1.25
CA THR A 393 -3.44 -63.61 -0.03
C THR A 393 -4.86 -63.67 -0.57
N ARG A 394 -5.74 -64.49 0.00
CA ARG A 394 -7.10 -64.58 -0.47
C ARG A 394 -7.88 -63.32 -0.10
N LEU A 395 -9.06 -63.18 -0.71
CA LEU A 395 -9.91 -62.03 -0.46
C LEU A 395 -10.33 -61.98 1.01
N CYS A 396 -10.27 -60.79 1.59
CA CYS A 396 -10.67 -60.61 2.98
C CYS A 396 -12.18 -60.36 3.06
N ASP A 397 -12.84 -61.02 4.02
CA ASP A 397 -14.27 -60.86 4.19
C ASP A 397 -14.64 -59.54 4.85
N ALA A 398 -13.67 -58.78 5.35
CA ALA A 398 -13.92 -57.51 6.02
C ALA A 398 -13.84 -56.32 5.08
N MET A 399 -13.58 -56.54 3.79
CA MET A 399 -13.47 -55.46 2.83
C MET A 399 -14.47 -55.58 1.68
N ARG A 400 -15.56 -56.33 1.90
CA ARG A 400 -16.59 -56.43 0.86
C ARG A 400 -17.22 -55.08 0.53
N PRO A 401 -17.63 -54.24 1.50
CA PRO A 401 -18.05 -52.87 1.13
C PRO A 401 -16.85 -52.03 0.73
N VAL A 402 -16.81 -51.57 -0.52
CA VAL A 402 -15.67 -50.83 -1.03
C VAL A 402 -15.65 -49.46 -0.36
N ASN A 403 -14.62 -49.22 0.46
CA ASN A 403 -14.44 -47.93 1.13
C ASN A 403 -13.49 -47.10 0.28
N GLY A 404 -14.06 -46.16 -0.49
CA GLY A 404 -13.25 -45.36 -1.38
C GLY A 404 -12.44 -44.28 -0.69
N ARG A 405 -12.91 -43.78 0.44
CA ARG A 405 -12.20 -42.70 1.14
C ARG A 405 -10.83 -43.17 1.61
N ARG A 406 -10.76 -44.32 2.28
CA ARG A 406 -9.48 -44.84 2.75
C ARG A 406 -8.58 -45.22 1.59
N LEU A 407 -9.12 -45.95 0.61
CA LEU A 407 -8.32 -46.38 -0.53
C LEU A 407 -7.79 -45.18 -1.32
N TYR A 408 -8.49 -44.05 -1.26
CA TYR A 408 -8.03 -42.86 -1.96
C TYR A 408 -6.98 -42.11 -1.15
N LYS A 409 -7.34 -41.67 0.06
CA LYS A 409 -6.48 -40.80 0.84
C LYS A 409 -5.40 -41.55 1.61
N ASP A 410 -5.28 -42.86 1.46
CA ASP A 410 -4.25 -43.58 2.21
C ASP A 410 -3.27 -44.33 1.33
N PHE A 411 -3.68 -44.80 0.15
CA PHE A 411 -2.85 -45.68 -0.65
C PHE A 411 -2.48 -45.11 -2.01
N VAL A 412 -3.46 -44.66 -2.80
CA VAL A 412 -3.17 -44.29 -4.18
C VAL A 412 -2.43 -42.95 -4.24
N LEU A 413 -2.66 -42.07 -3.28
CA LEU A 413 -1.99 -40.77 -3.29
C LEU A 413 -0.49 -40.92 -3.07
N ASN A 414 -0.08 -41.86 -2.22
CA ASN A 414 1.33 -42.10 -1.92
C ASN A 414 1.71 -43.46 -2.48
N VAL A 415 2.12 -43.48 -3.75
CA VAL A 415 2.56 -44.69 -4.43
C VAL A 415 4.02 -44.52 -4.84
N LYS A 416 4.81 -45.56 -4.65
CA LYS A 416 6.23 -45.57 -5.00
C LYS A 416 6.53 -46.87 -5.75
N PHE A 417 6.50 -46.79 -7.08
CA PHE A 417 6.78 -47.96 -7.91
C PHE A 417 7.37 -47.52 -9.23
N ASP A 418 8.07 -48.44 -9.89
CA ASP A 418 8.70 -48.14 -11.16
C ASP A 418 7.68 -48.20 -12.30
N ALA A 419 8.00 -47.49 -13.38
CA ALA A 419 7.11 -47.46 -14.53
C ALA A 419 7.13 -48.81 -15.23
N PRO A 420 5.98 -49.30 -15.68
CA PRO A 420 5.94 -50.60 -16.35
C PRO A 420 6.45 -50.53 -17.79
N PHE A 421 7.06 -51.63 -18.23
CA PHE A 421 7.60 -51.75 -19.58
C PHE A 421 8.59 -50.62 -19.89
N ARG A 422 9.27 -50.15 -18.86
CA ARG A 422 10.23 -49.07 -19.02
C ARG A 422 11.58 -49.64 -19.47
N PRO A 423 12.19 -49.10 -20.52
CA PRO A 423 13.50 -49.60 -20.94
C PRO A 423 14.57 -49.32 -19.89
N ALA A 424 15.65 -50.10 -19.95
CA ALA A 424 16.73 -49.96 -18.98
C ALA A 424 17.45 -48.62 -19.09
N ASP A 425 17.24 -47.88 -20.19
CA ASP A 425 17.93 -46.60 -20.35
C ASP A 425 17.34 -45.54 -19.43
N THR A 426 16.01 -45.43 -19.39
CA THR A 426 15.37 -44.42 -18.56
C THR A 426 15.23 -44.89 -17.12
N HIS A 427 15.16 -43.93 -16.21
CA HIS A 427 14.98 -44.18 -14.78
C HIS A 427 13.92 -43.21 -14.28
N ASN A 428 12.66 -43.63 -14.32
CA ASN A 428 11.54 -42.80 -13.90
C ASN A 428 10.58 -43.61 -13.05
N GLU A 429 9.71 -42.90 -12.32
CA GLU A 429 8.72 -43.52 -11.46
C GLU A 429 7.39 -42.80 -11.65
N VAL A 430 6.38 -43.27 -10.92
CA VAL A 430 5.04 -42.70 -10.97
C VAL A 430 4.65 -42.28 -9.56
N ARG A 431 4.39 -40.98 -9.38
CA ARG A 431 4.01 -40.45 -8.08
C ARG A 431 2.91 -39.41 -8.27
N PHE A 432 2.25 -39.07 -7.16
CA PHE A 432 1.21 -38.06 -7.16
C PHE A 432 1.49 -37.07 -6.04
N ASP A 433 1.19 -35.80 -6.32
CA ASP A 433 1.38 -34.73 -5.35
C ASP A 433 0.20 -34.66 -4.39
N ARG A 434 0.13 -33.60 -3.59
CA ARG A 434 -0.98 -33.44 -2.67
C ARG A 434 -2.31 -33.25 -3.39
N PHE A 435 -2.28 -32.68 -4.59
CA PHE A 435 -3.47 -32.45 -5.39
C PHE A 435 -3.83 -33.67 -6.25
N GLY A 436 -3.17 -34.80 -6.06
CA GLY A 436 -3.46 -35.99 -6.84
C GLY A 436 -3.12 -35.87 -8.31
N ASP A 437 -2.09 -35.11 -8.64
CA ASP A 437 -1.67 -34.89 -10.02
C ASP A 437 -0.32 -35.56 -10.26
N GLY A 438 -0.15 -36.13 -11.45
CA GLY A 438 1.11 -36.78 -11.77
C GLY A 438 2.23 -35.79 -11.91
N ILE A 439 3.47 -36.30 -11.74
CA ILE A 439 4.65 -35.44 -11.84
C ILE A 439 4.84 -35.01 -13.29
N GLY A 440 5.43 -33.83 -13.47
CA GLY A 440 5.64 -33.29 -14.80
C GLY A 440 6.89 -33.79 -15.47
N ARG A 441 6.75 -34.72 -16.41
CA ARG A 441 7.86 -35.27 -17.18
C ARG A 441 7.65 -34.89 -18.64
N TYR A 442 8.53 -34.04 -19.17
CA TYR A 442 8.43 -33.58 -20.54
C TYR A 442 9.75 -33.83 -21.27
N ASN A 443 9.68 -33.74 -22.60
CA ASN A 443 10.85 -33.85 -23.46
C ASN A 443 11.00 -32.57 -24.26
N ILE A 444 12.25 -32.15 -24.47
CA ILE A 444 12.57 -30.93 -25.19
C ILE A 444 12.98 -31.31 -26.62
N PHE A 445 12.26 -30.77 -27.59
CA PHE A 445 12.55 -31.00 -29.01
C PHE A 445 13.06 -29.70 -29.62
N THR A 446 14.18 -29.78 -30.34
CA THR A 446 14.78 -28.64 -30.99
C THR A 446 14.67 -28.79 -32.50
N TYR A 447 14.35 -27.68 -33.17
CA TYR A 447 14.26 -27.63 -34.63
C TYR A 447 15.67 -27.60 -35.19
N LEU A 448 16.26 -28.77 -35.33
CA LEU A 448 17.64 -28.87 -35.79
C LEU A 448 17.73 -28.58 -37.28
N ARG A 449 18.67 -27.71 -37.65
CA ARG A 449 18.90 -27.34 -39.05
C ARG A 449 20.03 -28.17 -39.64
N ALA A 450 19.79 -29.48 -39.75
CA ALA A 450 20.80 -30.38 -40.27
C ALA A 450 20.97 -30.19 -41.77
N GLY A 451 22.22 -30.16 -42.22
CA GLY A 451 22.55 -29.97 -43.61
C GLY A 451 22.36 -31.19 -44.50
N SER A 452 21.72 -32.24 -43.99
CA SER A 452 21.49 -33.46 -44.76
C SER A 452 20.19 -33.41 -45.56
N GLY A 453 19.50 -32.28 -45.58
CA GLY A 453 18.26 -32.18 -46.33
C GLY A 453 17.14 -31.52 -45.55
N ARG A 454 16.05 -32.25 -45.35
CA ARG A 454 14.90 -31.69 -44.63
C ARG A 454 15.24 -31.47 -43.16
N TYR A 455 14.40 -30.67 -42.51
CA TYR A 455 14.57 -30.32 -41.10
C TYR A 455 13.53 -31.08 -40.28
N ARG A 456 13.97 -31.65 -39.16
CA ARG A 456 13.09 -32.40 -38.28
C ARG A 456 13.49 -32.15 -36.83
N TYR A 457 12.57 -32.48 -35.93
CA TYR A 457 12.82 -32.28 -34.50
C TYR A 457 13.87 -33.25 -33.99
N GLN A 458 14.68 -32.78 -33.04
CA GLN A 458 15.70 -33.60 -32.40
C GLN A 458 15.53 -33.52 -30.88
N LYS A 459 15.61 -34.67 -30.23
CA LYS A 459 15.48 -34.74 -28.78
C LYS A 459 16.79 -34.26 -28.14
N VAL A 460 16.69 -33.26 -27.28
CA VAL A 460 17.87 -32.67 -26.66
C VAL A 460 17.88 -32.79 -25.14
N GLY A 461 16.74 -32.95 -24.49
CA GLY A 461 16.74 -33.05 -23.04
C GLY A 461 15.36 -33.40 -22.52
N TYR A 462 15.29 -33.60 -21.22
CA TYR A 462 14.04 -33.94 -20.54
C TYR A 462 13.93 -33.13 -19.25
N TRP A 463 12.69 -32.94 -18.81
CA TRP A 463 12.40 -32.19 -17.59
C TRP A 463 11.41 -32.99 -16.75
N ALA A 464 11.90 -33.58 -15.66
CA ALA A 464 11.06 -34.34 -14.74
C ALA A 464 10.95 -33.66 -13.38
N GLU A 465 12.08 -33.38 -12.74
CA GLU A 465 12.10 -32.63 -11.48
C GLU A 465 13.13 -31.52 -11.58
N GLY A 466 14.14 -31.71 -12.42
CA GLY A 466 15.15 -30.70 -12.65
C GLY A 466 15.49 -30.62 -14.12
N LEU A 467 15.77 -29.41 -14.58
CA LEU A 467 16.05 -29.16 -15.98
C LEU A 467 17.48 -29.61 -16.29
N THR A 468 17.61 -30.70 -17.05
CA THR A 468 18.91 -31.25 -17.43
C THR A 468 18.94 -31.38 -18.95
N LEU A 469 19.52 -30.39 -19.62
CA LEU A 469 19.66 -30.40 -21.07
C LEU A 469 21.06 -29.93 -21.44
N ASP A 470 21.50 -30.33 -22.63
CA ASP A 470 22.80 -29.95 -23.16
C ASP A 470 22.64 -29.13 -24.42
N THR A 471 23.65 -28.32 -24.72
CA THR A 471 23.66 -27.49 -25.93
C THR A 471 24.44 -28.13 -27.07
N SER A 472 24.82 -29.41 -26.95
CA SER A 472 25.59 -30.07 -27.99
C SER A 472 24.75 -30.36 -29.23
N LEU A 473 23.42 -30.31 -29.12
CA LEU A 473 22.54 -30.57 -30.24
C LEU A 473 21.78 -29.34 -30.72
N ILE A 474 21.86 -28.23 -29.99
CA ILE A 474 21.17 -27.00 -30.38
C ILE A 474 21.96 -26.33 -31.50
N PRO A 475 21.33 -25.99 -32.63
CA PRO A 475 22.07 -25.38 -33.74
C PRO A 475 22.63 -24.00 -33.40
N TRP A 476 21.86 -23.17 -32.68
CA TRP A 476 22.29 -21.82 -32.36
C TRP A 476 23.02 -21.74 -31.02
N ALA A 477 23.42 -22.88 -30.45
CA ALA A 477 24.16 -22.89 -29.20
C ALA A 477 25.36 -23.83 -29.19
N SER A 478 25.53 -24.67 -30.21
CA SER A 478 26.64 -25.62 -30.24
C SER A 478 27.96 -24.96 -30.60
N PRO A 479 28.06 -24.22 -31.73
CA PRO A 479 29.36 -23.63 -32.07
C PRO A 479 29.69 -22.35 -31.32
N SER A 480 28.68 -21.63 -30.82
CA SER A 480 28.88 -20.37 -30.12
C SER A 480 29.65 -19.37 -30.99
N ALA A 481 29.39 -19.40 -32.29
CA ALA A 481 30.07 -18.48 -33.20
C ALA A 481 29.62 -17.05 -32.99
N GLY A 482 28.32 -16.84 -32.77
CA GLY A 482 27.80 -15.52 -32.53
C GLY A 482 27.21 -15.40 -31.13
N PRO A 483 26.58 -14.25 -30.84
CA PRO A 483 25.97 -14.07 -29.53
C PRO A 483 24.76 -14.97 -29.34
N LEU A 484 24.54 -15.36 -28.10
CA LEU A 484 23.40 -16.22 -27.79
C LEU A 484 22.10 -15.44 -28.00
N PRO A 485 21.11 -16.02 -28.69
CA PRO A 485 19.85 -15.30 -28.91
C PRO A 485 19.09 -15.08 -27.61
N ALA A 486 19.00 -13.83 -27.16
CA ALA A 486 18.32 -13.51 -25.92
C ALA A 486 17.78 -12.09 -26.02
N SER A 487 16.67 -11.85 -25.33
CA SER A 487 16.02 -10.55 -25.29
C SER A 487 16.20 -9.95 -23.89
N ARG A 488 16.87 -8.80 -23.83
CA ARG A 488 17.12 -8.11 -22.58
C ARG A 488 16.69 -6.65 -22.71
N CYS A 489 16.45 -6.01 -21.56
CA CYS A 489 15.86 -4.68 -21.53
C CYS A 489 16.82 -3.62 -20.99
N SER A 490 17.33 -3.78 -19.77
CA SER A 490 18.11 -2.73 -19.14
C SER A 490 19.30 -3.28 -18.36
N GLU A 491 19.91 -4.36 -18.83
CA GLU A 491 20.98 -4.98 -18.07
C GLU A 491 22.29 -4.18 -18.09
N PRO A 492 22.77 -3.61 -19.23
CA PRO A 492 24.13 -3.07 -19.23
C PRO A 492 24.24 -1.68 -18.62
N CYS A 493 24.74 -1.61 -17.39
CA CYS A 493 25.19 -0.40 -16.72
C CYS A 493 25.67 -0.79 -15.32
N LEU A 494 26.42 0.11 -14.70
CA LEU A 494 26.99 -0.14 -13.38
C LEU A 494 26.60 0.96 -12.40
N GLN A 495 27.21 0.96 -11.22
CA GLN A 495 26.90 1.96 -10.21
C GLN A 495 27.68 3.25 -10.47
N ASN A 496 27.60 3.75 -11.69
CA ASN A 496 28.19 5.02 -12.09
C ASN A 496 27.20 5.93 -12.82
N GLU A 497 26.30 5.35 -13.61
CA GLU A 497 25.23 6.07 -14.30
C GLU A 497 23.93 5.41 -13.86
N VAL A 498 23.28 6.01 -12.85
CA VAL A 498 22.21 5.36 -12.12
C VAL A 498 20.82 5.71 -12.63
N LYS A 499 20.70 6.72 -13.50
CA LYS A 499 19.39 7.21 -13.88
C LYS A 499 18.56 6.11 -14.56
N SER A 500 17.26 6.14 -14.34
CA SER A 500 16.35 5.16 -14.91
C SER A 500 15.11 5.87 -15.43
N VAL A 501 14.69 5.53 -16.64
CA VAL A 501 13.48 6.09 -17.24
C VAL A 501 12.61 4.95 -17.74
N GLN A 502 11.33 5.00 -17.39
CA GLN A 502 10.37 3.94 -17.75
C GLN A 502 9.19 4.58 -18.50
N PRO A 503 9.14 4.46 -19.82
CA PRO A 503 8.04 5.07 -20.58
C PRO A 503 6.70 4.41 -20.31
N GLY A 504 6.63 3.08 -20.45
CA GLY A 504 5.38 2.37 -20.25
C GLY A 504 5.53 1.00 -19.63
N GLU A 505 6.73 0.66 -19.18
CA GLU A 505 7.03 -0.64 -18.61
C GLU A 505 7.38 -0.50 -17.13
N VAL A 506 6.94 -1.47 -16.34
CA VAL A 506 7.14 -1.45 -14.90
C VAL A 506 8.23 -2.43 -14.46
N CYS A 507 8.27 -3.61 -15.07
CA CYS A 507 9.25 -4.63 -14.67
C CYS A 507 10.68 -4.16 -14.97
N CYS A 508 10.98 -3.90 -16.23
CA CYS A 508 12.28 -3.38 -16.62
C CYS A 508 12.19 -1.88 -16.84
N TRP A 509 13.31 -1.29 -17.25
CA TRP A 509 13.38 0.16 -17.40
C TRP A 509 14.38 0.48 -18.51
N LEU A 510 14.82 1.73 -18.56
CA LEU A 510 15.88 2.16 -19.46
C LEU A 510 16.96 2.84 -18.63
N CYS A 511 18.17 2.27 -18.65
CA CYS A 511 19.28 2.75 -17.85
C CYS A 511 19.97 3.90 -18.57
N ILE A 512 19.82 5.10 -18.03
CA ILE A 512 20.32 6.33 -18.65
C ILE A 512 21.19 7.06 -17.63
N PRO A 513 22.32 7.64 -18.05
CA PRO A 513 23.13 8.45 -17.13
C PRO A 513 22.38 9.70 -16.70
N CYS A 514 22.71 10.18 -15.50
CA CYS A 514 22.13 11.38 -14.92
C CYS A 514 23.16 12.50 -14.95
N GLN A 515 22.82 13.64 -14.35
CA GLN A 515 23.73 14.76 -14.30
C GLN A 515 24.92 14.43 -13.40
N PRO A 516 26.14 14.83 -13.77
CA PRO A 516 27.30 14.52 -12.94
C PRO A 516 27.28 15.20 -11.58
N TYR A 517 26.60 16.33 -11.46
CA TYR A 517 26.51 17.07 -10.20
C TYR A 517 25.38 16.58 -9.31
N GLU A 518 24.68 15.52 -9.70
CA GLU A 518 23.57 14.98 -8.94
C GLU A 518 24.03 13.75 -8.17
N TYR A 519 23.61 13.65 -6.91
CA TYR A 519 23.98 12.50 -6.09
C TYR A 519 23.26 11.25 -6.54
N ARG A 520 23.83 10.09 -6.19
CA ARG A 520 23.27 8.79 -6.52
C ARG A 520 22.93 8.07 -5.22
N LEU A 521 21.64 8.02 -4.89
CA LEU A 521 21.19 7.34 -3.68
C LEU A 521 19.96 6.46 -3.89
N ASP A 522 19.41 6.41 -5.10
CA ASP A 522 18.23 5.60 -5.39
C ASP A 522 18.33 5.05 -6.79
N GLU A 523 17.89 3.81 -6.96
CA GLU A 523 18.04 3.09 -8.22
C GLU A 523 16.88 3.33 -9.19
N PHE A 524 15.91 4.16 -8.82
CA PHE A 524 14.77 4.45 -9.69
C PHE A 524 14.69 5.90 -10.13
N THR A 525 15.17 6.84 -9.30
CA THR A 525 15.14 8.25 -9.63
C THR A 525 16.47 8.88 -9.26
N CYS A 526 16.78 9.99 -9.94
CA CYS A 526 18.02 10.74 -9.71
C CYS A 526 17.69 12.03 -8.98
N ALA A 527 18.36 12.24 -7.84
CA ALA A 527 18.13 13.41 -7.01
C ALA A 527 19.17 14.48 -7.34
N ASP A 528 18.69 15.67 -7.69
CA ASP A 528 19.57 16.79 -8.02
C ASP A 528 19.72 17.69 -6.80
N CYS A 529 20.96 17.81 -6.31
CA CYS A 529 21.23 18.62 -5.14
C CYS A 529 21.53 20.06 -5.57
N GLY A 530 22.01 20.88 -4.63
CA GLY A 530 22.29 22.26 -4.93
C GLY A 530 23.50 22.44 -5.84
N LEU A 531 23.53 23.60 -6.51
CA LEU A 531 24.63 23.90 -7.42
C LEU A 531 25.90 24.31 -6.68
N GLY A 532 25.77 24.87 -5.48
CA GLY A 532 26.91 25.33 -4.72
C GLY A 532 27.73 24.24 -4.06
N TYR A 533 27.42 22.98 -4.30
CA TYR A 533 28.17 21.88 -3.70
C TYR A 533 28.02 20.64 -4.57
N TRP A 534 29.01 19.76 -4.49
CA TRP A 534 29.07 18.55 -5.31
C TRP A 534 28.88 17.32 -4.44
N PRO A 535 28.31 16.24 -5.01
CA PRO A 535 28.13 15.02 -4.23
C PRO A 535 29.45 14.36 -3.87
N ASN A 536 29.40 13.53 -2.83
CA ASN A 536 30.56 12.81 -2.33
C ASN A 536 30.59 11.39 -2.91
N ALA A 537 31.80 10.83 -2.96
CA ALA A 537 32.01 9.48 -3.47
C ALA A 537 31.78 8.40 -2.43
N SER A 538 31.44 8.77 -1.20
CA SER A 538 31.19 7.81 -0.14
C SER A 538 29.79 7.22 -0.17
N LEU A 539 28.98 7.59 -1.17
CA LEU A 539 27.62 7.07 -1.35
C LEU A 539 26.76 7.38 -0.11
N THR A 540 26.72 8.66 0.24
CA THR A 540 25.93 9.12 1.37
C THR A 540 24.99 10.27 1.04
N GLY A 541 25.16 10.93 -0.10
CA GLY A 541 24.33 12.05 -0.49
C GLY A 541 25.17 13.11 -1.16
N CYS A 542 24.64 14.33 -1.18
CA CYS A 542 25.32 15.47 -1.78
C CYS A 542 25.41 16.58 -0.74
N PHE A 543 26.63 16.90 -0.33
CA PHE A 543 26.86 17.91 0.70
C PHE A 543 28.00 18.82 0.23
N GLU A 544 28.47 19.68 1.13
CA GLU A 544 29.52 20.63 0.80
C GLU A 544 30.84 19.92 0.59
N LEU A 545 31.67 20.48 -0.30
CA LEU A 545 32.99 19.95 -0.60
C LEU A 545 34.06 20.92 -0.12
N PRO A 546 35.11 20.44 0.54
CA PRO A 546 36.10 21.36 1.12
C PRO A 546 36.83 22.14 0.04
N GLN A 547 37.01 23.44 0.31
CA GLN A 547 37.67 24.35 -0.61
C GLN A 547 39.03 24.75 -0.05
N GLU A 548 39.71 25.65 -0.76
CA GLU A 548 41.04 26.11 -0.39
C GLU A 548 40.96 27.52 0.20
N TYR A 549 41.77 27.77 1.22
CA TYR A 549 41.79 29.08 1.85
C TYR A 549 42.33 30.15 0.92
N ILE A 550 43.41 29.83 0.20
CA ILE A 550 44.04 30.74 -0.75
C ILE A 550 43.69 30.28 -2.16
N ARG A 551 43.17 31.20 -2.97
CA ARG A 551 42.76 30.88 -4.33
C ARG A 551 43.61 31.57 -5.40
N TRP A 552 44.07 32.79 -5.15
CA TRP A 552 44.87 33.50 -6.14
C TRP A 552 46.23 32.86 -6.28
N GLY A 553 46.72 32.79 -7.52
CA GLY A 553 48.02 32.20 -7.77
C GLY A 553 49.14 33.07 -7.23
N ASP A 554 50.28 32.43 -6.95
CA ASP A 554 51.42 33.14 -6.40
C ASP A 554 52.00 34.12 -7.41
N ALA A 555 52.05 33.72 -8.69
CA ALA A 555 52.61 34.60 -9.71
C ALA A 555 51.78 35.85 -9.91
N TRP A 556 50.45 35.70 -9.88
CA TRP A 556 49.58 36.87 -10.06
C TRP A 556 49.53 37.72 -8.81
N ALA A 557 49.55 37.10 -7.63
CA ALA A 557 49.53 37.84 -6.37
C ALA A 557 50.87 38.47 -6.02
N VAL A 558 51.95 38.08 -6.70
CA VAL A 558 53.26 38.69 -6.42
C VAL A 558 53.29 40.13 -6.89
N GLY A 559 52.50 40.47 -7.90
CA GLY A 559 52.46 41.82 -8.41
C GLY A 559 51.89 42.80 -7.40
N PRO A 560 50.73 42.47 -6.84
CA PRO A 560 50.16 43.35 -5.80
C PRO A 560 51.01 43.43 -4.55
N VAL A 561 51.61 42.31 -4.14
CA VAL A 561 52.48 42.33 -2.97
C VAL A 561 53.72 43.19 -3.24
N THR A 562 54.28 43.08 -4.45
CA THR A 562 55.44 43.90 -4.79
C THR A 562 55.07 45.38 -4.84
N ILE A 563 53.89 45.69 -5.37
CA ILE A 563 53.44 47.09 -5.42
C ILE A 563 53.25 47.64 -4.02
N ALA A 564 52.66 46.84 -3.12
CA ALA A 564 52.47 47.27 -1.75
C ALA A 564 53.81 47.46 -1.04
N CYS A 565 54.77 46.57 -1.29
CA CYS A 565 56.08 46.70 -0.68
C CYS A 565 56.79 47.95 -1.19
N LEU A 566 56.68 48.23 -2.49
CA LEU A 566 57.30 49.43 -3.05
C LEU A 566 56.66 50.70 -2.47
N GLY A 567 55.33 50.69 -2.33
CA GLY A 567 54.67 51.84 -1.73
C GLY A 567 55.06 52.04 -0.28
N ALA A 568 55.18 50.95 0.48
CA ALA A 568 55.62 51.05 1.87
C ALA A 568 57.05 51.57 1.96
N LEU A 569 57.92 51.10 1.07
CA LEU A 569 59.30 51.58 1.07
C LEU A 569 59.37 53.05 0.72
N ALA A 570 58.56 53.49 -0.24
CA ALA A 570 58.54 54.91 -0.60
C ALA A 570 58.02 55.76 0.55
N THR A 571 56.96 55.30 1.23
CA THR A 571 56.45 56.03 2.38
C THR A 571 57.47 56.11 3.50
N LEU A 572 58.19 55.01 3.75
CA LEU A 572 59.21 55.01 4.79
C LEU A 572 60.36 55.95 4.43
N PHE A 573 60.76 55.97 3.16
CA PHE A 573 61.82 56.89 2.73
C PHE A 573 61.37 58.34 2.87
N VAL A 574 60.12 58.63 2.52
CA VAL A 574 59.60 59.99 2.67
C VAL A 574 59.57 60.39 4.13
N LEU A 575 59.14 59.47 5.00
CA LEU A 575 59.10 59.78 6.43
C LEU A 575 60.49 60.00 6.99
N GLY A 576 61.46 59.19 6.56
CA GLY A 576 62.83 59.38 7.01
C GLY A 576 63.42 60.69 6.53
N VAL A 577 63.12 61.07 5.29
CA VAL A 577 63.62 62.34 4.77
C VAL A 577 62.98 63.52 5.50
N PHE A 578 61.70 63.38 5.87
CA PHE A 578 61.03 64.44 6.62
C PHE A 578 61.58 64.54 8.04
N VAL A 579 61.92 63.39 8.64
CA VAL A 579 62.44 63.40 10.01
C VAL A 579 63.86 63.97 10.02
N ARG A 580 64.69 63.58 9.05
CA ARG A 580 66.05 64.10 9.00
C ARG A 580 66.07 65.59 8.70
N HIS A 581 65.29 66.02 7.70
CA HIS A 581 65.20 67.43 7.34
C HIS A 581 64.06 68.12 8.09
N ASN A 582 64.06 68.01 9.41
CA ASN A 582 63.02 68.63 10.22
C ASN A 582 63.23 70.12 10.42
N ALA A 583 64.44 70.61 10.17
CA ALA A 583 64.75 72.03 10.33
C ALA A 583 64.75 72.79 9.00
N THR A 584 64.20 72.19 7.95
CA THR A 584 64.16 72.86 6.66
C THR A 584 63.15 74.00 6.69
N PRO A 585 63.42 75.10 5.99
CA PRO A 585 62.46 76.21 5.98
C PRO A 585 61.14 75.86 5.33
N VAL A 586 61.13 74.92 4.38
CA VAL A 586 59.89 74.55 3.71
C VAL A 586 59.00 73.73 4.65
N VAL A 587 59.61 72.81 5.39
CA VAL A 587 58.83 71.97 6.30
C VAL A 587 58.47 72.71 7.58
N LYS A 588 59.20 73.76 7.94
CA LYS A 588 58.87 74.52 9.14
C LYS A 588 57.54 75.25 8.99
N ALA A 589 57.36 75.95 7.87
CA ALA A 589 56.10 76.64 7.59
C ALA A 589 55.15 75.75 6.79
N SER A 590 54.89 74.55 7.31
CA SER A 590 54.02 73.59 6.65
C SER A 590 53.56 72.57 7.69
N GLY A 591 52.72 71.65 7.25
CA GLY A 591 52.16 70.63 8.12
C GLY A 591 53.07 69.43 8.32
N ARG A 592 54.11 69.59 9.15
CA ARG A 592 54.99 68.48 9.44
C ARG A 592 54.22 67.34 10.11
N GLU A 593 53.42 67.66 11.12
CA GLU A 593 52.54 66.66 11.71
C GLU A 593 51.53 66.15 10.69
N LEU A 594 51.05 67.05 9.81
CA LEU A 594 50.16 66.63 8.75
C LEU A 594 50.88 65.75 7.73
N CYS A 595 52.16 66.02 7.48
CA CYS A 595 52.94 65.15 6.61
C CYS A 595 53.11 63.77 7.22
N TYR A 596 53.34 63.72 8.53
CA TYR A 596 53.43 62.43 9.22
C TYR A 596 52.11 61.68 9.17
N ILE A 597 50.99 62.41 9.31
CA ILE A 597 49.67 61.79 9.22
C ILE A 597 49.43 61.25 7.82
N LEU A 598 49.87 61.99 6.80
CA LEU A 598 49.72 61.51 5.43
C LEU A 598 50.58 60.28 5.17
N LEU A 599 51.79 60.24 5.73
CA LEU A 599 52.64 59.06 5.61
C LEU A 599 51.99 57.86 6.30
N GLY A 600 51.40 58.08 7.48
CA GLY A 600 50.69 57.00 8.16
C GLY A 600 49.50 56.52 7.37
N GLY A 601 48.77 57.43 6.73
CA GLY A 601 47.66 57.02 5.89
C GLY A 601 48.11 56.24 4.67
N VAL A 602 49.25 56.62 4.09
CA VAL A 602 49.80 55.87 2.97
C VAL A 602 50.21 54.47 3.41
N PHE A 603 50.82 54.36 4.59
CA PHE A 603 51.16 53.05 5.13
C PHE A 603 49.91 52.21 5.37
N LEU A 604 48.84 52.85 5.87
CA LEU A 604 47.60 52.13 6.14
C LEU A 604 46.96 51.64 4.84
N CYS A 605 46.96 52.48 3.81
CA CYS A 605 46.35 52.07 2.55
C CYS A 605 47.18 50.97 1.88
N TYR A 606 48.51 51.04 2.01
CA TYR A 606 49.35 49.96 1.50
C TYR A 606 49.07 48.65 2.24
N CYS A 607 48.92 48.71 3.56
CA CYS A 607 48.62 47.52 4.34
C CYS A 607 47.25 46.95 3.96
N MET A 608 46.27 47.84 3.70
CA MET A 608 44.95 47.38 3.30
C MET A 608 44.99 46.72 1.92
N THR A 609 45.76 47.30 0.99
CA THR A 609 45.89 46.70 -0.33
C THR A 609 46.60 45.36 -0.25
N PHE A 610 47.56 45.22 0.67
CA PHE A 610 48.25 43.95 0.84
C PHE A 610 47.33 42.90 1.45
N ILE A 611 46.51 43.30 2.44
CA ILE A 611 45.60 42.36 3.11
C ILE A 611 44.37 42.04 2.28
N PHE A 612 44.09 42.83 1.23
CA PHE A 612 42.93 42.59 0.39
C PHE A 612 43.05 41.31 -0.44
N ILE A 613 44.23 40.69 -0.48
CA ILE A 613 44.43 39.47 -1.26
C ILE A 613 44.66 38.29 -0.32
N ALA A 614 44.11 38.38 0.88
CA ALA A 614 44.25 37.31 1.86
C ALA A 614 43.17 36.24 1.61
N LYS A 615 43.03 35.32 2.56
CA LYS A 615 42.00 34.28 2.44
C LYS A 615 40.62 34.89 2.52
N PRO A 616 39.79 34.75 1.49
CA PRO A 616 38.48 35.42 1.51
C PRO A 616 37.51 34.76 2.49
N SER A 617 36.79 35.60 3.23
CA SER A 617 35.78 35.16 4.18
C SER A 617 34.92 36.35 4.53
N THR A 618 34.06 36.17 5.53
CA THR A 618 33.21 37.27 5.99
C THR A 618 34.05 38.42 6.55
N ALA A 619 34.77 38.16 7.64
CA ALA A 619 35.59 39.20 8.25
C ALA A 619 36.62 39.74 7.26
N VAL A 620 37.14 38.87 6.40
CA VAL A 620 38.15 39.30 5.42
C VAL A 620 37.54 40.34 4.48
N CYS A 621 36.37 40.05 3.93
CA CYS A 621 35.77 40.96 2.96
C CYS A 621 35.32 42.26 3.64
N THR A 622 34.75 42.16 4.84
CA THR A 622 34.35 43.38 5.55
C THR A 622 35.56 44.25 5.86
N LEU A 623 36.65 43.65 6.36
CA LEU A 623 37.84 44.43 6.65
C LEU A 623 38.44 45.01 5.37
N ARG A 624 38.36 44.29 4.26
CA ARG A 624 38.90 44.79 3.01
C ARG A 624 38.13 46.01 2.53
N ARG A 625 36.80 45.94 2.53
CA ARG A 625 36.01 47.09 2.07
C ARG A 625 36.15 48.26 3.05
N LEU A 626 36.21 47.98 4.35
CA LEU A 626 36.41 49.05 5.33
C LEU A 626 37.76 49.71 5.15
N GLY A 627 38.80 48.92 4.85
CA GLY A 627 40.11 49.50 4.62
C GLY A 627 40.18 50.32 3.35
N LEU A 628 39.48 49.87 2.30
CA LEU A 628 39.41 50.67 1.07
C LEU A 628 38.71 52.00 1.33
N GLY A 629 37.57 51.96 2.03
CA GLY A 629 36.88 53.20 2.35
C GLY A 629 37.71 54.13 3.23
N THR A 630 38.40 53.56 4.22
CA THR A 630 39.23 54.37 5.11
C THR A 630 40.42 54.95 4.36
N ALA A 631 40.97 54.21 3.40
CA ALA A 631 42.07 54.72 2.60
C ALA A 631 41.61 55.89 1.73
N PHE A 632 40.45 55.74 1.09
CA PHE A 632 39.90 56.85 0.31
C PHE A 632 39.66 58.06 1.18
N SER A 633 39.06 57.86 2.36
CA SER A 633 38.77 58.98 3.25
C SER A 633 40.05 59.66 3.73
N VAL A 634 41.07 58.88 4.08
CA VAL A 634 42.29 59.46 4.63
C VAL A 634 43.09 60.15 3.54
N CYS A 635 43.03 59.66 2.31
CA CYS A 635 43.72 60.35 1.22
C CYS A 635 43.02 61.66 0.89
N TYR A 636 41.68 61.65 0.88
CA TYR A 636 40.94 62.89 0.69
C TYR A 636 41.25 63.89 1.79
N SER A 637 41.32 63.42 3.04
CA SER A 637 41.61 64.30 4.16
C SER A 637 43.03 64.86 4.08
N ALA A 638 43.99 64.02 3.66
CA ALA A 638 45.36 64.48 3.52
C ALA A 638 45.48 65.55 2.44
N LEU A 639 44.81 65.34 1.30
CA LEU A 639 44.82 66.35 0.25
C LEU A 639 44.16 67.65 0.72
N LEU A 640 43.03 67.53 1.41
CA LEU A 640 42.34 68.73 1.91
C LEU A 640 43.19 69.48 2.92
N THR A 641 43.91 68.75 3.78
CA THR A 641 44.76 69.40 4.76
C THR A 641 45.97 70.07 4.09
N LYS A 642 46.59 69.39 3.14
CA LYS A 642 47.71 69.98 2.42
C LYS A 642 47.27 71.23 1.66
N THR A 643 46.02 71.26 1.19
CA THR A 643 45.51 72.44 0.52
C THR A 643 45.10 73.53 1.51
N TYR A 644 44.79 73.14 2.75
CA TYR A 644 44.27 74.08 3.73
C TYR A 644 45.29 74.44 4.83
N ARG A 645 45.93 73.43 5.43
CA ARG A 645 46.82 73.70 6.55
C ARG A 645 48.07 74.48 6.14
N ILE A 646 48.37 74.54 4.85
CA ILE A 646 49.53 75.30 4.40
C ILE A 646 49.33 76.78 4.68
N ALA A 647 48.11 77.28 4.50
CA ALA A 647 47.80 78.68 4.75
C ALA A 647 47.22 78.87 6.15
N ILE A 663 41.15 78.62 10.12
CA ILE A 663 42.29 78.18 9.32
C ILE A 663 43.56 78.24 10.15
N SER A 664 43.42 78.08 11.46
CA SER A 664 44.56 78.12 12.36
C SER A 664 45.38 76.83 12.22
N PRO A 665 46.58 76.81 12.79
CA PRO A 665 47.42 75.60 12.69
C PRO A 665 46.89 74.42 13.47
N ALA A 666 46.01 74.66 14.46
CA ALA A 666 45.45 73.58 15.26
C ALA A 666 44.02 73.22 14.87
N SER A 667 43.35 74.05 14.06
CA SER A 667 41.99 73.77 13.65
C SER A 667 41.91 72.96 12.36
N GLN A 668 42.91 73.10 11.47
CA GLN A 668 42.89 72.37 10.22
C GLN A 668 42.98 70.86 10.44
N VAL A 669 43.97 70.42 11.23
CA VAL A 669 44.10 69.00 11.52
C VAL A 669 42.88 68.51 12.30
N ALA A 670 42.32 69.37 13.16
CA ALA A 670 41.15 69.00 13.93
C ALA A 670 39.96 68.70 13.02
N ILE A 671 39.65 69.61 12.10
CA ILE A 671 38.52 69.39 11.21
C ILE A 671 38.81 68.27 10.23
N CYS A 672 40.08 68.06 9.88
CA CYS A 672 40.43 66.93 9.02
C CYS A 672 40.15 65.61 9.71
N LEU A 673 40.60 65.47 10.96
CA LEU A 673 40.31 64.25 11.71
C LEU A 673 38.82 64.09 11.94
N ALA A 674 38.10 65.20 12.13
CA ALA A 674 36.66 65.14 12.35
C ALA A 674 35.95 64.60 11.11
N LEU A 675 36.29 65.14 9.92
CA LEU A 675 35.65 64.66 8.71
C LEU A 675 36.06 63.23 8.39
N ILE A 676 37.31 62.86 8.70
CA ILE A 676 37.73 61.48 8.49
C ILE A 676 36.94 60.53 9.37
N SER A 677 36.76 60.88 10.64
CA SER A 677 35.97 60.04 11.54
C SER A 677 34.51 59.98 11.11
N GLY A 678 33.97 61.09 10.62
CA GLY A 678 32.59 61.09 10.14
C GLY A 678 32.41 60.18 8.93
N GLN A 679 33.33 60.26 7.97
CA GLN A 679 33.27 59.38 6.81
C GLN A 679 33.44 57.92 7.21
N LEU A 680 34.32 57.65 8.18
CA LEU A 680 34.52 56.29 8.64
C LEU A 680 33.26 55.73 9.29
N LEU A 681 32.62 56.54 10.15
CA LEU A 681 31.35 56.11 10.74
C LEU A 681 30.29 55.89 9.68
N ILE A 682 30.25 56.75 8.66
CA ILE A 682 29.25 56.60 7.60
C ILE A 682 29.45 55.29 6.86
N VAL A 683 30.70 54.99 6.47
CA VAL A 683 30.95 53.79 5.69
C VAL A 683 30.78 52.54 6.55
N VAL A 684 31.12 52.61 7.84
CA VAL A 684 30.95 51.44 8.69
C VAL A 684 29.47 51.17 8.95
N ALA A 685 28.67 52.23 9.05
CA ALA A 685 27.22 52.04 9.16
C ALA A 685 26.66 51.46 7.88
N TRP A 686 27.09 51.97 6.73
CA TRP A 686 26.60 51.46 5.45
C TRP A 686 26.99 50.00 5.24
N LEU A 687 28.13 49.58 5.78
CA LEU A 687 28.53 48.20 5.64
C LEU A 687 27.94 47.29 6.69
N VAL A 688 27.53 47.83 7.84
CA VAL A 688 26.93 46.98 8.87
C VAL A 688 25.42 46.84 8.69
N VAL A 689 24.77 47.80 8.02
CA VAL A 689 23.34 47.68 7.81
C VAL A 689 23.00 46.57 6.82
N GLU A 690 23.93 46.19 5.96
CA GLU A 690 23.71 45.15 4.97
C GLU A 690 23.93 43.78 5.62
N ALA A 691 23.93 42.73 4.79
CA ALA A 691 24.12 41.35 5.25
C ALA A 691 25.28 40.75 4.47
N PRO A 692 26.52 40.96 4.92
CA PRO A 692 27.70 40.41 4.23
C PRO A 692 27.92 38.92 4.54
N GLY A 693 27.22 38.08 3.78
CA GLY A 693 27.34 36.64 3.95
C GLY A 693 28.65 36.11 3.42
N THR A 694 28.79 34.78 3.49
CA THR A 694 29.98 34.07 3.06
C THR A 694 29.62 32.93 2.12
N GLY A 695 28.71 33.18 1.19
CA GLY A 695 28.31 32.15 0.25
C GLY A 695 29.34 31.94 -0.84
N LYS A 696 29.31 30.74 -1.42
CA LYS A 696 30.20 30.35 -2.51
C LYS A 696 29.40 30.19 -3.79
N GLU A 697 29.77 30.93 -4.82
CA GLU A 697 29.08 30.92 -6.10
C GLU A 697 30.06 30.59 -7.21
N THR A 698 29.68 29.68 -8.09
CA THR A 698 30.49 29.27 -9.23
C THR A 698 29.84 29.73 -10.52
N ALA A 699 30.63 30.35 -11.39
CA ALA A 699 30.08 30.84 -12.66
C ALA A 699 29.61 29.72 -13.57
N PRO A 700 30.38 28.66 -13.83
CA PRO A 700 29.87 27.58 -14.69
C PRO A 700 28.73 26.83 -14.02
N GLU A 701 27.97 26.10 -14.85
CA GLU A 701 26.81 25.38 -14.34
C GLU A 701 27.23 24.17 -13.50
N ARG A 702 28.20 23.39 -13.99
CA ARG A 702 28.66 22.18 -13.32
C ARG A 702 30.15 22.34 -13.03
N ARG A 703 30.46 22.95 -11.88
CA ARG A 703 31.83 23.13 -11.44
C ARG A 703 31.85 23.22 -9.93
N GLU A 704 33.03 22.99 -9.35
CA GLU A 704 33.18 23.07 -7.90
C GLU A 704 33.14 24.52 -7.45
N VAL A 705 32.34 24.79 -6.42
CA VAL A 705 32.17 26.14 -5.90
C VAL A 705 33.27 26.43 -4.88
N VAL A 706 33.95 27.55 -5.07
CA VAL A 706 35.00 27.99 -4.15
C VAL A 706 34.76 29.45 -3.81
N THR A 707 35.21 29.86 -2.61
CA THR A 707 35.03 31.23 -2.18
C THR A 707 35.94 32.16 -2.98
N LEU A 708 35.33 33.07 -3.74
CA LEU A 708 36.08 34.03 -4.55
C LEU A 708 35.77 35.46 -4.16
N ARG A 709 34.49 35.81 -4.01
CA ARG A 709 34.09 37.15 -3.64
C ARG A 709 33.08 37.09 -2.50
N CYS A 710 33.01 38.18 -1.74
CA CYS A 710 32.08 38.25 -0.62
C CYS A 710 30.66 38.44 -1.11
N ASN A 711 29.70 38.18 -0.23
CA ASN A 711 28.28 38.32 -0.57
C ASN A 711 27.83 39.76 -0.65
N HIS A 712 28.71 40.73 -0.36
CA HIS A 712 28.36 42.15 -0.43
C HIS A 712 28.33 42.57 -1.90
N ARG A 713 27.24 42.21 -2.56
CA ARG A 713 27.06 42.51 -3.98
C ARG A 713 26.53 43.93 -4.13
N ASP A 714 26.07 44.26 -5.35
CA ASP A 714 25.57 45.60 -5.65
C ASP A 714 24.42 45.98 -4.72
N ALA A 715 24.64 47.02 -3.91
CA ALA A 715 23.64 47.49 -2.97
C ALA A 715 23.81 48.99 -2.78
N SER A 716 23.18 49.53 -1.74
CA SER A 716 23.26 50.97 -1.48
C SER A 716 24.55 51.36 -0.75
N MET A 717 25.25 50.40 -0.15
CA MET A 717 26.47 50.71 0.59
C MET A 717 27.56 51.22 -0.36
N LEU A 718 27.83 50.48 -1.43
CA LEU A 718 28.82 50.93 -2.39
C LEU A 718 28.39 52.21 -3.09
N GLY A 719 27.08 52.39 -3.30
CA GLY A 719 26.62 53.65 -3.88
C GLY A 719 26.88 54.84 -2.97
N SER A 720 26.60 54.69 -1.68
CA SER A 720 26.91 55.76 -0.73
C SER A 720 28.40 56.01 -0.63
N LEU A 721 29.20 54.94 -0.69
CA LEU A 721 30.66 55.12 -0.67
C LEU A 721 31.13 55.89 -1.89
N ALA A 722 30.60 55.55 -3.07
CA ALA A 722 30.97 56.27 -4.29
C ALA A 722 30.52 57.72 -4.23
N TYR A 723 29.34 57.98 -3.66
CA TYR A 723 28.87 59.35 -3.52
C TYR A 723 29.76 60.14 -2.58
N ASN A 724 30.20 59.53 -1.48
CA ASN A 724 31.11 60.22 -0.57
C ASN A 724 32.46 60.47 -1.23
N VAL A 725 32.94 59.51 -2.02
CA VAL A 725 34.21 59.70 -2.73
C VAL A 725 34.08 60.83 -3.75
N LEU A 726 32.94 60.91 -4.43
CA LEU A 726 32.73 61.97 -5.40
C LEU A 726 32.64 63.34 -4.71
N LEU A 727 31.99 63.39 -3.56
CA LEU A 727 31.94 64.65 -2.81
C LEU A 727 33.33 65.07 -2.33
N ILE A 728 34.13 64.10 -1.88
CA ILE A 728 35.50 64.41 -1.46
C ILE A 728 36.32 64.91 -2.64
N ALA A 729 36.14 64.29 -3.81
CA ALA A 729 36.86 64.74 -5.00
C ALA A 729 36.42 66.14 -5.42
N LEU A 730 35.13 66.44 -5.29
CA LEU A 730 34.65 67.77 -5.61
C LEU A 730 35.22 68.81 -4.65
N CYS A 731 35.29 68.48 -3.36
CA CYS A 731 35.90 69.39 -2.39
C CYS A 731 37.39 69.59 -2.69
N THR A 732 38.08 68.51 -3.06
CA THR A 732 39.49 68.63 -3.42
C THR A 732 39.69 69.51 -4.64
N LEU A 733 38.81 69.37 -5.64
CA LEU A 733 38.91 70.22 -6.83
C LEU A 733 38.62 71.67 -6.49
N TYR A 734 37.63 71.91 -5.61
CA TYR A 734 37.34 73.28 -5.18
C TYR A 734 38.53 73.90 -4.45
N ALA A 735 39.22 73.10 -3.62
CA ALA A 735 40.41 73.60 -2.96
C ALA A 735 41.56 73.83 -3.95
N PHE A 736 41.66 72.97 -4.96
CA PHE A 736 42.69 73.10 -6.00
C PHE A 736 42.41 74.25 -6.95
N LYS A 737 41.17 74.77 -6.98
CA LYS A 737 40.84 75.86 -7.88
C LYS A 737 41.72 77.09 -7.67
N THR A 738 42.37 77.21 -6.52
CA THR A 738 43.30 78.32 -6.30
C THR A 738 44.52 78.16 -7.20
N ARG A 739 44.89 79.25 -7.87
CA ARG A 739 46.00 79.21 -8.82
C ARG A 739 46.99 80.36 -8.64
N LYS A 740 46.85 81.19 -7.61
CA LYS A 740 47.74 82.32 -7.37
C LYS A 740 48.64 82.10 -6.16
N CYS A 741 49.11 80.87 -5.97
CA CYS A 741 49.99 80.57 -4.85
C CYS A 741 51.43 80.87 -5.23
N PRO A 742 52.09 81.85 -4.61
CA PRO A 742 53.47 82.19 -4.97
C PRO A 742 54.53 81.48 -4.14
N GLU A 743 54.15 80.74 -3.10
CA GLU A 743 55.09 80.05 -2.23
C GLU A 743 55.03 78.56 -2.50
N ASN A 744 56.20 77.97 -2.79
CA ASN A 744 56.33 76.54 -3.04
C ASN A 744 55.42 76.09 -4.19
N PHE A 745 55.70 76.64 -5.38
CA PHE A 745 54.93 76.28 -6.56
C PHE A 745 55.24 74.86 -7.02
N ASN A 746 56.43 74.34 -6.69
CA ASN A 746 56.80 72.99 -7.11
C ASN A 746 55.90 71.95 -6.45
N GLU A 747 55.74 72.03 -5.11
CA GLU A 747 54.85 71.10 -4.43
C GLU A 747 53.40 71.32 -4.84
N ALA A 748 53.03 72.55 -5.19
CA ALA A 748 51.67 72.83 -5.65
C ALA A 748 51.38 72.11 -6.97
N LYS A 749 52.28 72.25 -7.94
CA LYS A 749 52.08 71.56 -9.21
C LYS A 749 52.20 70.05 -9.06
N PHE A 750 53.03 69.59 -8.11
CA PHE A 750 53.12 68.15 -7.87
C PHE A 750 51.81 67.62 -7.31
N ILE A 751 51.21 68.32 -6.35
CA ILE A 751 49.93 67.89 -5.80
C ILE A 751 48.84 67.97 -6.86
N GLY A 752 48.91 68.97 -7.74
CA GLY A 752 47.95 69.07 -8.82
C GLY A 752 48.05 67.90 -9.78
N PHE A 753 49.26 67.55 -10.20
CA PHE A 753 49.45 66.38 -11.07
C PHE A 753 49.00 65.11 -10.37
N THR A 754 49.27 65.00 -9.06
CA THR A 754 48.88 63.81 -8.32
C THR A 754 47.36 63.66 -8.26
N MET A 755 46.65 64.74 -7.95
CA MET A 755 45.20 64.68 -7.88
C MET A 755 44.58 64.46 -9.26
N TYR A 756 45.20 65.02 -10.30
CA TYR A 756 44.72 64.77 -11.65
C TYR A 756 44.87 63.31 -12.02
N THR A 757 46.03 62.72 -11.72
CA THR A 757 46.24 61.30 -12.01
C THR A 757 45.29 60.43 -11.19
N THR A 758 45.05 60.81 -9.93
CA THR A 758 44.12 60.04 -9.11
C THR A 758 42.70 60.09 -9.66
N CYS A 759 42.26 61.28 -10.09
CA CYS A 759 40.93 61.40 -10.68
C CYS A 759 40.83 60.62 -11.98
N ILE A 760 41.88 60.64 -12.80
CA ILE A 760 41.87 59.89 -14.04
C ILE A 760 41.80 58.40 -13.77
N ILE A 761 42.57 57.92 -12.78
CA ILE A 761 42.55 56.50 -12.44
C ILE A 761 41.18 56.10 -11.90
N TRP A 762 40.57 56.96 -11.10
CA TRP A 762 39.23 56.66 -10.56
C TRP A 762 38.20 56.60 -11.68
N LEU A 763 38.27 57.55 -12.62
CA LEU A 763 37.34 57.53 -13.75
C LEU A 763 37.54 56.31 -14.62
N ALA A 764 38.79 55.88 -14.79
CA ALA A 764 39.06 54.69 -15.60
C ALA A 764 38.60 53.43 -14.90
N PHE A 765 38.72 53.39 -13.57
CA PHE A 765 38.34 52.19 -12.82
C PHE A 765 36.83 52.10 -12.64
N LEU A 766 36.13 53.24 -12.63
CA LEU A 766 34.67 53.22 -12.48
C LEU A 766 33.99 52.45 -13.61
N PRO A 767 34.13 52.84 -14.87
CA PRO A 767 33.49 52.05 -15.95
C PRO A 767 34.07 50.66 -16.10
N ILE A 768 35.36 50.48 -15.80
CA ILE A 768 35.96 49.15 -15.88
C ILE A 768 35.33 48.21 -14.87
N PHE A 769 35.18 48.67 -13.63
CA PHE A 769 34.54 47.85 -12.60
C PHE A 769 33.06 47.67 -12.89
N TYR A 770 32.42 48.68 -13.49
CA TYR A 770 31.00 48.57 -13.80
C TYR A 770 30.75 47.59 -14.94
N VAL A 771 31.71 47.43 -15.85
CA VAL A 771 31.53 46.52 -16.98
C VAL A 771 32.07 45.13 -16.68
N THR A 772 33.10 45.02 -15.84
CA THR A 772 33.71 43.74 -15.50
C THR A 772 33.22 43.20 -14.16
N SER A 773 32.07 43.67 -13.68
CA SER A 773 31.54 43.18 -12.41
C SER A 773 31.17 41.70 -12.49
N SER A 774 30.85 41.21 -13.68
CA SER A 774 30.52 39.79 -13.84
C SER A 774 31.75 38.90 -13.71
N ASP A 775 32.94 39.46 -13.84
CA ASP A 775 34.16 38.67 -13.73
C ASP A 775 34.39 38.23 -12.28
N TYR A 776 35.15 37.16 -12.13
CA TYR A 776 35.42 36.58 -10.82
C TYR A 776 36.64 37.23 -10.15
N ARG A 777 37.80 37.18 -10.81
CA ARG A 777 39.03 37.71 -10.24
C ARG A 777 39.67 38.80 -11.08
N VAL A 778 39.18 39.07 -12.29
CA VAL A 778 39.80 40.09 -13.14
C VAL A 778 39.52 41.48 -12.60
N GLN A 779 38.26 41.76 -12.26
CA GLN A 779 37.89 43.09 -11.79
C GLN A 779 38.55 43.41 -10.45
N THR A 780 38.56 42.45 -9.53
CA THR A 780 39.14 42.69 -8.21
C THR A 780 40.65 42.93 -8.32
N THR A 781 41.34 42.11 -9.11
CA THR A 781 42.79 42.29 -9.28
C THR A 781 43.08 43.61 -9.98
N THR A 782 42.28 43.98 -10.97
CA THR A 782 42.49 45.25 -11.67
C THR A 782 42.29 46.43 -10.72
N MET A 783 41.25 46.37 -9.88
CA MET A 783 41.01 47.46 -8.94
C MET A 783 42.11 47.54 -7.90
N CYS A 784 42.59 46.39 -7.42
CA CYS A 784 43.69 46.40 -6.47
C CYS A 784 44.96 46.98 -7.08
N VAL A 785 45.26 46.60 -8.33
CA VAL A 785 46.45 47.13 -9.00
C VAL A 785 46.31 48.63 -9.21
N SER A 786 45.11 49.10 -9.59
CA SER A 786 44.90 50.52 -9.79
C SER A 786 45.05 51.29 -8.47
N VAL A 787 44.53 50.74 -7.37
CA VAL A 787 44.66 51.41 -6.08
C VAL A 787 46.12 51.45 -5.66
N SER A 788 46.86 50.36 -5.86
CA SER A 788 48.27 50.35 -5.51
C SER A 788 49.05 51.35 -6.36
N LEU A 789 48.75 51.45 -7.65
CA LEU A 789 49.44 52.40 -8.51
C LEU A 789 49.12 53.83 -8.10
N SER A 790 47.86 54.12 -7.76
CA SER A 790 47.50 55.45 -7.32
C SER A 790 48.20 55.81 -6.01
N GLY A 791 48.26 54.86 -5.07
CA GLY A 791 48.97 55.12 -3.83
C GLY A 791 50.46 55.36 -4.05
N SER A 792 51.08 54.57 -4.94
CA SER A 792 52.48 54.76 -5.23
C SER A 792 52.73 56.11 -5.90
N VAL A 793 51.84 56.52 -6.80
CA VAL A 793 51.99 57.81 -7.46
C VAL A 793 51.83 58.94 -6.46
N VAL A 794 50.89 58.82 -5.53
CA VAL A 794 50.71 59.85 -4.51
C VAL A 794 51.93 59.93 -3.61
N LEU A 795 52.48 58.77 -3.21
CA LEU A 795 53.67 58.76 -2.38
C LEU A 795 54.86 59.38 -3.10
N GLY A 796 55.01 59.08 -4.40
CA GLY A 796 56.09 59.68 -5.15
C GLY A 796 55.94 61.18 -5.30
N CYS A 797 54.72 61.64 -5.55
CA CYS A 797 54.48 63.08 -5.66
C CYS A 797 54.72 63.79 -4.33
N LEU A 798 54.40 63.13 -3.22
CA LEU A 798 54.67 63.73 -1.91
C LEU A 798 56.15 63.74 -1.59
N PHE A 799 56.89 62.70 -2.01
CA PHE A 799 58.31 62.64 -1.71
C PHE A 799 59.12 63.53 -2.63
N ALA A 800 58.60 63.83 -3.82
CA ALA A 800 59.34 64.70 -4.74
C ALA A 800 59.54 66.10 -4.18
N PRO A 801 58.57 66.72 -3.52
CA PRO A 801 58.82 68.05 -2.95
C PRO A 801 59.86 68.04 -1.85
N LYS A 802 59.82 67.04 -0.96
CA LYS A 802 60.82 66.93 0.09
C LYS A 802 62.21 66.68 -0.49
N LEU A 803 62.28 65.83 -1.52
CA LEU A 803 63.58 65.59 -2.17
C LEU A 803 64.11 66.84 -2.83
N TYR A 804 63.24 67.61 -3.48
CA TYR A 804 63.68 68.86 -4.10
C TYR A 804 64.14 69.87 -3.06
N ILE A 805 63.44 69.93 -1.92
CA ILE A 805 63.83 70.86 -0.86
C ILE A 805 65.16 70.44 -0.26
N ILE A 806 65.39 69.13 -0.14
CA ILE A 806 66.66 68.65 0.40
C ILE A 806 67.80 68.92 -0.57
N LEU A 807 67.53 68.77 -1.88
CA LEU A 807 68.56 69.04 -2.88
C LEU A 807 68.89 70.53 -2.94
N PHE A 808 67.87 71.38 -2.82
CA PHE A 808 68.11 72.84 -2.85
C PHE A 808 68.77 73.30 -1.56
N GLN A 809 68.36 72.75 -0.42
CA GLN A 809 68.93 73.13 0.87
C GLN A 809 69.06 71.94 1.79
N LYS B 13 -39.94 -46.41 1.17
CA LYS B 13 -41.27 -46.15 0.63
C LYS B 13 -41.25 -44.94 -0.30
N VAL B 14 -42.20 -44.92 -1.24
CA VAL B 14 -42.33 -43.84 -2.21
C VAL B 14 -43.79 -43.43 -2.28
N LEU B 15 -44.04 -42.12 -2.18
CA LEU B 15 -45.38 -41.57 -2.29
C LEU B 15 -45.57 -41.09 -3.73
N THR B 16 -46.46 -41.75 -4.46
CA THR B 16 -46.69 -41.47 -5.87
C THR B 16 -48.11 -40.99 -6.08
N LEU B 17 -48.26 -39.85 -6.76
CA LEU B 17 -49.54 -39.29 -7.11
C LEU B 17 -49.55 -39.01 -8.61
N GLU B 18 -50.59 -39.50 -9.30
CA GLU B 18 -50.66 -39.42 -10.74
C GLU B 18 -50.69 -37.97 -11.23
N GLY B 19 -50.16 -37.76 -12.43
CA GLY B 19 -50.10 -36.44 -13.02
C GLY B 19 -49.14 -36.38 -14.19
N ASP B 20 -49.43 -35.52 -15.17
CA ASP B 20 -48.55 -35.40 -16.33
C ASP B 20 -47.20 -34.81 -15.94
N LEU B 21 -47.22 -33.68 -15.23
CA LEU B 21 -46.00 -33.06 -14.72
C LEU B 21 -45.87 -33.45 -13.25
N VAL B 22 -44.86 -34.26 -12.94
CA VAL B 22 -44.67 -34.81 -11.61
C VAL B 22 -43.56 -34.01 -10.92
N LEU B 23 -43.81 -33.64 -9.67
CA LEU B 23 -42.89 -32.84 -8.87
C LEU B 23 -42.20 -33.73 -7.84
N GLY B 24 -40.90 -33.54 -7.67
CA GLY B 24 -40.16 -34.31 -6.69
C GLY B 24 -40.28 -33.75 -5.29
N GLY B 25 -40.11 -34.64 -4.32
CA GLY B 25 -40.21 -34.25 -2.92
C GLY B 25 -39.31 -35.04 -2.00
N LEU B 26 -38.68 -34.36 -1.05
CA LEU B 26 -37.78 -34.98 -0.10
C LEU B 26 -38.05 -34.41 1.29
N PHE B 27 -38.27 -35.29 2.27
CA PHE B 27 -38.59 -34.87 3.61
C PHE B 27 -38.01 -35.85 4.62
N PRO B 28 -37.37 -35.36 5.69
CA PRO B 28 -36.82 -36.25 6.75
C PRO B 28 -37.92 -36.79 7.66
N VAL B 29 -38.55 -37.88 7.22
CA VAL B 29 -39.64 -38.47 8.00
C VAL B 29 -39.11 -39.02 9.32
N HIS B 30 -37.92 -39.60 9.31
CA HIS B 30 -37.28 -40.12 10.51
C HIS B 30 -36.12 -39.20 10.88
N GLN B 31 -35.37 -39.59 11.92
CA GLN B 31 -34.22 -38.80 12.36
C GLN B 31 -33.03 -39.69 12.66
N LYS B 32 -31.98 -39.12 13.26
CA LYS B 32 -30.79 -39.89 13.60
C LYS B 32 -31.13 -40.98 14.61
N GLY B 33 -30.68 -42.20 14.31
CA GLY B 33 -30.92 -43.33 15.19
C GLY B 33 -29.74 -44.28 15.29
N GLY B 34 -28.61 -43.88 14.71
CA GLY B 34 -27.43 -44.69 14.74
C GLY B 34 -27.42 -45.76 13.66
N PRO B 35 -26.29 -46.45 13.51
CA PRO B 35 -26.20 -47.50 12.47
C PRO B 35 -26.89 -48.80 12.86
N ALA B 36 -27.54 -48.87 14.03
CA ALA B 36 -28.21 -50.10 14.43
C ALA B 36 -29.41 -50.38 13.54
N GLU B 37 -30.32 -49.43 13.42
CA GLU B 37 -31.49 -49.57 12.56
C GLU B 37 -31.12 -49.09 11.15
N ASP B 38 -32.14 -48.93 10.29
CA ASP B 38 -31.90 -48.44 8.95
C ASP B 38 -31.31 -47.02 9.00
N CYS B 39 -32.10 -46.06 9.46
CA CYS B 39 -31.56 -44.74 9.76
C CYS B 39 -32.09 -44.12 11.04
N GLY B 40 -33.15 -44.65 11.64
CA GLY B 40 -33.66 -44.11 12.89
C GLY B 40 -35.17 -44.15 13.00
N PRO B 41 -35.69 -43.85 14.18
CA PRO B 41 -37.14 -43.86 14.38
C PRO B 41 -37.80 -42.65 13.71
N VAL B 42 -39.11 -42.80 13.46
CA VAL B 42 -39.85 -41.80 12.71
C VAL B 42 -40.04 -40.54 13.55
N ASN B 43 -39.93 -39.38 12.91
CA ASN B 43 -40.15 -38.10 13.55
C ASN B 43 -41.62 -37.67 13.40
N GLU B 44 -42.01 -36.71 14.23
CA GLU B 44 -43.38 -36.20 14.19
C GLU B 44 -43.45 -34.69 14.28
N HIS B 45 -42.33 -33.97 14.16
CA HIS B 45 -42.32 -32.52 14.27
C HIS B 45 -41.90 -31.81 13.00
N ARG B 46 -41.09 -32.44 12.16
CA ARG B 46 -40.56 -31.79 10.95
C ARG B 46 -41.02 -32.48 9.67
N GLY B 47 -40.85 -33.80 9.57
CA GLY B 47 -41.04 -34.45 8.29
C GLY B 47 -42.51 -34.59 7.90
N ILE B 48 -43.32 -35.14 8.80
CA ILE B 48 -44.71 -35.45 8.46
C ILE B 48 -45.52 -34.17 8.24
N GLN B 49 -45.25 -33.13 9.04
CA GLN B 49 -45.97 -31.88 8.88
C GLN B 49 -45.68 -31.25 7.51
N ARG B 50 -44.41 -31.20 7.12
CA ARG B 50 -44.07 -30.61 5.83
C ARG B 50 -44.56 -31.48 4.68
N LEU B 51 -44.58 -32.79 4.86
CA LEU B 51 -45.11 -33.68 3.83
C LEU B 51 -46.60 -33.43 3.63
N GLU B 52 -47.35 -33.34 4.73
CA GLU B 52 -48.77 -33.04 4.62
C GLU B 52 -49.00 -31.65 4.04
N ALA B 53 -48.12 -30.70 4.35
CA ALA B 53 -48.23 -29.36 3.78
C ALA B 53 -48.05 -29.38 2.27
N MET B 54 -47.04 -30.12 1.79
CA MET B 54 -46.84 -30.23 0.36
C MET B 54 -48.01 -30.95 -0.31
N LEU B 55 -48.54 -31.99 0.34
CA LEU B 55 -49.69 -32.69 -0.21
C LEU B 55 -50.90 -31.77 -0.33
N PHE B 56 -51.16 -30.97 0.71
CA PHE B 56 -52.26 -30.02 0.65
C PHE B 56 -52.01 -28.94 -0.40
N ALA B 57 -50.75 -28.54 -0.57
CA ALA B 57 -50.43 -27.54 -1.59
C ALA B 57 -50.72 -28.05 -2.98
N LEU B 58 -50.28 -29.29 -3.28
CA LEU B 58 -50.59 -29.87 -4.58
C LEU B 58 -52.08 -30.10 -4.75
N ASP B 59 -52.78 -30.48 -3.68
CA ASP B 59 -54.23 -30.66 -3.76
C ASP B 59 -54.93 -29.35 -4.11
N ARG B 60 -54.49 -28.25 -3.50
CA ARG B 60 -55.08 -26.95 -3.82
C ARG B 60 -54.69 -26.51 -5.23
N ILE B 61 -53.50 -26.88 -5.69
CA ILE B 61 -53.07 -26.54 -7.04
C ILE B 61 -53.93 -27.26 -8.07
N ASN B 62 -54.25 -28.54 -7.81
CA ASN B 62 -55.08 -29.29 -8.74
C ASN B 62 -56.47 -28.69 -8.85
N ARG B 63 -57.00 -28.15 -7.76
CA ARG B 63 -58.32 -27.53 -7.75
C ARG B 63 -58.27 -26.04 -8.04
N ASP B 64 -57.10 -25.47 -8.30
CA ASP B 64 -56.99 -24.06 -8.57
C ASP B 64 -57.44 -23.76 -9.99
N PRO B 65 -58.48 -22.94 -10.20
CA PRO B 65 -58.93 -22.65 -11.56
C PRO B 65 -58.00 -21.69 -12.29
N HIS B 66 -57.43 -20.73 -11.55
CA HIS B 66 -56.57 -19.74 -12.18
C HIS B 66 -55.18 -20.29 -12.48
N LEU B 67 -54.72 -21.26 -11.69
CA LEU B 67 -53.38 -21.83 -11.84
C LEU B 67 -53.50 -23.27 -12.34
N LEU B 68 -52.94 -23.53 -13.53
CA LEU B 68 -52.96 -24.83 -14.18
C LEU B 68 -54.37 -25.37 -14.27
N PRO B 69 -55.22 -24.78 -15.13
CA PRO B 69 -56.61 -25.22 -15.20
C PRO B 69 -56.80 -26.49 -16.02
N GLY B 70 -55.95 -26.71 -17.01
CA GLY B 70 -56.12 -27.83 -17.92
C GLY B 70 -55.46 -29.12 -17.45
N VAL B 71 -54.17 -29.06 -17.16
CA VAL B 71 -53.39 -30.25 -16.81
C VAL B 71 -53.24 -30.33 -15.31
N ARG B 72 -53.19 -31.57 -14.80
CA ARG B 72 -53.03 -31.80 -13.37
C ARG B 72 -51.56 -31.78 -12.99
N LEU B 73 -51.27 -32.16 -11.75
CA LEU B 73 -49.91 -32.16 -11.22
C LEU B 73 -49.66 -33.45 -10.44
N GLY B 74 -48.58 -34.15 -10.78
CA GLY B 74 -48.21 -35.37 -10.09
C GLY B 74 -47.28 -35.10 -8.92
N ALA B 75 -46.91 -36.18 -8.22
CA ALA B 75 -46.06 -36.06 -7.05
C ALA B 75 -45.25 -37.33 -6.88
N HIS B 76 -43.96 -37.16 -6.54
CA HIS B 76 -43.05 -38.28 -6.29
C HIS B 76 -42.22 -37.91 -5.06
N ILE B 77 -42.59 -38.43 -3.91
CA ILE B 77 -41.97 -38.08 -2.63
C ILE B 77 -41.18 -39.28 -2.13
N LEU B 78 -39.94 -39.04 -1.71
CA LEU B 78 -39.05 -40.06 -1.18
C LEU B 78 -38.56 -39.67 0.20
N ASP B 79 -38.30 -40.68 1.03
CA ASP B 79 -37.83 -40.44 2.39
C ASP B 79 -36.36 -40.03 2.38
N SER B 80 -35.99 -39.23 3.37
CA SER B 80 -34.61 -38.83 3.56
C SER B 80 -34.09 -39.11 4.96
N CYS B 81 -34.95 -38.94 5.98
CA CYS B 81 -34.63 -39.19 7.39
C CYS B 81 -33.27 -38.60 7.80
N SER B 82 -32.93 -37.45 7.22
CA SER B 82 -31.74 -36.68 7.61
C SER B 82 -30.47 -37.53 7.55
N LYS B 83 -30.21 -38.12 6.39
CA LYS B 83 -29.04 -38.94 6.18
C LYS B 83 -28.33 -38.53 4.89
N ASP B 84 -27.14 -39.09 4.70
CA ASP B 84 -26.34 -38.85 3.51
C ASP B 84 -26.54 -39.95 2.46
N THR B 85 -26.28 -41.20 2.84
CA THR B 85 -26.40 -42.31 1.90
C THR B 85 -27.86 -42.53 1.48
N HIS B 86 -28.78 -42.41 2.43
CA HIS B 86 -30.20 -42.61 2.10
C HIS B 86 -30.70 -41.53 1.15
N ALA B 87 -30.38 -40.26 1.43
CA ALA B 87 -30.77 -39.18 0.53
C ALA B 87 -30.10 -39.33 -0.83
N LEU B 88 -28.84 -39.79 -0.84
CA LEU B 88 -28.15 -40.00 -2.11
C LEU B 88 -28.84 -41.08 -2.94
N GLU B 89 -29.24 -42.18 -2.30
CA GLU B 89 -29.93 -43.24 -3.02
C GLU B 89 -31.31 -42.79 -3.49
N GLN B 90 -31.99 -41.97 -2.70
CA GLN B 90 -33.32 -41.51 -3.10
C GLN B 90 -33.24 -40.50 -4.23
N ALA B 91 -32.16 -39.72 -4.29
CA ALA B 91 -31.94 -38.86 -5.46
C ALA B 91 -31.50 -39.68 -6.67
N LEU B 92 -30.75 -40.76 -6.44
CA LEU B 92 -30.46 -41.72 -7.49
C LEU B 92 -31.74 -42.28 -8.09
N ASP B 93 -32.73 -42.55 -7.24
CA ASP B 93 -34.03 -43.03 -7.73
C ASP B 93 -34.68 -42.00 -8.64
N PHE B 94 -34.66 -40.73 -8.24
CA PHE B 94 -35.23 -39.67 -9.06
C PHE B 94 -34.52 -39.59 -10.41
N VAL B 95 -33.19 -39.63 -10.41
CA VAL B 95 -32.44 -39.50 -11.65
C VAL B 95 -32.68 -40.72 -12.54
N ARG B 96 -32.77 -41.91 -11.96
CA ARG B 96 -33.04 -43.11 -12.75
C ARG B 96 -34.43 -43.06 -13.36
N ALA B 97 -35.41 -42.51 -12.63
CA ALA B 97 -36.75 -42.40 -13.17
C ALA B 97 -36.82 -41.34 -14.27
N SER B 98 -36.05 -40.26 -14.14
CA SER B 98 -36.14 -39.16 -15.10
C SER B 98 -35.31 -39.41 -16.35
N LEU B 99 -33.99 -39.57 -16.18
CA LEU B 99 -33.10 -39.56 -17.34
C LEU B 99 -33.05 -40.91 -18.04
N SER B 100 -33.18 -42.01 -17.30
CA SER B 100 -33.03 -43.34 -17.88
C SER B 100 -34.27 -43.81 -18.62
N ARG B 101 -35.21 -42.91 -18.92
CA ARG B 101 -36.41 -43.30 -19.66
C ARG B 101 -36.11 -43.60 -21.13
N GLY B 102 -34.98 -43.12 -21.64
CA GLY B 102 -34.65 -43.37 -23.03
C GLY B 102 -34.32 -44.84 -23.31
N ALA B 103 -33.63 -45.48 -22.39
CA ALA B 103 -33.25 -46.88 -22.52
C ALA B 103 -34.21 -47.75 -21.73
N ASP B 104 -34.57 -48.90 -22.30
CA ASP B 104 -35.48 -49.83 -21.65
C ASP B 104 -34.73 -50.68 -20.63
N GLY B 105 -35.45 -51.61 -20.01
CA GLY B 105 -34.85 -52.50 -19.03
C GLY B 105 -33.83 -53.45 -19.62
N SER B 106 -32.64 -53.47 -19.04
CA SER B 106 -31.58 -54.34 -19.53
C SER B 106 -31.89 -55.80 -19.20
N ARG B 107 -31.07 -56.69 -19.75
CA ARG B 107 -31.23 -58.12 -19.49
C ARG B 107 -31.01 -58.42 -18.01
N HIS B 108 -31.96 -59.11 -17.41
CA HIS B 108 -31.90 -59.44 -15.99
C HIS B 108 -32.59 -60.78 -15.78
N ILE B 109 -32.89 -61.11 -14.52
CA ILE B 109 -33.53 -62.38 -14.19
C ILE B 109 -35.00 -62.40 -14.56
N CYS B 110 -35.55 -61.28 -15.04
CA CYS B 110 -36.96 -61.22 -15.42
C CYS B 110 -37.22 -62.09 -16.64
N PRO B 111 -37.90 -63.24 -16.48
CA PRO B 111 -38.17 -64.11 -17.62
C PRO B 111 -39.53 -63.89 -18.26
N ASP B 112 -40.39 -63.06 -17.69
CA ASP B 112 -41.71 -62.82 -18.26
C ASP B 112 -41.60 -62.04 -19.57
N GLY B 113 -40.75 -61.01 -19.61
CA GLY B 113 -40.59 -60.21 -20.80
C GLY B 113 -39.19 -59.64 -20.88
N SER B 114 -38.89 -59.07 -22.06
CA SER B 114 -37.57 -58.49 -22.27
C SER B 114 -37.38 -57.22 -21.44
N TYR B 115 -38.35 -56.31 -21.50
CA TYR B 115 -38.28 -55.06 -20.76
C TYR B 115 -39.68 -54.46 -20.69
N ALA B 116 -39.82 -53.43 -19.85
CA ALA B 116 -41.08 -52.75 -19.71
C ALA B 116 -41.26 -51.71 -20.81
N THR B 117 -42.49 -51.60 -21.31
CA THR B 117 -42.82 -50.68 -22.39
C THR B 117 -43.61 -49.47 -21.94
N HIS B 118 -44.57 -49.65 -21.03
CA HIS B 118 -45.40 -48.55 -20.55
C HIS B 118 -45.20 -48.27 -19.07
N GLY B 119 -45.29 -49.29 -18.22
CA GLY B 119 -45.16 -49.12 -16.79
C GLY B 119 -43.72 -49.27 -16.31
N ASP B 120 -43.58 -49.46 -15.00
CA ASP B 120 -42.32 -49.66 -14.29
C ASP B 120 -41.42 -48.43 -14.35
N ALA B 121 -41.87 -47.31 -14.91
CA ALA B 121 -41.06 -46.11 -14.99
C ALA B 121 -41.96 -44.88 -15.08
N PRO B 122 -41.96 -44.00 -14.08
CA PRO B 122 -42.78 -42.80 -14.13
C PRO B 122 -42.21 -41.77 -15.09
N THR B 123 -42.99 -40.73 -15.32
CA THR B 123 -42.56 -39.65 -16.21
C THR B 123 -41.41 -38.88 -15.57
N ALA B 124 -40.69 -38.14 -16.42
CA ALA B 124 -39.57 -37.34 -15.94
C ALA B 124 -40.05 -36.24 -15.01
N ILE B 125 -39.37 -36.10 -13.87
CA ILE B 125 -39.75 -35.11 -12.88
C ILE B 125 -39.41 -33.72 -13.39
N THR B 126 -40.36 -32.79 -13.26
CA THR B 126 -40.11 -31.42 -13.69
C THR B 126 -39.25 -30.67 -12.66
N GLY B 127 -39.54 -30.86 -11.38
CA GLY B 127 -38.76 -30.23 -10.33
C GLY B 127 -38.84 -31.04 -9.06
N VAL B 128 -38.04 -30.65 -8.08
CA VAL B 128 -37.96 -31.32 -6.80
C VAL B 128 -38.10 -30.27 -5.69
N ILE B 129 -38.85 -30.61 -4.65
CA ILE B 129 -39.06 -29.73 -3.50
C ILE B 129 -38.61 -30.52 -2.27
N GLY B 130 -37.37 -30.27 -1.84
CA GLY B 130 -36.85 -30.99 -0.69
C GLY B 130 -35.54 -30.38 -0.25
N GLY B 131 -35.05 -30.87 0.90
CA GLY B 131 -33.80 -30.40 1.46
C GLY B 131 -33.98 -29.43 2.59
N SER B 132 -33.82 -29.90 3.82
CA SER B 132 -33.93 -29.07 5.02
C SER B 132 -32.60 -28.87 5.71
N TYR B 133 -31.91 -29.96 6.05
CA TYR B 133 -30.62 -29.85 6.70
C TYR B 133 -29.55 -29.39 5.71
N SER B 134 -28.40 -28.99 6.25
CA SER B 134 -27.33 -28.46 5.41
C SER B 134 -26.69 -29.56 4.56
N ASP B 135 -26.35 -30.68 5.18
CA ASP B 135 -25.64 -31.74 4.47
C ASP B 135 -26.50 -32.34 3.35
N VAL B 136 -27.76 -32.64 3.65
CA VAL B 136 -28.64 -33.21 2.63
C VAL B 136 -28.85 -32.22 1.49
N SER B 137 -28.94 -30.93 1.80
CA SER B 137 -29.10 -29.93 0.75
C SER B 137 -27.86 -29.87 -0.12
N ILE B 138 -26.68 -29.89 0.49
CA ILE B 138 -25.44 -29.89 -0.29
C ILE B 138 -25.38 -31.12 -1.19
N GLN B 139 -25.76 -32.28 -0.67
CA GLN B 139 -25.71 -33.50 -1.45
C GLN B 139 -26.66 -33.45 -2.63
N VAL B 140 -27.89 -33.02 -2.40
CA VAL B 140 -28.88 -32.95 -3.48
C VAL B 140 -28.45 -31.91 -4.52
N ALA B 141 -27.90 -30.78 -4.07
CA ALA B 141 -27.47 -29.74 -5.01
C ALA B 141 -26.29 -30.20 -5.85
N ASN B 142 -25.37 -30.96 -5.25
CA ASN B 142 -24.22 -31.46 -6.00
C ASN B 142 -24.63 -32.57 -6.96
N LEU B 143 -25.63 -33.38 -6.58
CA LEU B 143 -26.03 -34.48 -7.43
C LEU B 143 -26.87 -34.00 -8.60
N LEU B 144 -27.88 -33.18 -8.34
CA LEU B 144 -28.79 -32.70 -9.37
C LEU B 144 -28.22 -31.52 -10.17
N ARG B 145 -26.97 -31.13 -9.91
CA ARG B 145 -26.36 -30.04 -10.68
C ARG B 145 -26.10 -30.46 -12.11
N LEU B 146 -25.79 -31.74 -12.33
CA LEU B 146 -25.31 -32.21 -13.62
C LEU B 146 -26.43 -32.58 -14.60
N PHE B 147 -27.63 -32.86 -14.10
CA PHE B 147 -28.72 -33.35 -14.93
C PHE B 147 -29.65 -32.26 -15.42
N GLN B 148 -29.29 -30.99 -15.23
CA GLN B 148 -30.05 -29.86 -15.73
C GLN B 148 -31.50 -29.90 -15.23
N ILE B 149 -31.65 -29.99 -13.91
CA ILE B 149 -32.95 -30.07 -13.26
C ILE B 149 -33.00 -29.02 -12.16
N PRO B 150 -34.05 -28.22 -12.07
CA PRO B 150 -34.12 -27.23 -10.99
C PRO B 150 -34.42 -27.88 -9.65
N GLN B 151 -33.93 -27.24 -8.58
CA GLN B 151 -34.13 -27.73 -7.23
C GLN B 151 -34.41 -26.55 -6.32
N ILE B 152 -35.48 -26.67 -5.53
CA ILE B 152 -35.87 -25.64 -4.56
C ILE B 152 -36.01 -26.28 -3.20
N SER B 153 -35.50 -25.59 -2.18
CA SER B 153 -35.53 -26.07 -0.80
C SER B 153 -36.48 -25.21 0.02
N TYR B 154 -36.79 -25.70 1.22
CA TYR B 154 -37.71 -25.02 2.12
C TYR B 154 -37.11 -24.62 3.46
N ALA B 155 -36.01 -25.24 3.88
CA ALA B 155 -35.39 -24.91 5.16
C ALA B 155 -33.87 -24.88 5.06
N SER B 156 -33.34 -24.60 3.87
CA SER B 156 -31.89 -24.55 3.65
C SER B 156 -31.39 -23.18 4.09
N THR B 157 -30.90 -23.11 5.33
CA THR B 157 -30.40 -21.87 5.89
C THR B 157 -28.89 -21.71 5.76
N SER B 158 -28.21 -22.65 5.12
CA SER B 158 -26.77 -22.56 4.97
C SER B 158 -26.40 -21.53 3.91
N ALA B 159 -25.55 -20.57 4.29
CA ALA B 159 -25.17 -19.49 3.40
C ALA B 159 -24.02 -19.84 2.48
N LYS B 160 -23.33 -20.96 2.70
CA LYS B 160 -22.22 -21.35 1.84
C LYS B 160 -22.68 -21.86 0.48
N LEU B 161 -24.00 -21.97 0.25
CA LEU B 161 -24.54 -22.42 -1.02
C LEU B 161 -25.04 -21.28 -1.89
N SER B 162 -24.84 -20.04 -1.48
CA SER B 162 -25.31 -18.91 -2.28
C SER B 162 -24.50 -18.74 -3.56
N ASP B 163 -23.25 -19.22 -3.56
CA ASP B 163 -22.43 -19.11 -4.75
C ASP B 163 -22.96 -20.00 -5.87
N LYS B 164 -23.06 -19.43 -7.07
CA LYS B 164 -23.57 -20.17 -8.21
C LYS B 164 -22.51 -21.02 -8.89
N SER B 165 -21.24 -20.84 -8.54
CA SER B 165 -20.17 -21.62 -9.15
C SER B 165 -20.27 -23.10 -8.76
N ARG B 166 -20.43 -23.37 -7.47
CA ARG B 166 -20.54 -24.73 -6.99
C ARG B 166 -21.97 -25.26 -6.97
N TYR B 167 -22.96 -24.37 -6.83
CA TYR B 167 -24.37 -24.76 -6.77
C TYR B 167 -25.15 -23.76 -7.61
N ASP B 168 -25.40 -24.11 -8.88
CA ASP B 168 -26.09 -23.21 -9.79
C ASP B 168 -27.60 -23.44 -9.82
N TYR B 169 -28.03 -24.70 -9.87
CA TYR B 169 -29.46 -25.01 -9.94
C TYR B 169 -30.01 -25.30 -8.55
N PHE B 170 -29.93 -24.27 -7.69
CA PHE B 170 -30.42 -24.37 -6.33
C PHE B 170 -31.10 -23.06 -5.95
N ALA B 171 -32.31 -23.17 -5.42
CA ALA B 171 -33.06 -22.01 -4.96
C ALA B 171 -33.63 -22.31 -3.57
N ARG B 172 -33.90 -21.25 -2.82
CA ARG B 172 -34.40 -21.38 -1.47
C ARG B 172 -35.40 -20.27 -1.18
N THR B 173 -36.31 -20.54 -0.25
CA THR B 173 -37.31 -19.56 0.18
C THR B 173 -36.91 -18.85 1.47
N VAL B 174 -36.27 -19.54 2.39
CA VAL B 174 -35.80 -18.89 3.62
C VAL B 174 -34.59 -18.02 3.29
N PRO B 175 -34.41 -16.88 3.97
CA PRO B 175 -33.26 -16.02 3.68
C PRO B 175 -31.99 -16.65 4.22
N PRO B 176 -30.87 -16.53 3.49
CA PRO B 176 -29.60 -17.07 3.99
C PRO B 176 -29.03 -16.25 5.12
N ASP B 177 -27.82 -16.59 5.58
CA ASP B 177 -27.25 -15.93 6.75
C ASP B 177 -26.77 -14.52 6.44
N PHE B 178 -26.41 -14.24 5.19
CA PHE B 178 -25.93 -12.89 4.88
C PHE B 178 -27.06 -11.87 4.90
N PHE B 179 -28.28 -12.28 4.54
CA PHE B 179 -29.43 -11.39 4.70
C PHE B 179 -29.66 -11.06 6.17
N GLN B 180 -29.52 -12.05 7.05
CA GLN B 180 -29.67 -11.80 8.47
C GLN B 180 -28.55 -10.91 8.99
N ALA B 181 -27.34 -11.07 8.45
CA ALA B 181 -26.24 -10.19 8.83
C ALA B 181 -26.50 -8.76 8.39
N LYS B 182 -27.07 -8.58 7.21
CA LYS B 182 -27.44 -7.24 6.75
C LYS B 182 -28.52 -6.64 7.63
N ALA B 183 -29.51 -7.45 8.04
CA ALA B 183 -30.55 -6.97 8.94
C ALA B 183 -29.97 -6.57 10.29
N MET B 184 -29.02 -7.36 10.80
CA MET B 184 -28.35 -7.02 12.04
C MET B 184 -27.58 -5.70 11.91
N ALA B 185 -26.90 -5.52 10.77
CA ALA B 185 -26.17 -4.28 10.53
C ALA B 185 -27.12 -3.09 10.50
N GLU B 186 -28.29 -3.26 9.87
CA GLU B 186 -29.26 -2.17 9.81
C GLU B 186 -29.81 -1.83 11.19
N ILE B 187 -30.16 -2.86 11.98
CA ILE B 187 -30.73 -2.59 13.29
C ILE B 187 -29.66 -2.05 14.24
N LEU B 188 -28.39 -2.32 13.95
CA LEU B 188 -27.31 -1.75 14.75
C LEU B 188 -27.08 -0.28 14.37
N ARG B 189 -27.11 0.02 13.07
CA ARG B 189 -26.91 1.40 12.63
C ARG B 189 -28.09 2.28 13.00
N PHE B 190 -29.28 1.71 13.16
CA PHE B 190 -30.44 2.49 13.55
C PHE B 190 -30.27 3.07 14.95
N PHE B 191 -29.64 2.31 15.85
CA PHE B 191 -29.41 2.75 17.21
C PHE B 191 -28.06 3.41 17.42
N ASN B 192 -27.32 3.65 16.33
CA ASN B 192 -25.99 4.29 16.39
C ASN B 192 -25.04 3.52 17.28
N TRP B 193 -25.10 2.19 17.20
CA TRP B 193 -24.23 1.31 17.99
C TRP B 193 -23.02 0.91 17.15
N THR B 194 -22.11 1.88 16.99
CA THR B 194 -20.91 1.64 16.18
C THR B 194 -19.96 0.68 16.88
N TYR B 195 -19.77 0.84 18.18
CA TYR B 195 -18.86 -0.01 18.95
C TYR B 195 -19.66 -1.20 19.48
N VAL B 196 -19.42 -2.37 18.90
CA VAL B 196 -20.16 -3.59 19.24
C VAL B 196 -19.19 -4.76 19.29
N SER B 197 -19.54 -5.75 20.11
CA SER B 197 -18.78 -7.00 20.16
C SER B 197 -19.59 -8.11 19.50
N THR B 198 -18.88 -9.19 19.13
CA THR B 198 -19.50 -10.32 18.45
C THR B 198 -19.14 -11.61 19.17
N VAL B 199 -20.08 -12.57 19.16
CA VAL B 199 -19.85 -13.90 19.69
C VAL B 199 -20.23 -14.91 18.62
N ALA B 200 -19.30 -15.79 18.28
CA ALA B 200 -19.50 -16.78 17.23
C ALA B 200 -19.62 -18.17 17.85
N SER B 201 -19.76 -19.17 16.98
CA SER B 201 -19.88 -20.56 17.39
C SER B 201 -18.98 -21.42 16.51
N GLU B 202 -18.55 -22.54 17.07
CA GLU B 202 -17.67 -23.47 16.35
C GLU B 202 -18.43 -24.45 15.47
N GLY B 203 -19.76 -24.36 15.44
CA GLY B 203 -20.55 -25.24 14.61
C GLY B 203 -20.49 -24.86 13.14
N ASP B 204 -21.27 -25.61 12.34
CA ASP B 204 -21.31 -25.35 10.90
C ASP B 204 -21.97 -24.01 10.61
N TYR B 205 -23.01 -23.65 11.35
CA TYR B 205 -23.72 -22.40 11.16
C TYR B 205 -23.16 -21.35 12.11
N GLY B 206 -22.86 -20.18 11.59
CA GLY B 206 -22.35 -19.09 12.40
C GLY B 206 -21.08 -18.46 11.85
N GLU B 207 -20.20 -19.29 11.29
CA GLU B 207 -18.94 -18.78 10.77
C GLU B 207 -19.17 -17.85 9.59
N THR B 208 -19.95 -18.29 8.61
CA THR B 208 -20.23 -17.44 7.45
C THR B 208 -21.05 -16.22 7.85
N GLY B 209 -21.92 -16.36 8.85
CA GLY B 209 -22.68 -15.22 9.33
C GLY B 209 -21.79 -14.16 9.94
N ILE B 210 -20.86 -14.58 10.80
CA ILE B 210 -19.92 -13.63 11.40
C ILE B 210 -19.02 -13.02 10.34
N GLU B 211 -18.63 -13.81 9.34
CA GLU B 211 -17.81 -13.28 8.25
C GLU B 211 -18.55 -12.20 7.48
N ALA B 212 -19.81 -12.45 7.12
CA ALA B 212 -20.60 -11.46 6.41
C ALA B 212 -20.85 -10.23 7.27
N PHE B 213 -21.05 -10.42 8.57
CA PHE B 213 -21.25 -9.29 9.46
C PHE B 213 -20.00 -8.42 9.54
N GLU B 214 -18.83 -9.04 9.67
CA GLU B 214 -17.60 -8.27 9.70
C GLU B 214 -17.32 -7.59 8.37
N LEU B 215 -17.68 -8.24 7.26
CA LEU B 215 -17.51 -7.60 5.95
C LEU B 215 -18.40 -6.37 5.83
N GLU B 216 -19.67 -6.50 6.20
CA GLU B 216 -20.56 -5.35 6.16
C GLU B 216 -20.09 -4.25 7.12
N ALA B 217 -19.53 -4.64 8.27
CA ALA B 217 -18.97 -3.66 9.19
C ALA B 217 -17.85 -2.88 8.54
N ARG B 218 -16.76 -3.56 8.17
CA ARG B 218 -15.64 -2.90 7.50
C ARG B 218 -16.02 -2.28 6.17
N ALA B 219 -17.26 -2.49 5.70
CA ALA B 219 -17.68 -1.89 4.44
C ALA B 219 -18.00 -0.40 4.60
N ARG B 220 -18.82 -0.04 5.59
CA ARG B 220 -19.33 1.34 5.64
C ARG B 220 -19.46 1.80 7.10
N ASN B 221 -18.43 2.49 7.57
CA ASN B 221 -18.51 3.39 8.73
C ASN B 221 -19.03 2.69 9.99
N ILE B 222 -18.45 1.53 10.29
CA ILE B 222 -18.73 0.83 11.55
C ILE B 222 -17.65 -0.23 11.74
N CYS B 223 -17.19 -0.40 12.97
CA CYS B 223 -16.17 -1.38 13.28
C CYS B 223 -16.66 -2.36 14.34
N VAL B 224 -15.75 -3.24 14.76
CA VAL B 224 -16.07 -4.30 15.71
C VAL B 224 -15.05 -4.25 16.85
N ALA B 225 -15.52 -4.50 18.07
CA ALA B 225 -14.64 -4.47 19.23
C ALA B 225 -13.78 -5.73 19.30
N THR B 226 -14.41 -6.89 19.43
CA THR B 226 -13.70 -8.16 19.53
C THR B 226 -14.42 -9.21 18.70
N SER B 227 -13.75 -10.34 18.49
CA SER B 227 -14.29 -11.45 17.71
C SER B 227 -13.95 -12.75 18.44
N GLU B 228 -14.90 -13.26 19.22
CA GLU B 228 -14.72 -14.47 19.99
C GLU B 228 -15.54 -15.61 19.40
N LYS B 229 -15.13 -16.84 19.73
CA LYS B 229 -15.80 -18.04 19.27
C LYS B 229 -16.01 -18.99 20.44
N VAL B 230 -17.14 -19.69 20.42
CA VAL B 230 -17.51 -20.63 21.47
C VAL B 230 -17.62 -22.01 20.84
N GLY B 231 -17.01 -23.00 21.50
CA GLY B 231 -17.03 -24.36 20.99
C GLY B 231 -18.40 -25.02 21.12
N ARG B 232 -18.41 -26.32 20.85
CA ARG B 232 -19.66 -27.07 20.87
C ARG B 232 -20.13 -27.32 22.30
N ALA B 233 -19.32 -28.04 23.08
CA ALA B 233 -19.69 -28.39 24.45
C ALA B 233 -18.43 -28.72 25.23
N MET B 234 -18.24 -28.06 26.37
CA MET B 234 -17.09 -28.32 27.24
C MET B 234 -17.46 -27.92 28.65
N SER B 235 -16.46 -27.87 29.53
CA SER B 235 -16.69 -27.44 30.89
C SER B 235 -17.03 -25.96 30.95
N ARG B 236 -17.58 -25.53 32.08
CA ARG B 236 -17.98 -24.14 32.27
C ARG B 236 -16.79 -23.20 32.44
N ALA B 237 -15.57 -23.73 32.58
CA ALA B 237 -14.40 -22.88 32.74
C ALA B 237 -14.13 -22.07 31.48
N ALA B 238 -14.26 -22.70 30.31
CA ALA B 238 -14.06 -21.98 29.06
C ALA B 238 -15.13 -20.91 28.87
N PHE B 239 -16.38 -21.20 29.26
CA PHE B 239 -17.44 -20.20 29.17
C PHE B 239 -17.17 -19.03 30.09
N GLU B 240 -16.73 -19.30 31.32
CA GLU B 240 -16.39 -18.23 32.25
C GLU B 240 -15.24 -17.40 31.69
N GLY B 241 -14.23 -18.04 31.12
CA GLY B 241 -13.11 -17.30 30.56
C GLY B 241 -13.52 -16.42 29.39
N VAL B 242 -14.36 -16.95 28.49
CA VAL B 242 -14.74 -16.16 27.32
C VAL B 242 -15.67 -15.03 27.72
N VAL B 243 -16.53 -15.25 28.72
CA VAL B 243 -17.42 -14.16 29.14
C VAL B 243 -16.64 -13.11 29.91
N ARG B 244 -15.58 -13.51 30.61
CA ARG B 244 -14.72 -12.53 31.27
C ARG B 244 -13.94 -11.71 30.25
N ALA B 245 -13.44 -12.37 29.21
CA ALA B 245 -12.78 -11.64 28.13
C ALA B 245 -13.74 -10.70 27.42
N LEU B 246 -15.02 -11.09 27.34
CA LEU B 246 -16.03 -10.22 26.74
C LEU B 246 -16.29 -9.00 27.60
N LEU B 247 -16.51 -9.19 28.90
CA LEU B 247 -16.81 -8.08 29.80
C LEU B 247 -15.55 -7.32 30.24
N GLN B 248 -14.37 -7.73 29.77
CA GLN B 248 -13.14 -7.02 30.15
C GLN B 248 -13.17 -5.57 29.69
N LYS B 249 -13.67 -5.33 28.50
CA LYS B 249 -13.77 -3.96 27.99
C LYS B 249 -14.90 -3.24 28.70
N PRO B 250 -14.64 -2.13 29.40
CA PRO B 250 -15.73 -1.44 30.12
C PRO B 250 -16.73 -0.78 29.20
N SER B 251 -16.29 -0.28 28.04
CA SER B 251 -17.18 0.39 27.10
C SER B 251 -17.91 -0.59 26.18
N ALA B 252 -17.70 -1.89 26.34
CA ALA B 252 -18.35 -2.90 25.52
C ALA B 252 -19.49 -3.50 26.31
N ARG B 253 -20.73 -3.09 26.00
CA ARG B 253 -21.92 -3.63 26.64
C ARG B 253 -22.97 -4.07 25.63
N VAL B 254 -22.66 -4.06 24.34
CA VAL B 254 -23.57 -4.51 23.30
C VAL B 254 -22.86 -5.58 22.47
N ALA B 255 -23.58 -6.67 22.20
CA ALA B 255 -22.99 -7.83 21.55
C ALA B 255 -24.01 -8.47 20.61
N VAL B 256 -23.51 -9.00 19.51
CA VAL B 256 -24.30 -9.79 18.58
C VAL B 256 -23.93 -11.26 18.77
N LEU B 257 -24.90 -12.15 18.53
CA LEU B 257 -24.72 -13.57 18.74
C LEU B 257 -25.29 -14.34 17.56
N PHE B 258 -24.51 -15.28 17.03
CA PHE B 258 -24.92 -16.13 15.92
C PHE B 258 -24.79 -17.60 16.30
N THR B 259 -25.16 -17.94 17.53
CA THR B 259 -25.01 -19.29 18.05
C THR B 259 -26.35 -20.02 18.00
N ARG B 260 -26.34 -21.26 18.50
CA ARG B 260 -27.53 -22.10 18.51
C ARG B 260 -28.40 -21.78 19.72
N SER B 261 -29.45 -22.58 19.91
CA SER B 261 -30.36 -22.36 21.01
C SER B 261 -29.75 -22.79 22.35
N GLU B 262 -29.17 -24.00 22.38
CA GLU B 262 -28.59 -24.50 23.62
C GLU B 262 -27.39 -23.67 24.04
N ASP B 263 -26.58 -23.23 23.08
CA ASP B 263 -25.43 -22.39 23.40
C ASP B 263 -25.89 -21.05 23.97
N ALA B 264 -26.92 -20.46 23.38
CA ALA B 264 -27.43 -19.20 23.89
C ALA B 264 -28.02 -19.36 25.29
N ARG B 265 -28.73 -20.46 25.53
CA ARG B 265 -29.28 -20.72 26.86
C ARG B 265 -28.16 -20.88 27.89
N GLU B 266 -27.12 -21.63 27.54
CA GLU B 266 -26.00 -21.82 28.47
C GLU B 266 -25.27 -20.50 28.71
N LEU B 267 -25.16 -19.66 27.69
CA LEU B 267 -24.49 -18.37 27.86
C LEU B 267 -25.31 -17.46 28.76
N LEU B 268 -26.64 -17.45 28.58
CA LEU B 268 -27.49 -16.66 29.48
C LEU B 268 -27.43 -17.18 30.90
N ALA B 269 -27.34 -18.50 31.08
CA ALA B 269 -27.19 -19.06 32.42
C ALA B 269 -25.88 -18.63 33.05
N ALA B 270 -24.78 -18.66 32.28
CA ALA B 270 -23.50 -18.23 32.80
C ALA B 270 -23.51 -16.75 33.13
N SER B 271 -24.20 -15.93 32.33
CA SER B 271 -24.30 -14.51 32.61
C SER B 271 -25.10 -14.25 33.88
N GLN B 272 -26.20 -14.98 34.06
CA GLN B 272 -26.98 -14.84 35.28
C GLN B 272 -26.19 -15.29 36.50
N ARG B 273 -25.35 -16.31 36.33
CA ARG B 273 -24.49 -16.73 37.43
C ARG B 273 -23.44 -15.66 37.74
N LEU B 274 -22.91 -15.00 36.72
CA LEU B 274 -21.91 -13.96 36.94
C LEU B 274 -22.53 -12.65 37.38
N ASN B 275 -23.82 -12.45 37.13
CA ASN B 275 -24.56 -11.25 37.53
C ASN B 275 -23.93 -10.00 36.89
N ALA B 276 -24.01 -9.98 35.56
CA ALA B 276 -23.53 -8.85 34.77
C ALA B 276 -24.63 -8.38 33.85
N SER B 277 -24.92 -7.08 33.90
CA SER B 277 -25.97 -6.50 33.05
C SER B 277 -25.42 -6.20 31.67
N PHE B 278 -26.14 -6.66 30.64
CA PHE B 278 -25.70 -6.48 29.27
C PHE B 278 -26.92 -6.27 28.38
N THR B 279 -26.67 -5.69 27.20
CA THR B 279 -27.68 -5.51 26.16
C THR B 279 -27.27 -6.37 24.97
N TRP B 280 -27.93 -7.51 24.80
CA TRP B 280 -27.52 -8.51 23.82
C TRP B 280 -28.59 -8.68 22.75
N VAL B 281 -28.17 -8.70 21.50
CA VAL B 281 -29.03 -8.99 20.36
C VAL B 281 -28.49 -10.27 19.70
N ALA B 282 -29.39 -11.18 19.36
CA ALA B 282 -29.01 -12.49 18.84
C ALA B 282 -29.62 -12.71 17.47
N SER B 283 -29.17 -13.79 16.83
CA SER B 283 -29.66 -14.19 15.51
C SER B 283 -30.91 -15.06 15.67
N ASP B 284 -31.32 -15.72 14.58
CA ASP B 284 -32.48 -16.59 14.62
C ASP B 284 -32.29 -17.81 15.53
N GLY B 285 -31.08 -18.05 16.02
CA GLY B 285 -30.87 -19.15 16.95
C GLY B 285 -31.67 -18.99 18.22
N TRP B 286 -31.81 -17.74 18.70
CA TRP B 286 -32.64 -17.49 19.86
C TRP B 286 -34.11 -17.68 19.55
N GLY B 287 -34.65 -16.89 18.61
CA GLY B 287 -36.02 -17.01 18.20
C GLY B 287 -36.99 -16.71 19.32
N ALA B 288 -38.21 -17.23 19.18
CA ALA B 288 -39.26 -17.06 20.18
C ALA B 288 -39.35 -18.22 21.14
N LEU B 289 -38.31 -19.05 21.23
CA LEU B 289 -38.33 -20.20 22.13
C LEU B 289 -38.31 -19.73 23.58
N GLU B 290 -39.03 -20.45 24.44
CA GLU B 290 -39.09 -20.12 25.86
C GLU B 290 -38.21 -21.01 26.72
N SER B 291 -37.77 -22.16 26.21
CA SER B 291 -36.92 -23.05 26.98
C SER B 291 -35.49 -22.52 27.10
N VAL B 292 -35.09 -21.61 26.21
CA VAL B 292 -33.74 -21.07 26.26
C VAL B 292 -33.58 -20.01 27.35
N VAL B 293 -34.68 -19.44 27.85
CA VAL B 293 -34.64 -18.42 28.89
C VAL B 293 -35.16 -18.96 30.21
N ALA B 294 -35.35 -20.26 30.33
CA ALA B 294 -35.83 -20.86 31.58
C ALA B 294 -34.74 -20.77 32.64
N GLY B 295 -35.08 -20.17 33.77
CA GLY B 295 -34.13 -19.98 34.86
C GLY B 295 -33.19 -18.81 34.69
N SER B 296 -33.31 -18.05 33.61
CA SER B 296 -32.46 -16.89 33.35
C SER B 296 -33.29 -15.71 32.88
N GLU B 297 -34.44 -15.50 33.53
CA GLU B 297 -35.32 -14.39 33.12
C GLU B 297 -34.72 -13.05 33.50
N GLY B 298 -34.04 -12.97 34.64
CA GLY B 298 -33.46 -11.71 35.08
C GLY B 298 -32.06 -11.47 34.55
N ALA B 299 -31.80 -11.93 33.33
CA ALA B 299 -30.50 -11.73 32.70
C ALA B 299 -30.57 -11.23 31.26
N ALA B 300 -31.69 -11.43 30.57
CA ALA B 300 -31.84 -11.00 29.19
C ALA B 300 -32.65 -9.71 29.07
N GLU B 301 -32.51 -8.81 30.03
CA GLU B 301 -33.25 -7.56 30.00
C GLU B 301 -32.76 -6.68 28.85
N GLY B 302 -33.71 -6.08 28.13
CA GLY B 302 -33.40 -5.23 27.00
C GLY B 302 -32.71 -5.98 25.87
N ALA B 303 -33.26 -7.13 25.50
CA ALA B 303 -32.70 -7.97 24.46
C ALA B 303 -33.53 -7.87 23.19
N ILE B 304 -32.85 -7.96 22.05
CA ILE B 304 -33.48 -7.92 20.74
C ILE B 304 -33.26 -9.26 20.05
N THR B 305 -34.31 -9.82 19.48
CA THR B 305 -34.27 -11.14 18.86
C THR B 305 -34.79 -11.05 17.43
N ILE B 306 -34.12 -11.74 16.51
CA ILE B 306 -34.53 -11.83 15.12
C ILE B 306 -35.31 -13.12 14.94
N GLU B 307 -36.54 -13.02 14.45
CA GLU B 307 -37.40 -14.17 14.25
C GLU B 307 -37.73 -14.32 12.76
N LEU B 308 -37.81 -15.56 12.30
CA LEU B 308 -38.15 -15.82 10.91
C LEU B 308 -39.62 -15.52 10.65
N ALA B 309 -39.88 -14.75 9.59
CA ALA B 309 -41.25 -14.36 9.26
C ALA B 309 -42.05 -15.57 8.83
N SER B 310 -43.06 -15.94 9.63
CA SER B 310 -43.91 -17.08 9.32
C SER B 310 -45.27 -16.86 9.97
N TYR B 311 -46.32 -16.98 9.17
CA TYR B 311 -47.68 -16.78 9.67
C TYR B 311 -48.46 -18.09 9.62
N PRO B 312 -49.33 -18.33 10.61
CA PRO B 312 -50.13 -19.56 10.60
C PRO B 312 -51.12 -19.59 9.46
N ILE B 313 -51.44 -20.80 9.01
CA ILE B 313 -52.38 -21.02 7.92
C ILE B 313 -53.60 -21.72 8.49
N SER B 314 -54.78 -21.13 8.26
CA SER B 314 -56.01 -21.72 8.76
C SER B 314 -56.46 -22.90 7.90
N ASP B 315 -56.34 -22.76 6.57
CA ASP B 315 -56.77 -23.83 5.69
C ASP B 315 -55.92 -25.09 5.86
N PHE B 316 -54.60 -24.92 5.97
CA PHE B 316 -53.72 -26.07 6.18
C PHE B 316 -54.02 -26.76 7.50
N ALA B 317 -54.29 -25.98 8.55
CA ALA B 317 -54.62 -26.57 9.85
C ALA B 317 -55.94 -27.33 9.77
N SER B 318 -56.95 -26.74 9.12
CA SER B 318 -58.24 -27.40 8.98
C SER B 318 -58.12 -28.68 8.18
N TYR B 319 -57.24 -28.69 7.18
CA TYR B 319 -57.04 -29.91 6.39
C TYR B 319 -56.29 -30.96 7.20
N PHE B 320 -55.32 -30.54 8.02
CA PHE B 320 -54.56 -31.50 8.81
C PHE B 320 -55.39 -32.09 9.94
N GLN B 321 -56.38 -31.34 10.45
CA GLN B 321 -57.22 -31.86 11.52
C GLN B 321 -58.04 -33.05 11.05
N SER B 322 -58.54 -33.01 9.80
CA SER B 322 -59.36 -34.08 9.26
C SER B 322 -58.47 -35.09 8.51
N LEU B 323 -57.69 -35.83 9.29
CA LEU B 323 -56.80 -36.85 8.78
C LEU B 323 -57.03 -38.16 9.52
N ASP B 324 -56.98 -39.26 8.78
CA ASP B 324 -57.19 -40.59 9.35
C ASP B 324 -56.56 -41.61 8.42
N PRO B 325 -56.08 -42.73 8.95
CA PRO B 325 -55.45 -43.76 8.12
C PRO B 325 -56.42 -44.68 7.41
N TRP B 326 -57.71 -44.34 7.34
CA TRP B 326 -58.71 -45.20 6.71
C TRP B 326 -59.01 -44.77 5.28
N ASN B 327 -59.40 -43.51 5.07
CA ASN B 327 -59.70 -43.00 3.75
C ASN B 327 -58.52 -42.29 3.10
N ASN B 328 -57.38 -42.21 3.79
CA ASN B 328 -56.16 -41.58 3.26
C ASN B 328 -55.04 -42.61 3.35
N SER B 329 -54.92 -43.45 2.32
CA SER B 329 -53.90 -44.49 2.26
C SER B 329 -52.76 -44.15 1.33
N ARG B 330 -52.71 -42.91 0.82
CA ARG B 330 -51.64 -42.53 -0.10
C ARG B 330 -50.30 -42.45 0.63
N ASN B 331 -50.26 -41.73 1.73
CA ASN B 331 -49.01 -41.55 2.48
C ASN B 331 -48.63 -42.84 3.19
N PRO B 332 -47.49 -43.45 2.88
CA PRO B 332 -47.10 -44.70 3.55
C PRO B 332 -46.62 -44.46 4.97
N TRP B 333 -45.97 -43.31 5.20
CA TRP B 333 -45.45 -42.98 6.52
C TRP B 333 -46.52 -42.44 7.47
N PHE B 334 -47.76 -42.30 7.01
CA PHE B 334 -48.82 -41.81 7.88
C PHE B 334 -49.11 -42.79 9.00
N ARG B 335 -49.09 -44.09 8.69
CA ARG B 335 -49.29 -45.09 9.73
C ARG B 335 -48.17 -45.06 10.76
N GLU B 336 -46.92 -44.90 10.31
CA GLU B 336 -45.81 -44.80 11.24
C GLU B 336 -45.93 -43.55 12.12
N PHE B 337 -46.34 -42.43 11.53
CA PHE B 337 -46.53 -41.21 12.31
C PHE B 337 -47.65 -41.37 13.33
N TRP B 338 -48.72 -42.05 12.94
CA TRP B 338 -49.83 -42.28 13.88
C TRP B 338 -49.40 -43.20 15.01
N GLU B 339 -48.60 -44.22 14.71
CA GLU B 339 -48.12 -45.12 15.76
C GLU B 339 -47.12 -44.41 16.67
N GLN B 340 -46.38 -43.45 16.12
CA GLN B 340 -45.42 -42.72 16.95
C GLN B 340 -46.11 -41.70 17.85
N ARG B 341 -47.11 -41.00 17.33
CA ARG B 341 -47.82 -40.00 18.13
C ARG B 341 -48.63 -40.65 19.24
N PHE B 342 -49.43 -41.65 18.90
CA PHE B 342 -50.24 -42.37 19.88
C PHE B 342 -49.69 -43.78 20.03
N ARG B 343 -49.42 -44.17 21.28
CA ARG B 343 -48.83 -45.48 21.55
C ARG B 343 -49.86 -46.58 21.33
N CYS B 344 -49.88 -47.15 20.13
CA CYS B 344 -50.83 -48.20 19.79
C CYS B 344 -50.33 -48.90 18.54
N SER B 345 -50.91 -50.06 18.26
CA SER B 345 -50.58 -50.87 17.10
C SER B 345 -51.83 -51.23 16.33
N PHE B 346 -51.73 -51.22 14.99
CA PHE B 346 -52.88 -51.53 14.15
C PHE B 346 -53.25 -53.00 14.16
N ARG B 347 -52.42 -53.86 14.77
CA ARG B 347 -52.75 -55.28 14.81
C ARG B 347 -53.94 -55.54 15.72
N GLN B 348 -54.01 -54.86 16.86
CA GLN B 348 -55.11 -55.04 17.80
C GLN B 348 -56.35 -54.22 17.43
N ARG B 349 -56.24 -53.35 16.42
CA ARG B 349 -57.35 -52.51 15.98
C ARG B 349 -57.89 -51.66 17.12
N ASP B 350 -56.99 -50.96 17.82
CA ASP B 350 -57.36 -50.08 18.91
C ASP B 350 -56.95 -48.63 18.67
N CYS B 351 -56.38 -48.31 17.51
CA CYS B 351 -55.95 -46.96 17.21
C CYS B 351 -57.06 -46.07 16.67
N ALA B 352 -58.23 -46.65 16.33
CA ALA B 352 -59.32 -45.85 15.80
C ALA B 352 -59.99 -44.99 16.85
N ALA B 353 -59.81 -45.31 18.14
CA ALA B 353 -60.41 -44.51 19.19
C ALA B 353 -59.78 -43.14 19.30
N HIS B 354 -58.47 -43.05 19.09
CA HIS B 354 -57.78 -41.78 19.17
C HIS B 354 -58.14 -40.89 17.98
N SER B 355 -58.22 -39.58 18.24
CA SER B 355 -58.55 -38.60 17.20
C SER B 355 -57.55 -37.46 17.26
N LEU B 356 -57.23 -36.91 16.09
CA LEU B 356 -56.28 -35.80 16.02
C LEU B 356 -56.91 -34.47 16.43
N ARG B 357 -58.22 -34.31 16.31
CA ARG B 357 -58.86 -33.05 16.66
C ARG B 357 -58.84 -32.82 18.17
N ALA B 358 -58.80 -33.90 18.97
CA ALA B 358 -58.80 -33.74 20.42
C ALA B 358 -57.49 -33.15 20.90
N VAL B 359 -56.37 -33.71 20.47
CA VAL B 359 -55.05 -33.23 20.87
C VAL B 359 -54.77 -31.90 20.17
N PRO B 360 -54.26 -30.89 20.88
CA PRO B 360 -53.94 -29.62 20.22
C PRO B 360 -52.76 -29.79 19.26
N PHE B 361 -52.80 -29.01 18.19
CA PHE B 361 -51.80 -29.07 17.14
C PHE B 361 -51.15 -27.70 16.96
N GLU B 362 -49.84 -27.69 16.77
CA GLU B 362 -49.07 -26.48 16.53
C GLU B 362 -48.41 -26.58 15.17
N GLN B 363 -48.67 -25.59 14.32
CA GLN B 363 -48.14 -25.61 12.96
C GLN B 363 -46.66 -25.28 12.95
N GLU B 364 -45.92 -25.96 12.08
CA GLU B 364 -44.48 -25.73 11.98
C GLU B 364 -44.22 -24.42 11.24
N SER B 365 -43.13 -23.74 11.65
CA SER B 365 -42.78 -22.47 11.04
C SER B 365 -42.34 -22.62 9.59
N LYS B 366 -41.95 -23.82 9.17
CA LYS B 366 -41.48 -24.05 7.81
C LYS B 366 -42.62 -24.47 6.86
N ILE B 367 -43.85 -24.53 7.35
CA ILE B 367 -44.97 -24.90 6.48
C ILE B 367 -45.20 -23.83 5.43
N MET B 368 -45.19 -22.55 5.85
CA MET B 368 -45.38 -21.47 4.89
C MET B 368 -44.30 -21.46 3.84
N PHE B 369 -43.06 -21.79 4.22
CA PHE B 369 -41.95 -21.74 3.27
C PHE B 369 -42.08 -22.82 2.21
N VAL B 370 -42.42 -24.06 2.61
CA VAL B 370 -42.57 -25.12 1.62
C VAL B 370 -43.80 -24.88 0.76
N VAL B 371 -44.86 -24.30 1.34
CA VAL B 371 -46.03 -23.96 0.55
C VAL B 371 -45.68 -22.92 -0.50
N ASN B 372 -44.91 -21.90 -0.10
CA ASN B 372 -44.50 -20.87 -1.05
C ASN B 372 -43.58 -21.45 -2.12
N ALA B 373 -42.72 -22.40 -1.75
CA ALA B 373 -41.85 -23.04 -2.74
C ALA B 373 -42.67 -23.81 -3.77
N VAL B 374 -43.63 -24.62 -3.31
CA VAL B 374 -44.46 -25.38 -4.23
C VAL B 374 -45.27 -24.45 -5.12
N TYR B 375 -45.80 -23.37 -4.57
CA TYR B 375 -46.62 -22.47 -5.38
C TYR B 375 -45.76 -21.66 -6.35
N ALA B 376 -44.51 -21.35 -5.99
CA ALA B 376 -43.61 -20.71 -6.93
C ALA B 376 -43.24 -21.64 -8.07
N MET B 377 -43.03 -22.93 -7.76
CA MET B 377 -42.80 -23.90 -8.82
C MET B 377 -44.01 -24.02 -9.74
N ALA B 378 -45.22 -24.01 -9.17
CA ALA B 378 -46.43 -24.06 -9.99
C ALA B 378 -46.57 -22.82 -10.86
N HIS B 379 -46.25 -21.64 -10.30
CA HIS B 379 -46.29 -20.41 -11.08
C HIS B 379 -45.28 -20.44 -12.21
N ALA B 380 -44.09 -20.98 -11.95
CA ALA B 380 -43.09 -21.09 -13.01
C ALA B 380 -43.55 -22.06 -14.10
N LEU B 381 -44.16 -23.18 -13.71
CA LEU B 381 -44.71 -24.11 -14.70
C LEU B 381 -45.78 -23.45 -15.55
N HIS B 382 -46.67 -22.68 -14.91
CA HIS B 382 -47.73 -22.01 -15.65
C HIS B 382 -47.15 -20.96 -16.61
N ASN B 383 -46.15 -20.19 -16.15
CA ASN B 383 -45.53 -19.19 -17.01
C ASN B 383 -44.83 -19.84 -18.19
N MET B 384 -44.16 -20.97 -17.95
CA MET B 384 -43.49 -21.68 -19.04
C MET B 384 -44.50 -22.22 -20.05
N HIS B 385 -45.60 -22.79 -19.56
CA HIS B 385 -46.62 -23.32 -20.45
C HIS B 385 -47.29 -22.21 -21.25
N ARG B 386 -47.42 -21.02 -20.65
CA ARG B 386 -48.04 -19.90 -21.35
C ARG B 386 -47.09 -19.30 -22.39
N ALA B 387 -45.81 -19.18 -22.06
CA ALA B 387 -44.84 -18.58 -22.96
C ALA B 387 -44.31 -19.54 -24.01
N LEU B 388 -44.55 -20.84 -23.86
CA LEU B 388 -44.08 -21.83 -24.83
C LEU B 388 -45.15 -22.18 -25.86
N CYS B 389 -46.32 -22.63 -25.40
CA CYS B 389 -47.42 -23.00 -26.29
C CYS B 389 -48.70 -22.33 -25.79
N PRO B 390 -48.93 -21.07 -26.19
CA PRO B 390 -50.15 -20.37 -25.79
C PRO B 390 -51.38 -20.74 -26.60
N ASN B 391 -51.34 -21.81 -27.38
CA ASN B 391 -52.47 -22.17 -28.23
C ASN B 391 -53.66 -22.64 -27.39
N THR B 392 -53.41 -23.47 -26.38
CA THR B 392 -54.49 -24.00 -25.56
C THR B 392 -53.94 -24.30 -24.17
N THR B 393 -54.87 -24.50 -23.22
CA THR B 393 -54.50 -24.80 -21.84
C THR B 393 -54.03 -26.24 -21.66
N ARG B 394 -54.25 -27.11 -22.64
CA ARG B 394 -53.81 -28.49 -22.53
C ARG B 394 -52.29 -28.58 -22.61
N LEU B 395 -51.75 -29.70 -22.15
CA LEU B 395 -50.31 -29.90 -22.15
C LEU B 395 -49.75 -29.90 -23.57
N CYS B 396 -48.66 -29.18 -23.77
CA CYS B 396 -48.05 -29.06 -25.09
C CYS B 396 -47.20 -30.29 -25.39
N ASP B 397 -47.29 -30.79 -26.63
CA ASP B 397 -46.52 -31.94 -27.04
C ASP B 397 -45.06 -31.61 -27.32
N ALA B 398 -44.70 -30.32 -27.35
CA ALA B 398 -43.33 -29.91 -27.60
C ALA B 398 -42.50 -29.74 -26.33
N MET B 399 -43.09 -30.00 -25.16
CA MET B 399 -42.39 -29.86 -23.89
C MET B 399 -42.33 -31.15 -23.09
N ARG B 400 -42.47 -32.30 -23.75
CA ARG B 400 -42.39 -33.58 -23.05
C ARG B 400 -41.02 -33.80 -22.42
N PRO B 401 -39.90 -33.58 -23.11
CA PRO B 401 -38.60 -33.59 -22.41
C PRO B 401 -38.45 -32.32 -21.57
N VAL B 402 -38.35 -32.50 -20.26
CA VAL B 402 -38.30 -31.36 -19.34
C VAL B 402 -36.96 -30.68 -19.51
N ASN B 403 -36.97 -29.44 -20.01
CA ASN B 403 -35.76 -28.64 -20.19
C ASN B 403 -35.59 -27.80 -18.93
N GLY B 404 -34.69 -28.23 -18.05
CA GLY B 404 -34.50 -27.54 -16.78
C GLY B 404 -33.72 -26.24 -16.87
N ARG B 405 -32.85 -26.12 -17.88
CA ARG B 405 -32.03 -24.91 -18.00
C ARG B 405 -32.88 -23.68 -18.25
N ARG B 406 -33.77 -23.75 -19.24
CA ARG B 406 -34.65 -22.62 -19.53
C ARG B 406 -35.63 -22.39 -18.40
N LEU B 407 -36.22 -23.47 -17.87
CA LEU B 407 -37.20 -23.35 -16.80
C LEU B 407 -36.58 -22.71 -15.55
N TYR B 408 -35.28 -22.91 -15.35
CA TYR B 408 -34.60 -22.30 -14.21
C TYR B 408 -34.20 -20.85 -14.51
N LYS B 409 -33.37 -20.66 -15.53
CA LYS B 409 -32.81 -19.33 -15.81
C LYS B 409 -33.77 -18.42 -16.56
N ASP B 410 -35.04 -18.78 -16.67
CA ASP B 410 -35.97 -17.89 -17.35
C ASP B 410 -37.23 -17.62 -16.55
N PHE B 411 -37.65 -18.55 -15.68
CA PHE B 411 -38.92 -18.43 -15.00
C PHE B 411 -38.79 -18.37 -13.48
N VAL B 412 -38.04 -19.29 -12.87
CA VAL B 412 -38.05 -19.39 -11.41
C VAL B 412 -37.28 -18.24 -10.78
N LEU B 413 -36.32 -17.64 -11.51
CA LEU B 413 -35.56 -16.53 -10.94
C LEU B 413 -36.40 -15.27 -10.83
N ASN B 414 -37.19 -14.97 -11.85
CA ASN B 414 -38.01 -13.76 -11.89
C ASN B 414 -39.48 -14.15 -11.75
N VAL B 415 -39.94 -14.22 -10.50
CA VAL B 415 -41.33 -14.50 -10.18
C VAL B 415 -41.91 -13.29 -9.45
N LYS B 416 -43.11 -12.89 -9.85
CA LYS B 416 -43.82 -11.74 -9.25
C LYS B 416 -45.23 -12.19 -8.92
N PHE B 417 -45.44 -12.62 -7.68
CA PHE B 417 -46.75 -13.07 -7.24
C PHE B 417 -46.88 -12.83 -5.74
N ASP B 418 -48.13 -12.73 -5.29
CA ASP B 418 -48.40 -12.52 -3.88
C ASP B 418 -48.31 -13.84 -3.12
N ALA B 419 -48.05 -13.72 -1.82
CA ALA B 419 -47.92 -14.90 -0.99
C ALA B 419 -49.28 -15.57 -0.83
N PRO B 420 -49.33 -16.91 -0.80
CA PRO B 420 -50.61 -17.60 -0.63
C PRO B 420 -51.10 -17.50 0.81
N PHE B 421 -52.43 -17.60 0.96
CA PHE B 421 -53.09 -17.48 2.25
C PHE B 421 -52.70 -16.17 2.93
N ARG B 422 -52.68 -15.10 2.15
CA ARG B 422 -52.17 -13.81 2.60
C ARG B 422 -53.19 -13.12 3.48
N PRO B 423 -52.88 -12.81 4.74
CA PRO B 423 -53.78 -12.00 5.54
C PRO B 423 -53.85 -10.58 5.01
N ALA B 424 -55.01 -9.94 5.21
CA ALA B 424 -55.21 -8.59 4.70
C ALA B 424 -54.33 -7.55 5.42
N ASP B 425 -53.71 -7.92 6.54
CA ASP B 425 -52.89 -6.97 7.28
C ASP B 425 -51.53 -6.78 6.62
N THR B 426 -50.83 -7.88 6.34
CA THR B 426 -49.48 -7.79 5.82
C THR B 426 -49.49 -7.54 4.30
N HIS B 427 -48.37 -7.02 3.81
CA HIS B 427 -48.17 -6.74 2.39
C HIS B 427 -46.76 -7.23 2.03
N ASN B 428 -46.66 -8.50 1.64
CA ASN B 428 -45.39 -9.12 1.29
C ASN B 428 -45.54 -9.89 -0.01
N GLU B 429 -44.39 -10.19 -0.63
CA GLU B 429 -44.35 -10.94 -1.87
C GLU B 429 -43.21 -11.95 -1.80
N VAL B 430 -43.06 -12.73 -2.87
CA VAL B 430 -42.03 -13.75 -2.97
C VAL B 430 -41.18 -13.46 -4.19
N ARG B 431 -39.88 -13.22 -3.97
CA ARG B 431 -38.96 -12.93 -5.06
C ARG B 431 -37.64 -13.63 -4.80
N PHE B 432 -36.82 -13.71 -5.84
CA PHE B 432 -35.49 -14.30 -5.75
C PHE B 432 -34.47 -13.36 -6.36
N ASP B 433 -33.30 -13.28 -5.73
CA ASP B 433 -32.23 -12.41 -6.20
C ASP B 433 -31.46 -13.09 -7.33
N ARG B 434 -30.32 -12.53 -7.72
CA ARG B 434 -29.53 -13.11 -8.79
C ARG B 434 -28.94 -14.45 -8.40
N PHE B 435 -28.67 -14.65 -7.10
CA PHE B 435 -28.12 -15.90 -6.61
C PHE B 435 -29.20 -16.94 -6.31
N GLY B 436 -30.45 -16.66 -6.65
CA GLY B 436 -31.52 -17.61 -6.39
C GLY B 436 -31.86 -17.78 -4.92
N ASP B 437 -31.74 -16.71 -4.14
CA ASP B 437 -32.04 -16.73 -2.71
C ASP B 437 -33.28 -15.90 -2.44
N GLY B 438 -34.08 -16.33 -1.47
CA GLY B 438 -35.28 -15.60 -1.11
C GLY B 438 -34.96 -14.28 -0.44
N ILE B 439 -35.93 -13.36 -0.50
CA ILE B 439 -35.76 -12.05 0.10
C ILE B 439 -35.72 -12.18 1.62
N GLY B 440 -34.97 -11.29 2.26
CA GLY B 440 -34.83 -11.33 3.71
C GLY B 440 -35.93 -10.61 4.44
N ARG B 441 -36.84 -11.36 5.07
CA ARG B 441 -37.93 -10.80 5.84
C ARG B 441 -37.88 -11.39 7.25
N TYR B 442 -37.67 -10.53 8.24
CA TYR B 442 -37.57 -10.95 9.63
C TYR B 442 -38.48 -10.09 10.50
N ASN B 443 -38.71 -10.57 11.72
CA ASN B 443 -39.46 -9.84 12.73
C ASN B 443 -38.56 -9.55 13.92
N ILE B 444 -38.79 -8.41 14.56
CA ILE B 444 -37.99 -7.97 15.71
C ILE B 444 -38.80 -8.22 16.98
N PHE B 445 -38.25 -9.01 17.89
CA PHE B 445 -38.86 -9.29 19.18
C PHE B 445 -38.08 -8.60 20.27
N THR B 446 -38.77 -7.92 21.17
CA THR B 446 -38.15 -7.18 22.26
C THR B 446 -38.55 -7.79 23.60
N TYR B 447 -37.58 -7.92 24.50
CA TYR B 447 -37.81 -8.46 25.84
C TYR B 447 -38.49 -7.38 26.67
N LEU B 448 -39.81 -7.29 26.52
CA LEU B 448 -40.58 -6.26 27.19
C LEU B 448 -40.68 -6.54 28.69
N ARG B 449 -40.41 -5.51 29.48
CA ARG B 449 -40.49 -5.62 30.94
C ARG B 449 -41.84 -5.09 31.43
N ALA B 450 -42.89 -5.78 31.04
CA ALA B 450 -44.24 -5.38 31.42
C ALA B 450 -44.48 -5.64 32.90
N GLY B 451 -45.13 -4.68 33.56
CA GLY B 451 -45.43 -4.78 34.97
C GLY B 451 -46.60 -5.65 35.34
N SER B 452 -47.13 -6.42 34.39
CA SER B 452 -48.27 -7.30 34.64
C SER B 452 -47.85 -8.70 35.08
N GLY B 453 -46.57 -8.93 35.33
CA GLY B 453 -46.11 -10.23 35.78
C GLY B 453 -44.88 -10.73 35.05
N ARG B 454 -45.01 -11.88 34.37
CA ARG B 454 -43.88 -12.47 33.67
C ARG B 454 -43.51 -11.63 32.44
N TYR B 455 -42.33 -11.90 31.91
CA TYR B 455 -41.79 -11.20 30.76
C TYR B 455 -41.84 -12.10 29.54
N ARG B 456 -42.28 -11.55 28.40
CA ARG B 456 -42.37 -12.31 27.17
C ARG B 456 -42.00 -11.41 26.00
N TYR B 457 -41.72 -12.03 24.86
CA TYR B 457 -41.33 -11.29 23.67
C TYR B 457 -42.50 -10.50 23.11
N GLN B 458 -42.18 -9.39 22.44
CA GLN B 458 -43.18 -8.51 21.85
C GLN B 458 -42.74 -8.11 20.45
N LYS B 459 -43.65 -8.25 19.48
CA LYS B 459 -43.36 -7.88 18.11
C LYS B 459 -43.37 -6.36 17.98
N VAL B 460 -42.26 -5.79 17.48
CA VAL B 460 -42.14 -4.35 17.37
C VAL B 460 -41.92 -3.87 15.95
N GLY B 461 -41.46 -4.72 15.03
CA GLY B 461 -41.24 -4.28 13.66
C GLY B 461 -40.86 -5.43 12.77
N TYR B 462 -40.85 -5.14 11.47
CA TYR B 462 -40.50 -6.11 10.44
C TYR B 462 -39.43 -5.52 9.53
N TRP B 463 -38.68 -6.41 8.89
CA TRP B 463 -37.59 -6.02 7.98
C TRP B 463 -37.68 -6.88 6.73
N ALA B 464 -38.13 -6.28 5.63
CA ALA B 464 -38.17 -6.95 4.33
C ALA B 464 -37.21 -6.31 3.35
N GLU B 465 -37.34 -5.01 3.12
CA GLU B 465 -36.38 -4.26 2.31
C GLU B 465 -35.85 -3.02 3.00
N GLY B 466 -36.60 -2.40 3.90
CA GLY B 466 -36.11 -1.28 4.68
C GLY B 466 -36.51 -1.43 6.13
N LEU B 467 -35.63 -0.96 7.01
CA LEU B 467 -35.85 -1.09 8.45
C LEU B 467 -36.93 -0.09 8.89
N THR B 468 -38.10 -0.61 9.25
CA THR B 468 -39.22 0.21 9.70
C THR B 468 -39.69 -0.33 11.06
N LEU B 469 -39.20 0.30 12.13
CA LEU B 469 -39.60 -0.07 13.48
C LEU B 469 -39.87 1.20 14.28
N ASP B 470 -40.65 1.04 15.35
CA ASP B 470 -41.02 2.14 16.23
C ASP B 470 -40.51 1.86 17.63
N THR B 471 -40.28 2.94 18.38
CA THR B 471 -39.82 2.84 19.76
C THR B 471 -40.96 2.93 20.77
N SER B 472 -42.22 2.86 20.31
CA SER B 472 -43.36 2.95 21.22
C SER B 472 -43.49 1.72 22.09
N LEU B 473 -42.91 0.58 21.69
CA LEU B 473 -42.99 -0.65 22.46
C LEU B 473 -41.66 -1.03 23.10
N ILE B 474 -40.60 -0.28 22.83
CA ILE B 474 -39.28 -0.56 23.41
C ILE B 474 -39.25 -0.10 24.86
N PRO B 475 -38.91 -0.97 25.81
CA PRO B 475 -38.91 -0.55 27.22
C PRO B 475 -37.87 0.51 27.55
N TRP B 476 -36.71 0.47 26.89
CA TRP B 476 -35.65 1.42 27.16
C TRP B 476 -35.63 2.60 26.21
N ALA B 477 -36.67 2.76 25.39
CA ALA B 477 -36.76 3.88 24.47
C ALA B 477 -38.13 4.55 24.43
N SER B 478 -39.12 4.03 25.16
CA SER B 478 -40.44 4.65 25.12
C SER B 478 -40.51 5.92 25.96
N PRO B 479 -40.14 5.94 27.25
CA PRO B 479 -40.26 7.18 28.02
C PRO B 479 -39.09 8.14 27.81
N SER B 480 -37.92 7.65 27.40
CA SER B 480 -36.73 8.47 27.21
C SER B 480 -36.38 9.22 28.49
N ALA B 481 -36.58 8.57 29.63
CA ALA B 481 -36.27 9.21 30.91
C ALA B 481 -34.76 9.37 31.09
N GLY B 482 -33.98 8.36 30.70
CA GLY B 482 -32.55 8.43 30.80
C GLY B 482 -31.89 8.43 29.43
N PRO B 483 -30.56 8.45 29.41
CA PRO B 483 -29.84 8.44 28.13
C PRO B 483 -30.01 7.11 27.42
N LEU B 484 -29.98 7.17 26.09
CA LEU B 484 -30.12 5.96 25.29
C LEU B 484 -28.90 5.07 25.48
N PRO B 485 -29.10 3.78 25.82
CA PRO B 485 -27.94 2.90 25.99
C PRO B 485 -27.20 2.65 24.69
N ALA B 486 -25.98 3.18 24.59
CA ALA B 486 -25.18 3.04 23.38
C ALA B 486 -23.71 2.97 23.77
N SER B 487 -22.93 2.26 22.96
CA SER B 487 -21.51 2.10 23.17
C SER B 487 -20.76 2.91 22.13
N ARG B 488 -20.05 3.95 22.58
CA ARG B 488 -19.27 4.81 21.70
C ARG B 488 -17.83 4.87 22.22
N CYS B 489 -16.92 5.28 21.34
CA CYS B 489 -15.49 5.23 21.63
C CYS B 489 -14.85 6.61 21.71
N SER B 490 -14.94 7.42 20.65
CA SER B 490 -14.22 8.68 20.60
C SER B 490 -15.04 9.80 19.98
N GLU B 491 -16.35 9.80 20.17
CA GLU B 491 -17.18 10.78 19.50
C GLU B 491 -17.04 12.21 20.05
N PRO B 492 -17.00 12.45 21.39
CA PRO B 492 -17.09 13.84 21.86
C PRO B 492 -15.79 14.60 21.77
N CYS B 493 -15.66 15.47 20.77
CA CYS B 493 -14.63 16.50 20.65
C CYS B 493 -14.87 17.24 19.35
N LEU B 494 -14.25 18.41 19.23
CA LEU B 494 -14.41 19.25 18.04
C LEU B 494 -13.04 19.60 17.47
N GLN B 495 -13.00 20.52 16.50
CA GLN B 495 -11.75 20.92 15.89
C GLN B 495 -11.04 21.97 16.75
N ASN B 496 -10.88 21.67 18.02
CA ASN B 496 -10.15 22.49 18.97
C ASN B 496 -9.10 21.70 19.74
N GLU B 497 -9.39 20.44 20.07
CA GLU B 497 -8.45 19.53 20.73
C GLU B 497 -8.35 18.31 19.81
N VAL B 498 -7.34 18.32 18.94
CA VAL B 498 -7.30 17.41 17.79
C VAL B 498 -6.54 16.11 18.08
N LYS B 499 -5.75 16.06 19.17
CA LYS B 499 -4.85 14.93 19.38
C LYS B 499 -5.63 13.62 19.44
N SER B 500 -5.02 12.55 18.95
CA SER B 500 -5.63 11.23 18.94
C SER B 500 -4.59 10.19 19.32
N VAL B 501 -4.93 9.32 20.28
CA VAL B 501 -4.06 8.24 20.70
C VAL B 501 -4.81 6.92 20.58
N GLN B 502 -4.12 5.90 20.08
CA GLN B 502 -4.72 4.58 19.88
C GLN B 502 -3.84 3.51 20.52
N PRO B 503 -4.24 2.99 21.69
CA PRO B 503 -3.41 1.96 22.35
C PRO B 503 -3.38 0.64 21.59
N GLY B 504 -4.54 0.09 21.27
CA GLY B 504 -4.61 -1.18 20.59
C GLY B 504 -5.74 -1.31 19.59
N GLU B 505 -6.43 -0.21 19.31
CA GLU B 505 -7.58 -0.20 18.41
C GLU B 505 -7.28 0.64 17.20
N VAL B 506 -7.78 0.21 16.04
CA VAL B 506 -7.51 0.87 14.77
C VAL B 506 -8.72 1.66 14.27
N CYS B 507 -9.92 1.10 14.42
CA CYS B 507 -11.11 1.76 13.91
C CYS B 507 -11.40 3.07 14.66
N CYS B 508 -11.59 2.98 15.97
CA CYS B 508 -11.80 4.15 16.79
C CYS B 508 -10.48 4.51 17.48
N TRP B 509 -10.53 5.56 18.30
CA TRP B 509 -9.32 6.08 18.93
C TRP B 509 -9.70 6.69 20.27
N LEU B 510 -8.79 7.50 20.84
CA LEU B 510 -9.05 8.28 22.03
C LEU B 510 -8.73 9.73 21.71
N CYS B 511 -9.73 10.59 21.80
CA CYS B 511 -9.60 12.01 21.46
C CYS B 511 -9.05 12.76 22.66
N ILE B 512 -7.81 13.21 22.56
CA ILE B 512 -7.10 13.86 23.65
C ILE B 512 -6.59 15.21 23.16
N PRO B 513 -6.64 16.25 23.99
CA PRO B 513 -6.06 17.54 23.60
C PRO B 513 -4.55 17.46 23.44
N CYS B 514 -4.03 18.32 22.57
CA CYS B 514 -2.61 18.42 22.31
C CYS B 514 -2.05 19.70 22.93
N GLN B 515 -0.78 19.99 22.67
CA GLN B 515 -0.17 21.19 23.20
C GLN B 515 -0.77 22.43 22.53
N PRO B 516 -1.01 23.50 23.28
CA PRO B 516 -1.61 24.70 22.66
C PRO B 516 -0.70 25.36 21.64
N TYR B 517 0.61 25.20 21.74
CA TYR B 517 1.55 25.79 20.81
C TYR B 517 1.80 24.92 19.59
N GLU B 518 1.10 23.79 19.46
CA GLU B 518 1.26 22.90 18.33
C GLU B 518 0.12 23.10 17.34
N TYR B 519 0.46 23.20 16.05
CA TYR B 519 -0.54 23.42 15.03
C TYR B 519 -1.35 22.14 14.79
N ARG B 520 -2.54 22.32 14.23
CA ARG B 520 -3.45 21.22 13.91
C ARG B 520 -3.58 21.11 12.41
N LEU B 521 -3.03 20.04 11.84
CA LEU B 521 -3.10 19.82 10.39
C LEU B 521 -3.53 18.41 10.02
N ASP B 522 -3.68 17.49 10.98
CA ASP B 522 -4.11 16.13 10.70
C ASP B 522 -4.94 15.62 11.87
N GLU B 523 -5.90 14.75 11.55
CA GLU B 523 -6.79 14.18 12.55
C GLU B 523 -6.24 12.93 13.21
N PHE B 524 -5.02 12.53 12.87
CA PHE B 524 -4.40 11.34 13.43
C PHE B 524 -3.19 11.62 14.31
N THR B 525 -2.43 12.67 14.01
CA THR B 525 -1.25 13.03 14.79
C THR B 525 -1.19 14.53 14.97
N CYS B 526 -0.52 14.95 16.03
CA CYS B 526 -0.35 16.37 16.36
C CYS B 526 1.09 16.78 16.07
N ALA B 527 1.24 17.81 15.23
CA ALA B 527 2.56 18.30 14.83
C ALA B 527 2.97 19.46 15.73
N ASP B 528 4.11 19.30 16.40
CA ASP B 528 4.64 20.35 17.27
C ASP B 528 5.66 21.18 16.50
N CYS B 529 5.37 22.47 16.34
CA CYS B 529 6.25 23.37 15.61
C CYS B 529 7.29 23.97 16.55
N GLY B 530 8.02 24.96 16.07
CA GLY B 530 9.07 25.57 16.88
C GLY B 530 8.51 26.40 18.02
N LEU B 531 9.35 26.62 19.03
CA LEU B 531 8.96 27.40 20.19
C LEU B 531 8.97 28.89 19.91
N GLY B 532 9.76 29.36 18.96
CA GLY B 532 9.86 30.76 18.64
C GLY B 532 8.72 31.34 17.84
N TYR B 533 7.68 30.56 17.58
CA TYR B 533 6.53 31.05 16.83
C TYR B 533 5.31 30.22 17.19
N TRP B 534 4.14 30.82 17.01
CA TRP B 534 2.87 30.21 17.37
C TRP B 534 2.04 29.90 16.13
N PRO B 535 1.21 28.86 16.16
CA PRO B 535 0.40 28.52 15.00
C PRO B 535 -0.65 29.60 14.72
N ASN B 536 -1.16 29.57 13.49
CA ASN B 536 -2.17 30.52 13.04
C ASN B 536 -3.55 29.87 13.09
N ALA B 537 -4.57 30.72 13.16
CA ALA B 537 -5.95 30.29 13.23
C ALA B 537 -6.59 30.09 11.85
N SER B 538 -5.83 30.29 10.78
CA SER B 538 -6.34 30.14 9.42
C SER B 538 -6.25 28.70 8.92
N LEU B 539 -5.86 27.76 9.78
CA LEU B 539 -5.76 26.34 9.44
C LEU B 539 -4.81 26.12 8.25
N THR B 540 -3.59 26.63 8.41
CA THR B 540 -2.56 26.50 7.39
C THR B 540 -1.25 25.93 7.90
N GLY B 541 -1.03 25.89 9.21
CA GLY B 541 0.19 25.39 9.78
C GLY B 541 0.64 26.27 10.93
N CYS B 542 1.93 26.20 11.24
CA CYS B 542 2.53 27.00 12.31
C CYS B 542 3.68 27.80 11.74
N PHE B 543 3.55 29.12 11.74
CA PHE B 543 4.55 30.01 11.18
C PHE B 543 4.77 31.16 12.15
N GLU B 544 5.53 32.16 11.71
CA GLU B 544 5.84 33.30 12.57
C GLU B 544 4.60 34.16 12.81
N LEU B 545 4.54 34.77 13.98
CA LEU B 545 3.46 35.65 14.37
C LEU B 545 3.95 37.08 14.50
N PRO B 546 3.22 38.05 13.94
CA PRO B 546 3.71 39.44 13.94
C PRO B 546 3.87 39.99 15.35
N GLN B 547 4.99 40.67 15.59
CA GLN B 547 5.31 41.26 16.88
C GLN B 547 5.21 42.79 16.79
N GLU B 548 5.56 43.44 17.89
CA GLU B 548 5.49 44.89 17.99
C GLU B 548 6.89 45.49 17.90
N TYR B 549 6.99 46.64 17.22
CA TYR B 549 8.28 47.30 17.08
C TYR B 549 8.78 47.84 18.42
N ILE B 550 7.88 48.40 19.22
CA ILE B 550 8.22 48.94 20.53
C ILE B 550 7.66 48.01 21.60
N ARG B 551 8.51 47.61 22.54
CA ARG B 551 8.14 46.69 23.60
C ARG B 551 8.14 47.32 24.97
N TRP B 552 9.07 48.25 25.24
CA TRP B 552 9.14 48.89 26.54
C TRP B 552 7.95 49.81 26.76
N GLY B 553 7.42 49.80 27.99
CA GLY B 553 6.30 50.65 28.30
C GLY B 553 6.70 52.13 28.32
N ASP B 554 5.70 52.99 28.11
CA ASP B 554 5.96 54.43 28.08
C ASP B 554 6.36 54.93 29.46
N ALA B 555 5.70 54.45 30.51
CA ALA B 555 6.01 54.92 31.86
C ALA B 555 7.43 54.52 32.27
N TRP B 556 7.86 53.32 31.90
CA TRP B 556 9.20 52.88 32.27
C TRP B 556 10.26 53.55 31.39
N ALA B 557 9.96 53.75 30.11
CA ALA B 557 10.90 54.39 29.20
C ALA B 557 10.97 55.90 29.38
N VAL B 558 10.02 56.49 30.11
CA VAL B 558 10.06 57.94 30.33
C VAL B 558 11.22 58.32 31.23
N GLY B 559 11.61 57.41 32.13
CA GLY B 559 12.71 57.67 33.04
C GLY B 559 14.03 57.83 32.31
N PRO B 560 14.35 56.88 31.42
CA PRO B 560 15.59 57.02 30.65
C PRO B 560 15.58 58.21 29.71
N VAL B 561 14.43 58.49 29.08
CA VAL B 561 14.33 59.66 28.21
C VAL B 561 14.50 60.94 29.01
N THR B 562 13.90 61.01 30.20
CA THR B 562 14.06 62.18 31.04
C THR B 562 15.50 62.36 31.50
N ILE B 563 16.16 61.25 31.83
CA ILE B 563 17.57 61.32 32.24
C ILE B 563 18.44 61.80 31.10
N ALA B 564 18.19 61.29 29.88
CA ALA B 564 18.95 61.75 28.71
C ALA B 564 18.71 63.22 28.43
N CYS B 565 17.45 63.67 28.56
CA CYS B 565 17.15 65.08 28.35
C CYS B 565 17.83 65.96 29.38
N LEU B 566 17.84 65.53 30.64
CA LEU B 566 18.51 66.30 31.68
C LEU B 566 20.02 66.35 31.44
N GLY B 567 20.61 65.23 31.02
CA GLY B 567 22.03 65.24 30.70
C GLY B 567 22.36 66.15 29.53
N ALA B 568 21.51 66.12 28.50
CA ALA B 568 21.73 67.00 27.35
C ALA B 568 21.59 68.47 27.74
N LEU B 569 20.61 68.78 28.59
CA LEU B 569 20.45 70.16 29.05
C LEU B 569 21.64 70.60 29.88
N ALA B 570 22.16 69.72 30.74
CA ALA B 570 23.34 70.07 31.54
C ALA B 570 24.56 70.29 30.65
N THR B 571 24.74 69.43 29.64
CA THR B 571 25.86 69.61 28.72
C THR B 571 25.72 70.90 27.94
N LEU B 572 24.51 71.25 27.49
CA LEU B 572 24.30 72.49 26.77
C LEU B 572 24.57 73.69 27.65
N PHE B 573 24.15 73.63 28.91
CA PHE B 573 24.40 74.73 29.84
C PHE B 573 25.90 74.88 30.10
N VAL B 574 26.61 73.76 30.25
CA VAL B 574 28.06 73.83 30.46
C VAL B 574 28.74 74.43 29.24
N LEU B 575 28.31 74.02 28.03
CA LEU B 575 28.91 74.56 26.82
C LEU B 575 28.63 76.05 26.68
N GLY B 576 27.42 76.48 27.01
CA GLY B 576 27.10 77.90 26.96
C GLY B 576 27.89 78.72 27.97
N VAL B 577 28.09 78.17 29.17
CA VAL B 577 28.88 78.86 30.18
C VAL B 577 30.33 78.95 29.75
N PHE B 578 30.84 77.90 29.10
CA PHE B 578 32.22 77.93 28.61
C PHE B 578 32.38 78.92 27.46
N VAL B 579 31.37 79.01 26.59
CA VAL B 579 31.45 79.93 25.46
C VAL B 579 31.35 81.38 25.94
N ARG B 580 30.44 81.65 26.88
CA ARG B 580 30.30 83.01 27.39
C ARG B 580 31.54 83.44 28.16
N HIS B 581 32.03 82.58 29.06
CA HIS B 581 33.24 82.87 29.83
C HIS B 581 34.48 82.35 29.14
N ASN B 582 34.68 82.75 27.88
CA ASN B 582 35.83 82.31 27.11
C ASN B 582 37.10 83.08 27.47
N ALA B 583 36.98 84.23 28.14
CA ALA B 583 38.13 85.04 28.52
C ALA B 583 38.49 84.85 29.99
N THR B 584 37.97 83.82 30.64
CA THR B 584 38.29 83.59 32.04
C THR B 584 39.73 83.10 32.18
N PRO B 585 40.43 83.48 33.25
CA PRO B 585 41.81 83.01 33.42
C PRO B 585 41.93 81.51 33.61
N VAL B 586 40.89 80.87 34.16
CA VAL B 586 40.95 79.43 34.39
C VAL B 586 40.82 78.68 33.08
N VAL B 587 39.90 79.12 32.21
CA VAL B 587 39.70 78.43 30.93
C VAL B 587 40.78 78.79 29.92
N LYS B 588 41.45 79.93 30.09
CA LYS B 588 42.52 80.31 29.16
C LYS B 588 43.69 79.35 29.26
N ALA B 589 44.15 79.07 30.47
CA ALA B 589 45.23 78.12 30.69
C ALA B 589 44.69 76.71 30.94
N SER B 590 43.85 76.24 30.04
CA SER B 590 43.23 74.93 30.16
C SER B 590 42.77 74.48 28.77
N GLY B 591 42.20 73.28 28.72
CA GLY B 591 41.74 72.72 27.46
C GLY B 591 40.35 73.18 27.05
N ARG B 592 40.25 74.41 26.54
CA ARG B 592 38.99 74.90 26.03
C ARG B 592 38.48 74.02 24.89
N GLU B 593 39.35 73.72 23.92
CA GLU B 593 39.00 72.75 22.89
C GLU B 593 38.74 71.38 23.49
N LEU B 594 39.52 71.01 24.50
CA LEU B 594 39.26 69.76 25.20
C LEU B 594 37.92 69.80 25.94
N CYS B 595 37.54 70.95 26.47
CA CYS B 595 36.23 71.07 27.11
C CYS B 595 35.12 70.93 26.10
N TYR B 596 35.28 71.52 24.91
CA TYR B 596 34.29 71.36 23.85
C TYR B 596 34.19 69.91 23.40
N ILE B 597 35.33 69.22 23.32
CA ILE B 597 35.34 67.81 22.94
C ILE B 597 34.62 66.98 24.01
N LEU B 598 34.85 67.29 25.29
CA LEU B 598 34.17 66.59 26.36
C LEU B 598 32.67 66.83 26.32
N LEU B 599 32.26 68.07 26.02
CA LEU B 599 30.83 68.37 25.90
C LEU B 599 30.21 67.61 24.72
N GLY B 600 30.93 67.55 23.60
CA GLY B 600 30.44 66.76 22.48
C GLY B 600 30.32 65.28 22.79
N GLY B 601 31.28 64.76 23.56
CA GLY B 601 31.21 63.37 23.97
C GLY B 601 30.06 63.11 24.92
N VAL B 602 29.78 64.06 25.81
CA VAL B 602 28.62 63.93 26.70
C VAL B 602 27.33 63.95 25.89
N PHE B 603 27.25 64.83 24.89
CA PHE B 603 26.08 64.84 24.01
C PHE B 603 25.93 63.52 23.27
N LEU B 604 27.06 62.96 22.80
CA LEU B 604 27.02 61.71 22.07
C LEU B 604 26.58 60.55 22.97
N CYS B 605 27.07 60.51 24.21
CA CYS B 605 26.68 59.43 25.11
C CYS B 605 25.22 59.57 25.51
N TYR B 606 24.74 60.81 25.68
CA TYR B 606 23.31 61.01 25.95
C TYR B 606 22.46 60.54 24.78
N CYS B 607 22.89 60.87 23.55
CA CYS B 607 22.15 60.43 22.37
C CYS B 607 22.15 58.90 22.26
N MET B 608 23.28 58.28 22.59
CA MET B 608 23.35 56.81 22.53
C MET B 608 22.45 56.18 23.57
N THR B 609 22.42 56.75 24.79
CA THR B 609 21.53 56.23 25.82
C THR B 609 20.07 56.41 25.43
N PHE B 610 19.76 57.50 24.73
CA PHE B 610 18.39 57.73 24.28
C PHE B 610 18.01 56.76 23.16
N ILE B 611 18.95 56.47 22.26
CA ILE B 611 18.66 55.59 21.14
C ILE B 611 18.69 54.12 21.53
N PHE B 612 19.32 53.77 22.66
CA PHE B 612 19.37 52.39 23.10
C PHE B 612 18.00 51.84 23.49
N ILE B 613 16.97 52.68 23.56
CA ILE B 613 15.63 52.24 23.93
C ILE B 613 14.71 52.34 22.73
N ALA B 614 15.27 52.24 21.53
CA ALA B 614 14.50 52.31 20.30
C ALA B 614 13.99 50.92 19.93
N LYS B 615 13.48 50.77 18.71
CA LYS B 615 12.98 49.48 18.26
C LYS B 615 14.12 48.51 18.07
N PRO B 616 14.09 47.33 18.69
CA PRO B 616 15.22 46.41 18.58
C PRO B 616 15.29 45.75 17.22
N SER B 617 16.51 45.66 16.70
CA SER B 617 16.79 45.04 15.41
C SER B 617 18.30 44.84 15.32
N THR B 618 18.73 44.25 14.19
CA THR B 618 20.16 44.02 13.98
C THR B 618 20.95 45.33 14.01
N ALA B 619 20.58 46.25 13.12
CA ALA B 619 21.24 47.56 13.09
C ALA B 619 21.10 48.28 14.43
N VAL B 620 19.95 48.09 15.09
CA VAL B 620 19.76 48.69 16.41
C VAL B 620 20.78 48.14 17.39
N CYS B 621 20.97 46.82 17.40
CA CYS B 621 21.96 46.21 18.27
C CYS B 621 23.37 46.73 17.99
N THR B 622 23.76 46.73 16.72
CA THR B 622 25.11 47.18 16.37
C THR B 622 25.33 48.64 16.75
N LEU B 623 24.38 49.51 16.43
CA LEU B 623 24.52 50.92 16.77
C LEU B 623 24.53 51.13 18.28
N ARG B 624 23.73 50.36 19.02
CA ARG B 624 23.69 50.51 20.48
C ARG B 624 25.01 50.11 21.11
N ARG B 625 25.55 48.95 20.72
CA ARG B 625 26.82 48.53 21.31
C ARG B 625 27.97 49.42 20.88
N LEU B 626 27.96 49.87 19.61
CA LEU B 626 28.99 50.78 19.15
C LEU B 626 28.92 52.12 19.88
N GLY B 627 27.71 52.60 20.15
CA GLY B 627 27.57 53.85 20.89
C GLY B 627 28.00 53.71 22.33
N LEU B 628 27.70 52.57 22.96
CA LEU B 628 28.17 52.34 24.31
C LEU B 628 29.69 52.31 24.37
N GLY B 629 30.32 51.56 23.46
CA GLY B 629 31.77 51.52 23.44
C GLY B 629 32.39 52.88 23.15
N THR B 630 31.79 53.63 22.21
CA THR B 630 32.31 54.95 21.88
C THR B 630 32.15 55.91 23.04
N ALA B 631 31.05 55.81 23.79
CA ALA B 631 30.86 56.67 24.95
C ALA B 631 31.88 56.35 26.03
N PHE B 632 32.13 55.06 26.27
CA PHE B 632 33.16 54.69 27.24
C PHE B 632 34.52 55.22 26.82
N SER B 633 34.89 55.01 25.55
CA SER B 633 36.19 55.48 25.07
C SER B 633 36.28 57.00 25.13
N VAL B 634 35.17 57.69 24.85
CA VAL B 634 35.19 59.16 24.83
C VAL B 634 35.34 59.71 26.23
N CYS B 635 34.64 59.11 27.20
CA CYS B 635 34.78 59.57 28.58
C CYS B 635 36.19 59.29 29.11
N TYR B 636 36.75 58.11 28.76
CA TYR B 636 38.12 57.81 29.16
C TYR B 636 39.10 58.80 28.55
N SER B 637 38.95 59.11 27.26
CA SER B 637 39.85 60.04 26.60
C SER B 637 39.70 61.45 27.15
N ALA B 638 38.47 61.85 27.50
CA ALA B 638 38.26 63.17 28.07
C ALA B 638 38.91 63.28 29.45
N LEU B 639 38.77 62.24 30.26
CA LEU B 639 39.45 62.24 31.57
C LEU B 639 40.96 62.28 31.40
N LEU B 640 41.49 61.49 30.47
CA LEU B 640 42.93 61.48 30.23
C LEU B 640 43.43 62.83 29.75
N THR B 641 42.66 63.50 28.89
CA THR B 641 43.06 64.82 28.40
C THR B 641 42.99 65.87 29.51
N LYS B 642 41.93 65.83 30.32
CA LYS B 642 41.84 66.76 31.44
C LYS B 642 42.97 66.56 32.43
N THR B 643 43.44 65.31 32.56
CA THR B 643 44.56 65.06 33.46
C THR B 643 45.90 65.40 32.82
N TYR B 644 45.96 65.39 31.49
CA TYR B 644 47.22 65.59 30.77
C TYR B 644 47.34 66.96 30.12
N ARG B 645 46.32 67.37 29.36
CA ARG B 645 46.40 68.62 28.61
C ARG B 645 46.45 69.85 29.52
N ILE B 646 46.10 69.70 30.80
CA ILE B 646 46.16 70.83 31.72
C ILE B 646 47.61 71.23 31.95
N ALA B 647 48.51 70.26 31.99
CA ALA B 647 49.93 70.54 32.19
C ALA B 647 50.67 70.57 30.86
N ILE B 663 53.90 66.46 25.75
CA ILE B 663 52.86 67.04 26.60
C ILE B 663 52.54 68.46 26.13
N SER B 664 52.74 68.72 24.85
CA SER B 664 52.47 70.03 24.30
C SER B 664 50.97 70.26 24.18
N PRO B 665 50.55 71.50 23.91
CA PRO B 665 49.11 71.78 23.81
C PRO B 665 48.47 71.17 22.57
N ALA B 666 49.26 70.84 21.55
CA ALA B 666 48.73 70.26 20.32
C ALA B 666 48.93 68.75 20.23
N SER B 667 49.77 68.17 21.10
CA SER B 667 50.02 66.73 21.07
C SER B 667 49.07 65.95 21.98
N GLN B 668 48.59 66.58 23.06
CA GLN B 668 47.68 65.87 23.97
C GLN B 668 46.37 65.52 23.29
N VAL B 669 45.75 66.51 22.63
CA VAL B 669 44.51 66.23 21.90
C VAL B 669 44.75 65.24 20.78
N ALA B 670 45.94 65.31 20.15
CA ALA B 670 46.25 64.39 19.06
C ALA B 670 46.31 62.95 19.56
N ILE B 671 47.04 62.71 20.66
CA ILE B 671 47.14 61.34 21.17
C ILE B 671 45.80 60.89 21.76
N CYS B 672 45.00 61.82 22.30
CA CYS B 672 43.69 61.44 22.80
C CYS B 672 42.78 60.99 21.66
N LEU B 673 42.77 61.73 20.55
CA LEU B 673 41.96 61.32 19.40
C LEU B 673 42.49 60.03 18.81
N ALA B 674 43.82 59.84 18.82
CA ALA B 674 44.39 58.60 18.30
C ALA B 674 43.95 57.41 19.13
N LEU B 675 43.99 57.54 20.46
CA LEU B 675 43.56 56.45 21.33
C LEU B 675 42.06 56.19 21.19
N ILE B 676 41.27 57.26 21.03
CA ILE B 676 39.83 57.09 20.84
C ILE B 676 39.55 56.34 19.55
N SER B 677 40.23 56.71 18.46
CA SER B 677 40.04 56.03 17.19
C SER B 677 40.49 54.58 17.26
N GLY B 678 41.60 54.32 17.96
CA GLY B 678 42.05 52.94 18.12
C GLY B 678 41.06 52.10 18.89
N GLN B 679 40.52 52.63 19.98
CA GLN B 679 39.52 51.90 20.75
C GLN B 679 38.25 51.68 19.93
N LEU B 680 37.86 52.67 19.12
CA LEU B 680 36.67 52.52 18.29
C LEU B 680 36.88 51.43 17.24
N LEU B 681 38.06 51.42 16.61
CA LEU B 681 38.35 50.35 15.65
C LEU B 681 38.37 48.98 16.33
N ILE B 682 38.93 48.91 17.53
CA ILE B 682 38.98 47.64 18.25
C ILE B 682 37.57 47.13 18.53
N VAL B 683 36.71 48.00 19.05
CA VAL B 683 35.36 47.56 19.41
C VAL B 683 34.53 47.25 18.16
N VAL B 684 34.74 47.99 17.07
CA VAL B 684 33.96 47.72 15.87
C VAL B 684 34.41 46.42 15.23
N ALA B 685 35.71 46.11 15.29
CA ALA B 685 36.18 44.81 14.82
C ALA B 685 35.62 43.69 15.69
N TRP B 686 35.63 43.88 17.01
CA TRP B 686 35.11 42.86 17.91
C TRP B 686 33.62 42.61 17.69
N LEU B 687 32.88 43.67 17.33
CA LEU B 687 31.45 43.50 17.10
C LEU B 687 31.13 43.00 15.69
N VAL B 688 32.05 43.19 14.73
CA VAL B 688 31.78 42.72 13.37
C VAL B 688 32.26 41.28 13.17
N VAL B 689 33.24 40.81 13.95
CA VAL B 689 33.71 39.45 13.78
C VAL B 689 32.68 38.43 14.28
N GLU B 690 31.72 38.87 15.08
CA GLU B 690 30.70 37.96 15.61
C GLU B 690 29.56 37.83 14.61
N ALA B 691 28.47 37.20 15.03
CA ALA B 691 27.29 37.00 14.19
C ALA B 691 26.07 37.58 14.90
N PRO B 692 25.85 38.89 14.78
CA PRO B 692 24.71 39.54 15.46
C PRO B 692 23.38 39.31 14.73
N GLY B 693 22.76 38.17 15.03
CA GLY B 693 21.48 37.83 14.43
C GLY B 693 20.34 38.66 14.99
N THR B 694 19.14 38.35 14.51
CA THR B 694 17.92 39.04 14.93
C THR B 694 16.85 38.04 15.34
N GLY B 695 17.25 37.01 16.07
CA GLY B 695 16.30 36.01 16.52
C GLY B 695 15.47 36.48 17.70
N LYS B 696 14.31 35.86 17.85
CA LYS B 696 13.38 36.16 18.94
C LYS B 696 13.31 34.96 19.87
N GLU B 697 13.58 35.19 21.16
CA GLU B 697 13.57 34.14 22.17
C GLU B 697 12.62 34.53 23.29
N THR B 698 11.79 33.59 23.72
CA THR B 698 10.84 33.79 24.80
C THR B 698 11.25 32.92 25.98
N ALA B 699 11.24 33.52 27.18
CA ALA B 699 11.62 32.77 28.38
C ALA B 699 10.63 31.67 28.73
N PRO B 700 9.32 31.90 28.78
CA PRO B 700 8.41 30.79 29.09
C PRO B 700 8.35 29.78 27.95
N GLU B 701 7.90 28.57 28.29
CA GLU B 701 7.85 27.50 27.30
C GLU B 701 6.75 27.75 26.26
N ARG B 702 5.58 28.17 26.71
CA ARG B 702 4.43 28.40 25.83
C ARG B 702 4.01 29.86 25.96
N ARG B 703 4.66 30.72 25.16
CA ARG B 703 4.34 32.14 25.12
C ARG B 703 4.73 32.69 23.77
N GLU B 704 4.17 33.85 23.43
CA GLU B 704 4.49 34.49 22.16
C GLU B 704 5.89 35.09 22.21
N VAL B 705 6.67 34.83 21.17
CA VAL B 705 8.05 35.30 21.12
C VAL B 705 8.09 36.69 20.52
N VAL B 706 8.72 37.63 21.23
CA VAL B 706 8.87 39.00 20.78
C VAL B 706 10.34 39.39 20.91
N THR B 707 10.76 40.33 20.07
CA THR B 707 12.16 40.76 20.09
C THR B 707 12.43 41.61 21.34
N LEU B 708 13.06 40.98 22.34
CA LEU B 708 13.39 41.65 23.58
C LEU B 708 14.89 41.70 23.83
N ARG B 709 15.58 40.56 23.68
CA ARG B 709 17.03 40.50 23.84
C ARG B 709 17.67 40.17 22.49
N CYS B 710 18.87 40.71 22.28
CA CYS B 710 19.53 40.57 21.01
C CYS B 710 20.28 39.23 20.92
N ASN B 711 20.71 38.89 19.71
CA ASN B 711 21.47 37.66 19.50
C ASN B 711 22.93 37.80 19.91
N HIS B 712 23.40 39.01 20.17
CA HIS B 712 24.78 39.24 20.60
C HIS B 712 24.89 38.84 22.07
N ARG B 713 24.93 37.54 22.32
CA ARG B 713 24.99 37.00 23.66
C ARG B 713 26.44 37.00 24.16
N ASP B 714 26.68 36.30 25.26
CA ASP B 714 28.01 36.23 25.87
C ASP B 714 29.04 35.66 24.90
N ALA B 715 30.01 36.48 24.51
CA ALA B 715 31.07 36.07 23.59
C ALA B 715 32.34 36.82 23.95
N SER B 716 33.33 36.74 23.07
CA SER B 716 34.61 37.40 23.31
C SER B 716 34.56 38.89 23.04
N MET B 717 33.55 39.38 22.31
CA MET B 717 33.47 40.80 22.01
C MET B 717 33.24 41.63 23.27
N LEU B 718 32.26 41.26 24.08
CA LEU B 718 32.02 41.98 25.32
C LEU B 718 33.17 41.79 26.30
N GLY B 719 33.84 40.64 26.27
CA GLY B 719 35.01 40.46 27.10
C GLY B 719 36.14 41.40 26.74
N SER B 720 36.41 41.54 25.44
CA SER B 720 37.43 42.49 25.00
C SER B 720 37.04 43.92 25.31
N LEU B 721 35.74 44.24 25.18
CA LEU B 721 35.28 45.58 25.53
C LEU B 721 35.47 45.87 27.00
N ALA B 722 35.14 44.91 27.86
CA ALA B 722 35.35 45.09 29.30
C ALA B 722 36.83 45.20 29.63
N TYR B 723 37.67 44.43 28.94
CA TYR B 723 39.12 44.53 29.16
C TYR B 723 39.65 45.90 28.78
N ASN B 724 39.17 46.44 27.64
CA ASN B 724 39.59 47.77 27.24
C ASN B 724 39.09 48.83 28.22
N VAL B 725 37.86 48.68 28.72
CA VAL B 725 37.34 49.62 29.71
C VAL B 725 38.15 49.56 30.99
N LEU B 726 38.54 48.35 31.41
CA LEU B 726 39.36 48.21 32.61
C LEU B 726 40.75 48.80 32.42
N LEU B 727 41.32 48.64 31.23
CA LEU B 727 42.63 49.24 30.95
C LEU B 727 42.53 50.77 30.96
N ILE B 728 41.46 51.32 30.40
CA ILE B 728 41.27 52.77 30.42
C ILE B 728 41.09 53.27 31.84
N ALA B 729 40.33 52.52 32.66
CA ALA B 729 40.16 52.91 34.06
C ALA B 729 41.47 52.84 34.83
N LEU B 730 42.30 51.84 34.54
CA LEU B 730 43.60 51.74 35.20
C LEU B 730 44.51 52.89 34.78
N CYS B 731 44.47 53.27 33.51
CA CYS B 731 45.26 54.42 33.06
C CYS B 731 44.78 55.70 33.73
N THR B 732 43.46 55.87 33.86
CA THR B 732 42.93 57.05 34.53
C THR B 732 43.32 57.07 36.00
N LEU B 733 43.31 55.91 36.66
CA LEU B 733 43.72 55.85 38.06
C LEU B 733 45.21 56.14 38.21
N TYR B 734 46.02 55.67 37.27
CA TYR B 734 47.45 55.99 37.31
C TYR B 734 47.70 57.47 37.10
N ALA B 735 46.92 58.10 36.21
CA ALA B 735 47.02 59.55 36.04
C ALA B 735 46.50 60.29 37.27
N PHE B 736 45.59 59.66 38.03
CA PHE B 736 45.07 60.25 39.25
C PHE B 736 46.06 60.24 40.40
N LYS B 737 47.20 59.57 40.24
CA LYS B 737 48.19 59.49 41.31
C LYS B 737 48.75 60.85 41.70
N THR B 738 48.64 61.84 40.83
CA THR B 738 49.11 63.18 41.16
C THR B 738 48.26 63.79 42.27
N ARG B 739 48.91 64.23 43.34
CA ARG B 739 48.20 64.79 44.48
C ARG B 739 48.78 66.11 44.97
N LYS B 740 49.80 66.65 44.32
CA LYS B 740 50.44 67.90 44.72
C LYS B 740 50.17 69.01 43.70
N CYS B 741 48.99 69.02 43.11
CA CYS B 741 48.63 70.04 42.14
C CYS B 741 48.18 71.31 42.88
N PRO B 742 48.88 72.43 42.76
CA PRO B 742 48.48 73.65 43.47
C PRO B 742 47.57 74.58 42.69
N GLU B 743 47.34 74.31 41.41
CA GLU B 743 46.52 75.16 40.56
C GLU B 743 45.17 74.49 40.33
N ASN B 744 44.09 75.20 40.65
CA ASN B 744 42.72 74.73 40.45
C ASN B 744 42.47 73.41 41.16
N PHE B 745 42.58 73.45 42.49
CA PHE B 745 42.34 72.25 43.28
C PHE B 745 40.86 71.89 43.32
N ASN B 746 39.98 72.86 43.10
CA ASN B 746 38.54 72.58 43.12
C ASN B 746 38.16 71.65 41.97
N GLU B 747 38.58 71.99 40.74
CA GLU B 747 38.29 71.11 39.62
C GLU B 747 39.01 69.78 39.76
N ALA B 748 40.17 69.76 40.41
CA ALA B 748 40.88 68.51 40.62
C ALA B 748 40.09 67.57 41.53
N LYS B 749 39.61 68.09 42.67
CA LYS B 749 38.82 67.25 43.56
C LYS B 749 37.48 66.90 42.94
N PHE B 750 36.92 67.78 42.10
CA PHE B 750 35.68 67.44 41.41
C PHE B 750 35.89 66.28 40.44
N ILE B 751 36.97 66.33 39.66
CA ILE B 751 37.26 65.23 38.74
C ILE B 751 37.56 63.96 39.51
N GLY B 752 38.22 64.07 40.67
CA GLY B 752 38.48 62.90 41.48
C GLY B 752 37.20 62.26 41.99
N PHE B 753 36.27 63.07 42.51
CA PHE B 753 34.99 62.54 42.96
C PHE B 753 34.22 61.95 41.80
N THR B 754 34.29 62.57 40.63
CA THR B 754 33.57 62.06 39.46
C THR B 754 34.11 60.70 39.04
N MET B 755 35.44 60.56 38.96
CA MET B 755 36.01 59.28 38.55
C MET B 755 35.78 58.21 39.61
N TYR B 756 35.79 58.59 40.90
CA TYR B 756 35.48 57.63 41.96
C TYR B 756 34.04 57.15 41.85
N THR B 757 33.09 58.06 41.60
CA THR B 757 31.70 57.67 41.44
C THR B 757 31.52 56.80 40.21
N THR B 758 32.23 57.11 39.12
CA THR B 758 32.13 56.31 37.90
C THR B 758 32.67 54.90 38.13
N CYS B 759 33.80 54.79 38.84
CA CYS B 759 34.35 53.47 39.12
C CYS B 759 33.43 52.67 40.04
N ILE B 760 32.83 53.33 41.03
CA ILE B 760 31.90 52.66 41.92
C ILE B 760 30.68 52.17 41.15
N ILE B 761 30.15 53.01 40.25
CA ILE B 761 28.99 52.62 39.47
C ILE B 761 29.32 51.46 38.55
N TRP B 762 30.51 51.48 37.95
CA TRP B 762 30.92 50.37 37.08
C TRP B 762 31.07 49.08 37.87
N LEU B 763 31.69 49.15 39.05
CA LEU B 763 31.85 47.95 39.87
C LEU B 763 30.51 47.42 40.35
N ALA B 764 29.55 48.31 40.62
CA ALA B 764 28.24 47.85 41.04
C ALA B 764 27.45 47.25 39.88
N PHE B 765 27.62 47.81 38.67
CA PHE B 765 26.87 47.31 37.52
C PHE B 765 27.47 46.02 36.97
N LEU B 766 28.77 45.78 37.20
CA LEU B 766 29.38 44.55 36.72
C LEU B 766 28.75 43.31 37.33
N PRO B 767 28.76 43.11 38.65
CA PRO B 767 28.09 41.93 39.21
C PRO B 767 26.59 41.95 39.03
N ILE B 768 25.97 43.14 39.05
CA ILE B 768 24.52 43.24 38.85
C ILE B 768 24.16 42.70 37.46
N PHE B 769 24.89 43.14 36.44
CA PHE B 769 24.64 42.65 35.08
C PHE B 769 24.97 41.17 34.96
N TYR B 770 26.09 40.74 35.57
CA TYR B 770 26.46 39.33 35.49
C TYR B 770 25.42 38.43 36.14
N VAL B 771 24.68 38.95 37.12
CA VAL B 771 23.66 38.16 37.78
C VAL B 771 22.29 38.29 37.11
N THR B 772 22.01 39.42 36.48
CA THR B 772 20.71 39.68 35.88
C THR B 772 20.69 39.47 34.37
N SER B 773 21.77 38.97 33.79
CA SER B 773 21.77 38.65 32.36
C SER B 773 20.66 37.65 32.01
N SER B 774 20.26 36.81 32.97
CA SER B 774 19.17 35.88 32.72
C SER B 774 17.82 36.57 32.60
N ASP B 775 17.69 37.80 33.11
CA ASP B 775 16.44 38.53 33.03
C ASP B 775 16.18 38.98 31.60
N TYR B 776 14.96 39.48 31.37
CA TYR B 776 14.55 39.92 30.04
C TYR B 776 14.81 41.41 29.83
N ARG B 777 14.21 42.26 30.67
CA ARG B 777 14.33 43.70 30.53
C ARG B 777 14.86 44.42 31.76
N VAL B 778 15.06 43.71 32.88
CA VAL B 778 15.52 44.36 34.09
C VAL B 778 16.99 44.76 33.96
N GLN B 779 17.82 43.86 33.44
CA GLN B 779 19.25 44.13 33.36
C GLN B 779 19.54 45.27 32.39
N THR B 780 18.91 45.27 31.22
CA THR B 780 19.16 46.32 30.23
C THR B 780 18.71 47.68 30.75
N THR B 781 17.51 47.74 31.35
CA THR B 781 17.02 49.01 31.87
C THR B 781 17.90 49.50 33.02
N THR B 782 18.34 48.59 33.89
CA THR B 782 19.21 48.99 34.99
C THR B 782 20.55 49.52 34.47
N MET B 783 21.12 48.86 33.46
CA MET B 783 22.38 49.32 32.90
C MET B 783 22.22 50.67 32.22
N CYS B 784 21.11 50.87 31.50
CA CYS B 784 20.88 52.15 30.86
C CYS B 784 20.70 53.26 31.89
N VAL B 785 19.97 52.98 32.97
CA VAL B 785 19.78 53.98 34.02
C VAL B 785 21.11 54.31 34.69
N SER B 786 21.94 53.29 34.93
CA SER B 786 23.24 53.54 35.55
C SER B 786 24.13 54.36 34.64
N VAL B 787 24.11 54.07 33.33
CA VAL B 787 24.92 54.84 32.38
C VAL B 787 24.45 56.28 32.33
N SER B 788 23.13 56.49 32.32
CA SER B 788 22.60 57.85 32.29
C SER B 788 22.97 58.61 33.57
N LEU B 789 22.89 57.93 34.72
CA LEU B 789 23.25 58.57 35.98
C LEU B 789 24.73 58.92 36.02
N SER B 790 25.59 58.03 35.52
CA SER B 790 27.02 58.32 35.47
C SER B 790 27.31 59.49 34.56
N GLY B 791 26.66 59.53 33.39
CA GLY B 791 26.85 60.65 32.48
C GLY B 791 26.39 61.97 33.08
N SER B 792 25.25 61.95 33.77
CA SER B 792 24.75 63.16 34.42
C SER B 792 25.69 63.62 35.52
N VAL B 793 26.23 62.67 36.30
CA VAL B 793 27.15 63.02 37.37
C VAL B 793 28.43 63.60 36.79
N VAL B 794 28.93 63.04 35.69
CA VAL B 794 30.13 63.56 35.05
C VAL B 794 29.88 64.97 34.51
N LEU B 795 28.72 65.19 33.89
CA LEU B 795 28.38 66.51 33.38
C LEU B 795 28.28 67.52 34.51
N GLY B 796 27.67 67.13 35.62
CA GLY B 796 27.56 68.03 36.76
C GLY B 796 28.92 68.36 37.36
N CYS B 797 29.79 67.36 37.47
CA CYS B 797 31.13 67.61 38.01
C CYS B 797 31.93 68.50 37.08
N LEU B 798 31.74 68.36 35.76
CA LEU B 798 32.43 69.23 34.82
C LEU B 798 31.89 70.65 34.86
N PHE B 799 30.58 70.80 35.04
CA PHE B 799 29.98 72.13 35.05
C PHE B 799 30.22 72.85 36.38
N ALA B 800 30.44 72.11 37.46
CA ALA B 800 30.69 72.75 38.76
C ALA B 800 31.95 73.58 38.74
N PRO B 801 33.06 73.16 38.13
CA PRO B 801 34.25 74.03 38.10
C PRO B 801 34.04 75.31 37.31
N LYS B 802 33.38 75.21 36.15
CA LYS B 802 33.08 76.41 35.37
C LYS B 802 32.14 77.35 36.12
N LEU B 803 31.14 76.79 36.82
CA LEU B 803 30.24 77.62 37.60
C LEU B 803 30.97 78.31 38.74
N TYR B 804 31.87 77.58 39.41
CA TYR B 804 32.64 78.20 40.49
C TYR B 804 33.55 79.29 39.96
N ILE B 805 34.16 79.07 38.79
CA ILE B 805 35.03 80.09 38.20
C ILE B 805 34.23 81.32 37.80
N ILE B 806 33.01 81.11 37.29
CA ILE B 806 32.17 82.24 36.91
C ILE B 806 31.71 83.01 38.14
N LEU B 807 31.43 82.29 39.24
CA LEU B 807 31.01 82.95 40.47
C LEU B 807 32.16 83.73 41.10
N PHE B 808 33.37 83.17 41.05
CA PHE B 808 34.53 83.87 41.60
C PHE B 808 34.94 85.04 40.72
N GLN B 809 34.88 84.87 39.40
CA GLN B 809 35.26 85.93 38.47
C GLN B 809 34.35 85.94 37.25
#